data_6CIW
# 
_entry.id   6CIW 
# 
_audit_conform.dict_name       mmcif_pdbx.dic 
_audit_conform.dict_version    5.398 
_audit_conform.dict_location   http://mmcif.pdb.org/dictionaries/ascii/mmcif_pdbx.dic 
# 
loop_
_database_2.database_id 
_database_2.database_code 
_database_2.pdbx_database_accession 
_database_2.pdbx_DOI 
PDB   6CIW         pdb_00006ciw 10.2210/pdb6ciw/pdb 
WWPDB D_1000232673 ?            ?                   
# 
loop_
_pdbx_audit_revision_history.ordinal 
_pdbx_audit_revision_history.data_content_type 
_pdbx_audit_revision_history.major_revision 
_pdbx_audit_revision_history.minor_revision 
_pdbx_audit_revision_history.revision_date 
1 'Structure model' 1 0 2019-01-02 
2 'Structure model' 1 1 2019-01-09 
3 'Structure model' 1 2 2024-11-06 
# 
_pdbx_audit_revision_details.ordinal             1 
_pdbx_audit_revision_details.revision_ordinal    1 
_pdbx_audit_revision_details.data_content_type   'Structure model' 
_pdbx_audit_revision_details.provider            repository 
_pdbx_audit_revision_details.type                'Initial release' 
_pdbx_audit_revision_details.description         ? 
_pdbx_audit_revision_details.details             ? 
# 
loop_
_pdbx_audit_revision_group.ordinal 
_pdbx_audit_revision_group.revision_ordinal 
_pdbx_audit_revision_group.data_content_type 
_pdbx_audit_revision_group.group 
1 2 'Structure model' 'Data collection'     
2 2 'Structure model' 'Database references' 
3 3 'Structure model' 'Data collection'     
4 3 'Structure model' 'Database references' 
5 3 'Structure model' 'Structure summary'   
# 
loop_
_pdbx_audit_revision_category.ordinal 
_pdbx_audit_revision_category.revision_ordinal 
_pdbx_audit_revision_category.data_content_type 
_pdbx_audit_revision_category.category 
1 2 'Structure model' citation                  
2 3 'Structure model' chem_comp_atom            
3 3 'Structure model' chem_comp_bond            
4 3 'Structure model' database_2                
5 3 'Structure model' pdbx_entry_details        
6 3 'Structure model' pdbx_modification_feature 
# 
loop_
_pdbx_audit_revision_item.ordinal 
_pdbx_audit_revision_item.revision_ordinal 
_pdbx_audit_revision_item.data_content_type 
_pdbx_audit_revision_item.item 
1  2 'Structure model' '_citation.country'                   
2  2 'Structure model' '_citation.journal_abbrev'            
3  2 'Structure model' '_citation.journal_id_CSD'            
4  2 'Structure model' '_citation.journal_id_ISSN'           
5  2 'Structure model' '_citation.journal_volume'            
6  2 'Structure model' '_citation.page_first'                
7  2 'Structure model' '_citation.page_last'                 
8  2 'Structure model' '_citation.pdbx_database_id_DOI'      
9  2 'Structure model' '_citation.year'                      
10 3 'Structure model' '_database_2.pdbx_DOI'                
11 3 'Structure model' '_database_2.pdbx_database_accession' 
# 
_pdbx_database_status.status_code                     REL 
_pdbx_database_status.status_code_sf                  REL 
_pdbx_database_status.status_code_mr                  ? 
_pdbx_database_status.entry_id                        6CIW 
_pdbx_database_status.recvd_initial_deposition_date   2018-02-25 
_pdbx_database_status.SG_entry                        N 
_pdbx_database_status.deposit_site                    RCSB 
_pdbx_database_status.process_site                    RCSB 
_pdbx_database_status.status_code_cs                  ? 
_pdbx_database_status.methods_development_category    ? 
_pdbx_database_status.pdb_format_compatible           Y 
_pdbx_database_status.status_code_nmr_data            ? 
# 
loop_
_audit_author.name 
_audit_author.pdbx_ordinal 
_audit_author.identifier_ORCID 
'Morris, D.M.'  1 0000-0001-5274-0172 
'Ziegler, C.J.' 2 ?                   
# 
_citation.abstract                  ? 
_citation.abstract_id_CAS           ? 
_citation.book_id_ISBN              ? 
_citation.book_publisher            ? 
_citation.book_publisher_city       ? 
_citation.book_title                ? 
_citation.coordinate_linkage        ? 
_citation.country                   UK 
_citation.database_id_Medline       ? 
_citation.details                   ? 
_citation.id                        primary 
_citation.journal_abbrev            'Polym Chem' 
_citation.journal_id_ASTM           ? 
_citation.journal_id_CSD            ? 
_citation.journal_id_ISSN           1759-9954 
_citation.journal_full              ? 
_citation.journal_issue             ? 
_citation.journal_volume            9 
_citation.language                  ? 
_citation.page_first                3705 
_citation.page_last                 3708 
_citation.title                     
;Inhibition of lysozyme's polymerization activity using a polymer structural mimic
;
_citation.year                      2018 
_citation.database_id_CSD           ? 
_citation.pdbx_database_id_DOI      10.1039/C8PY00545A 
_citation.pdbx_database_id_PubMed   ? 
_citation.unpublished_flag          ? 
# 
loop_
_citation_author.citation_id 
_citation_author.name 
_citation_author.ordinal 
_citation_author.identifier_ORCID 
primary 'Morris, D.L.'  1 ? 
primary 'Leeper, T.C.'  2 ? 
primary 'Ziegler, C.J.' 3 ? 
# 
loop_
_entity.id 
_entity.type 
_entity.src_method 
_entity.pdbx_description 
_entity.formula_weight 
_entity.pdbx_number_of_molecules 
_entity.pdbx_ec 
_entity.pdbx_mutation 
_entity.pdbx_fragment 
_entity.details 
1 polymer     man 'Lysozyme C'                        14331.160 1  3.2.1.17 ? ? ? 
2 non-polymer syn "2,2'-(propane-1,3-diyl)dipyridine" 198.264   1  ?        ? ? ? 
3 water       nat water                               18.015    47 ?        ? ? ? 
# 
_entity_name_com.entity_id   1 
_entity_name_com.name        '1,4-beta-N-acetylmuramidase C,Allergen Gal d IV' 
# 
_entity_poly.entity_id                      1 
_entity_poly.type                           'polypeptide(L)' 
_entity_poly.nstd_linkage                   no 
_entity_poly.nstd_monomer                   no 
_entity_poly.pdbx_seq_one_letter_code       
;KVFGRCELAAAMKRHGLDNYRGYSLGNWVCAAKFESNFNTQATNRNTDGSTDYGILQINSRWWCNDGRTPGSRNLCNIPC
SALLSSDITASVNCAKKIVSDGNGMNAWVAWRNRCKGTDVQAWIRGCRL
;
_entity_poly.pdbx_seq_one_letter_code_can   
;KVFGRCELAAAMKRHGLDNYRGYSLGNWVCAAKFESNFNTQATNRNTDGSTDYGILQINSRWWCNDGRTPGSRNLCNIPC
SALLSSDITASVNCAKKIVSDGNGMNAWVAWRNRCKGTDVQAWIRGCRL
;
_entity_poly.pdbx_strand_id                 A 
_entity_poly.pdbx_target_identifier         ? 
# 
loop_
_pdbx_entity_nonpoly.entity_id 
_pdbx_entity_nonpoly.name 
_pdbx_entity_nonpoly.comp_id 
2 "2,2'-(propane-1,3-diyl)dipyridine" F44 
3 water                               HOH 
# 
loop_
_entity_poly_seq.entity_id 
_entity_poly_seq.num 
_entity_poly_seq.mon_id 
_entity_poly_seq.hetero 
1 1   LYS n 
1 2   VAL n 
1 3   PHE n 
1 4   GLY n 
1 5   ARG n 
1 6   CYS n 
1 7   GLU n 
1 8   LEU n 
1 9   ALA n 
1 10  ALA n 
1 11  ALA n 
1 12  MET n 
1 13  LYS n 
1 14  ARG n 
1 15  HIS n 
1 16  GLY n 
1 17  LEU n 
1 18  ASP n 
1 19  ASN n 
1 20  TYR n 
1 21  ARG n 
1 22  GLY n 
1 23  TYR n 
1 24  SER n 
1 25  LEU n 
1 26  GLY n 
1 27  ASN n 
1 28  TRP n 
1 29  VAL n 
1 30  CYS n 
1 31  ALA n 
1 32  ALA n 
1 33  LYS n 
1 34  PHE n 
1 35  GLU n 
1 36  SER n 
1 37  ASN n 
1 38  PHE n 
1 39  ASN n 
1 40  THR n 
1 41  GLN n 
1 42  ALA n 
1 43  THR n 
1 44  ASN n 
1 45  ARG n 
1 46  ASN n 
1 47  THR n 
1 48  ASP n 
1 49  GLY n 
1 50  SER n 
1 51  THR n 
1 52  ASP n 
1 53  TYR n 
1 54  GLY n 
1 55  ILE n 
1 56  LEU n 
1 57  GLN n 
1 58  ILE n 
1 59  ASN n 
1 60  SER n 
1 61  ARG n 
1 62  TRP n 
1 63  TRP n 
1 64  CYS n 
1 65  ASN n 
1 66  ASP n 
1 67  GLY n 
1 68  ARG n 
1 69  THR n 
1 70  PRO n 
1 71  GLY n 
1 72  SER n 
1 73  ARG n 
1 74  ASN n 
1 75  LEU n 
1 76  CYS n 
1 77  ASN n 
1 78  ILE n 
1 79  PRO n 
1 80  CYS n 
1 81  SER n 
1 82  ALA n 
1 83  LEU n 
1 84  LEU n 
1 85  SER n 
1 86  SER n 
1 87  ASP n 
1 88  ILE n 
1 89  THR n 
1 90  ALA n 
1 91  SER n 
1 92  VAL n 
1 93  ASN n 
1 94  CYS n 
1 95  ALA n 
1 96  LYS n 
1 97  LYS n 
1 98  ILE n 
1 99  VAL n 
1 100 SER n 
1 101 ASP n 
1 102 GLY n 
1 103 ASN n 
1 104 GLY n 
1 105 MET n 
1 106 ASN n 
1 107 ALA n 
1 108 TRP n 
1 109 VAL n 
1 110 ALA n 
1 111 TRP n 
1 112 ARG n 
1 113 ASN n 
1 114 ARG n 
1 115 CYS n 
1 116 LYS n 
1 117 GLY n 
1 118 THR n 
1 119 ASP n 
1 120 VAL n 
1 121 GLN n 
1 122 ALA n 
1 123 TRP n 
1 124 ILE n 
1 125 ARG n 
1 126 GLY n 
1 127 CYS n 
1 128 ARG n 
1 129 LEU n 
# 
_entity_src_gen.entity_id                          1 
_entity_src_gen.pdbx_src_id                        1 
_entity_src_gen.pdbx_alt_source_flag               sample 
_entity_src_gen.pdbx_seq_type                      'Biological sequence' 
_entity_src_gen.pdbx_beg_seq_num                   1 
_entity_src_gen.pdbx_end_seq_num                   129 
_entity_src_gen.gene_src_common_name               Chicken 
_entity_src_gen.gene_src_genus                     ? 
_entity_src_gen.pdbx_gene_src_gene                 LYZ 
_entity_src_gen.gene_src_species                   ? 
_entity_src_gen.gene_src_strain                    ? 
_entity_src_gen.gene_src_tissue                    ? 
_entity_src_gen.gene_src_tissue_fraction           ? 
_entity_src_gen.gene_src_details                   ? 
_entity_src_gen.pdbx_gene_src_fragment             ? 
_entity_src_gen.pdbx_gene_src_scientific_name      'Gallus gallus' 
_entity_src_gen.pdbx_gene_src_ncbi_taxonomy_id     9031 
_entity_src_gen.pdbx_gene_src_variant              ? 
_entity_src_gen.pdbx_gene_src_cell_line            ? 
_entity_src_gen.pdbx_gene_src_atcc                 ? 
_entity_src_gen.pdbx_gene_src_organ                ? 
_entity_src_gen.pdbx_gene_src_organelle            ? 
_entity_src_gen.pdbx_gene_src_cell                 ? 
_entity_src_gen.pdbx_gene_src_cellular_location    ? 
_entity_src_gen.host_org_common_name               ? 
_entity_src_gen.pdbx_host_org_scientific_name      'Gallus gallus' 
_entity_src_gen.pdbx_host_org_ncbi_taxonomy_id     9031 
_entity_src_gen.host_org_genus                     ? 
_entity_src_gen.pdbx_host_org_gene                 ? 
_entity_src_gen.pdbx_host_org_organ                ? 
_entity_src_gen.host_org_species                   ? 
_entity_src_gen.pdbx_host_org_tissue               ? 
_entity_src_gen.pdbx_host_org_tissue_fraction      ? 
_entity_src_gen.pdbx_host_org_strain               ? 
_entity_src_gen.pdbx_host_org_variant              ? 
_entity_src_gen.pdbx_host_org_cell_line            ? 
_entity_src_gen.pdbx_host_org_atcc                 ? 
_entity_src_gen.pdbx_host_org_culture_collection   ? 
_entity_src_gen.pdbx_host_org_cell                 ? 
_entity_src_gen.pdbx_host_org_organelle            ? 
_entity_src_gen.pdbx_host_org_cellular_location    ? 
_entity_src_gen.pdbx_host_org_vector_type          ? 
_entity_src_gen.pdbx_host_org_vector               ? 
_entity_src_gen.host_org_details                   ? 
_entity_src_gen.expression_system_id               ? 
_entity_src_gen.plasmid_name                       ? 
_entity_src_gen.plasmid_details                    ? 
_entity_src_gen.pdbx_description                   ? 
# 
loop_
_chem_comp.id 
_chem_comp.type 
_chem_comp.mon_nstd_flag 
_chem_comp.name 
_chem_comp.pdbx_synonyms 
_chem_comp.formula 
_chem_comp.formula_weight 
ALA 'L-peptide linking' y ALANINE                             ? 'C3 H7 N O2'     89.093  
ARG 'L-peptide linking' y ARGININE                            ? 'C6 H15 N4 O2 1' 175.209 
ASN 'L-peptide linking' y ASPARAGINE                          ? 'C4 H8 N2 O3'    132.118 
ASP 'L-peptide linking' y 'ASPARTIC ACID'                     ? 'C4 H7 N O4'     133.103 
CYS 'L-peptide linking' y CYSTEINE                            ? 'C3 H7 N O2 S'   121.158 
F44 non-polymer         . "2,2'-(propane-1,3-diyl)dipyridine" ? 'C13 H14 N2'     198.264 
GLN 'L-peptide linking' y GLUTAMINE                           ? 'C5 H10 N2 O3'   146.144 
GLU 'L-peptide linking' y 'GLUTAMIC ACID'                     ? 'C5 H9 N O4'     147.129 
GLY 'peptide linking'   y GLYCINE                             ? 'C2 H5 N O2'     75.067  
HIS 'L-peptide linking' y HISTIDINE                           ? 'C6 H10 N3 O2 1' 156.162 
HOH non-polymer         . WATER                               ? 'H2 O'           18.015  
ILE 'L-peptide linking' y ISOLEUCINE                          ? 'C6 H13 N O2'    131.173 
LEU 'L-peptide linking' y LEUCINE                             ? 'C6 H13 N O2'    131.173 
LYS 'L-peptide linking' y LYSINE                              ? 'C6 H15 N2 O2 1' 147.195 
MET 'L-peptide linking' y METHIONINE                          ? 'C5 H11 N O2 S'  149.211 
PHE 'L-peptide linking' y PHENYLALANINE                       ? 'C9 H11 N O2'    165.189 
PRO 'L-peptide linking' y PROLINE                             ? 'C5 H9 N O2'     115.130 
SER 'L-peptide linking' y SERINE                              ? 'C3 H7 N O3'     105.093 
THR 'L-peptide linking' y THREONINE                           ? 'C4 H9 N O3'     119.119 
TRP 'L-peptide linking' y TRYPTOPHAN                          ? 'C11 H12 N2 O2'  204.225 
TYR 'L-peptide linking' y TYROSINE                            ? 'C9 H11 N O3'    181.189 
VAL 'L-peptide linking' y VALINE                              ? 'C5 H11 N O2'    117.146 
# 
loop_
_pdbx_poly_seq_scheme.asym_id 
_pdbx_poly_seq_scheme.entity_id 
_pdbx_poly_seq_scheme.seq_id 
_pdbx_poly_seq_scheme.mon_id 
_pdbx_poly_seq_scheme.ndb_seq_num 
_pdbx_poly_seq_scheme.pdb_seq_num 
_pdbx_poly_seq_scheme.auth_seq_num 
_pdbx_poly_seq_scheme.pdb_mon_id 
_pdbx_poly_seq_scheme.auth_mon_id 
_pdbx_poly_seq_scheme.pdb_strand_id 
_pdbx_poly_seq_scheme.pdb_ins_code 
_pdbx_poly_seq_scheme.hetero 
A 1 1   LYS 1   1   1   LYS LYS A . n 
A 1 2   VAL 2   2   2   VAL VAL A . n 
A 1 3   PHE 3   3   3   PHE PHE A . n 
A 1 4   GLY 4   4   4   GLY GLY A . n 
A 1 5   ARG 5   5   5   ARG ARG A . n 
A 1 6   CYS 6   6   6   CYS CYS A . n 
A 1 7   GLU 7   7   7   GLU GLU A . n 
A 1 8   LEU 8   8   8   LEU LEU A . n 
A 1 9   ALA 9   9   9   ALA ALA A . n 
A 1 10  ALA 10  10  10  ALA ALA A . n 
A 1 11  ALA 11  11  11  ALA ALA A . n 
A 1 12  MET 12  12  12  MET MET A . n 
A 1 13  LYS 13  13  13  LYS LYS A . n 
A 1 14  ARG 14  14  14  ARG ARG A . n 
A 1 15  HIS 15  15  15  HIS HIS A . n 
A 1 16  GLY 16  16  16  GLY GLY A . n 
A 1 17  LEU 17  17  17  LEU LEU A . n 
A 1 18  ASP 18  18  18  ASP ASP A . n 
A 1 19  ASN 19  19  19  ASN ASN A . n 
A 1 20  TYR 20  20  20  TYR TYR A . n 
A 1 21  ARG 21  21  21  ARG ARG A . n 
A 1 22  GLY 22  22  22  GLY GLY A . n 
A 1 23  TYR 23  23  23  TYR TYR A . n 
A 1 24  SER 24  24  24  SER SER A . n 
A 1 25  LEU 25  25  25  LEU LEU A . n 
A 1 26  GLY 26  26  26  GLY GLY A . n 
A 1 27  ASN 27  27  27  ASN ASN A . n 
A 1 28  TRP 28  28  28  TRP TRP A . n 
A 1 29  VAL 29  29  29  VAL VAL A . n 
A 1 30  CYS 30  30  30  CYS CYS A . n 
A 1 31  ALA 31  31  31  ALA ALA A . n 
A 1 32  ALA 32  32  32  ALA ALA A . n 
A 1 33  LYS 33  33  33  LYS LYS A . n 
A 1 34  PHE 34  34  34  PHE PHE A . n 
A 1 35  GLU 35  35  35  GLU GLU A . n 
A 1 36  SER 36  36  36  SER SER A . n 
A 1 37  ASN 37  37  37  ASN ASN A . n 
A 1 38  PHE 38  38  38  PHE PHE A . n 
A 1 39  ASN 39  39  39  ASN ASN A . n 
A 1 40  THR 40  40  40  THR THR A . n 
A 1 41  GLN 41  41  41  GLN GLN A . n 
A 1 42  ALA 42  42  42  ALA ALA A . n 
A 1 43  THR 43  43  43  THR THR A . n 
A 1 44  ASN 44  44  44  ASN ASN A . n 
A 1 45  ARG 45  45  45  ARG ARG A . n 
A 1 46  ASN 46  46  46  ASN ASN A . n 
A 1 47  THR 47  47  47  THR THR A . n 
A 1 48  ASP 48  48  48  ASP ASP A . n 
A 1 49  GLY 49  49  49  GLY GLY A . n 
A 1 50  SER 50  50  50  SER SER A . n 
A 1 51  THR 51  51  51  THR THR A . n 
A 1 52  ASP 52  52  52  ASP ASP A . n 
A 1 53  TYR 53  53  53  TYR TYR A . n 
A 1 54  GLY 54  54  54  GLY GLY A . n 
A 1 55  ILE 55  55  55  ILE ILE A . n 
A 1 56  LEU 56  56  56  LEU LEU A . n 
A 1 57  GLN 57  57  57  GLN GLN A . n 
A 1 58  ILE 58  58  58  ILE ILE A . n 
A 1 59  ASN 59  59  59  ASN ASN A . n 
A 1 60  SER 60  60  60  SER SER A . n 
A 1 61  ARG 61  61  61  ARG ARG A . n 
A 1 62  TRP 62  62  62  TRP TRP A . n 
A 1 63  TRP 63  63  63  TRP TRP A . n 
A 1 64  CYS 64  64  64  CYS CYS A . n 
A 1 65  ASN 65  65  65  ASN ASN A . n 
A 1 66  ASP 66  66  66  ASP ASP A . n 
A 1 67  GLY 67  67  67  GLY GLY A . n 
A 1 68  ARG 68  68  68  ARG ARG A . n 
A 1 69  THR 69  69  69  THR THR A . n 
A 1 70  PRO 70  70  70  PRO PRO A . n 
A 1 71  GLY 71  71  71  GLY GLY A . n 
A 1 72  SER 72  72  72  SER SER A . n 
A 1 73  ARG 73  73  73  ARG ARG A . n 
A 1 74  ASN 74  74  74  ASN ASN A . n 
A 1 75  LEU 75  75  75  LEU LEU A . n 
A 1 76  CYS 76  76  76  CYS CYS A . n 
A 1 77  ASN 77  77  77  ASN ASN A . n 
A 1 78  ILE 78  78  78  ILE ILE A . n 
A 1 79  PRO 79  79  79  PRO PRO A . n 
A 1 80  CYS 80  80  80  CYS CYS A . n 
A 1 81  SER 81  81  81  SER SER A . n 
A 1 82  ALA 82  82  82  ALA ALA A . n 
A 1 83  LEU 83  83  83  LEU LEU A . n 
A 1 84  LEU 84  84  84  LEU LEU A . n 
A 1 85  SER 85  85  85  SER SER A . n 
A 1 86  SER 86  86  86  SER SER A . n 
A 1 87  ASP 87  87  87  ASP ASP A . n 
A 1 88  ILE 88  88  88  ILE ILE A . n 
A 1 89  THR 89  89  89  THR THR A . n 
A 1 90  ALA 90  90  90  ALA ALA A . n 
A 1 91  SER 91  91  91  SER SER A . n 
A 1 92  VAL 92  92  92  VAL VAL A . n 
A 1 93  ASN 93  93  93  ASN ASN A . n 
A 1 94  CYS 94  94  94  CYS CYS A . n 
A 1 95  ALA 95  95  95  ALA ALA A . n 
A 1 96  LYS 96  96  96  LYS LYS A . n 
A 1 97  LYS 97  97  97  LYS LYS A . n 
A 1 98  ILE 98  98  98  ILE ILE A . n 
A 1 99  VAL 99  99  99  VAL VAL A . n 
A 1 100 SER 100 100 100 SER SER A . n 
A 1 101 ASP 101 101 101 ASP ASP A . n 
A 1 102 GLY 102 102 102 GLY GLY A . n 
A 1 103 ASN 103 103 103 ASN ASN A . n 
A 1 104 GLY 104 104 104 GLY GLY A . n 
A 1 105 MET 105 105 105 MET MET A . n 
A 1 106 ASN 106 106 106 ASN ASN A . n 
A 1 107 ALA 107 107 107 ALA ALA A . n 
A 1 108 TRP 108 108 108 TRP TRP A . n 
A 1 109 VAL 109 109 109 VAL VAL A . n 
A 1 110 ALA 110 110 110 ALA ALA A . n 
A 1 111 TRP 111 111 111 TRP TRP A . n 
A 1 112 ARG 112 112 112 ARG ARG A . n 
A 1 113 ASN 113 113 113 ASN ASN A . n 
A 1 114 ARG 114 114 114 ARG ARG A . n 
A 1 115 CYS 115 115 115 CYS CYS A . n 
A 1 116 LYS 116 116 116 LYS LYS A . n 
A 1 117 GLY 117 117 117 GLY GLY A . n 
A 1 118 THR 118 118 118 THR THR A . n 
A 1 119 ASP 119 119 119 ASP ASP A . n 
A 1 120 VAL 120 120 120 VAL VAL A . n 
A 1 121 GLN 121 121 121 GLN GLN A . n 
A 1 122 ALA 122 122 122 ALA ALA A . n 
A 1 123 TRP 123 123 123 TRP TRP A . n 
A 1 124 ILE 124 124 124 ILE ILE A . n 
A 1 125 ARG 125 125 125 ARG ARG A . n 
A 1 126 GLY 126 126 126 GLY GLY A . n 
A 1 127 CYS 127 127 127 CYS CYS A . n 
A 1 128 ARG 128 128 128 ARG ARG A . n 
A 1 129 LEU 129 129 129 LEU LEU A . n 
# 
_pdbx_entity_instance_feature.ordinal        1 
_pdbx_entity_instance_feature.comp_id        F44 
_pdbx_entity_instance_feature.asym_id        ? 
_pdbx_entity_instance_feature.seq_num        ? 
_pdbx_entity_instance_feature.auth_comp_id   F44 
_pdbx_entity_instance_feature.auth_asym_id   ? 
_pdbx_entity_instance_feature.auth_seq_num   ? 
_pdbx_entity_instance_feature.feature_type   'SUBJECT OF INVESTIGATION' 
_pdbx_entity_instance_feature.details        ? 
# 
loop_
_pdbx_nonpoly_scheme.asym_id 
_pdbx_nonpoly_scheme.entity_id 
_pdbx_nonpoly_scheme.mon_id 
_pdbx_nonpoly_scheme.ndb_seq_num 
_pdbx_nonpoly_scheme.pdb_seq_num 
_pdbx_nonpoly_scheme.auth_seq_num 
_pdbx_nonpoly_scheme.pdb_mon_id 
_pdbx_nonpoly_scheme.auth_mon_id 
_pdbx_nonpoly_scheme.pdb_strand_id 
_pdbx_nonpoly_scheme.pdb_ins_code 
B 2 F44 1  201 0  F44 XBL A . 
C 3 HOH 1  301 43 HOH HOH A . 
C 3 HOH 2  302 41 HOH HOH A . 
C 3 HOH 3  303 14 HOH HOH A . 
C 3 HOH 4  304 33 HOH HOH A . 
C 3 HOH 5  305 8  HOH HOH A . 
C 3 HOH 6  306 32 HOH HOH A . 
C 3 HOH 7  307 45 HOH HOH A . 
C 3 HOH 8  308 27 HOH HOH A . 
C 3 HOH 9  309 12 HOH HOH A . 
C 3 HOH 10 310 18 HOH HOH A . 
C 3 HOH 11 311 24 HOH HOH A . 
C 3 HOH 12 313 4  HOH HOH A . 
C 3 HOH 13 314 34 HOH HOH A . 
C 3 HOH 14 315 35 HOH HOH A . 
C 3 HOH 15 316 16 HOH HOH A . 
C 3 HOH 16 317 13 HOH HOH A . 
C 3 HOH 17 318 36 HOH HOH A . 
C 3 HOH 18 319 10 HOH HOH A . 
C 3 HOH 19 320 11 HOH HOH A . 
C 3 HOH 20 321 28 HOH HOH A . 
C 3 HOH 21 322 22 HOH HOH A . 
C 3 HOH 22 323 19 HOH HOH A . 
C 3 HOH 23 324 7  HOH HOH A . 
C 3 HOH 24 325 42 HOH HOH A . 
C 3 HOH 25 326 9  HOH HOH A . 
C 3 HOH 26 327 23 HOH HOH A . 
C 3 HOH 27 328 21 HOH HOH A . 
C 3 HOH 28 329 26 HOH HOH A . 
C 3 HOH 29 330 17 HOH HOH A . 
C 3 HOH 30 331 30 HOH HOH A . 
C 3 HOH 31 332 46 HOH HOH A . 
C 3 HOH 32 333 25 HOH HOH A . 
C 3 HOH 33 334 47 HOH HOH A . 
C 3 HOH 34 335 40 HOH HOH A . 
C 3 HOH 35 336 48 HOH HOH A . 
C 3 HOH 36 337 6  HOH HOH A . 
C 3 HOH 37 338 37 HOH HOH A . 
C 3 HOH 38 339 3  HOH HOH A . 
C 3 HOH 39 340 15 HOH HOH A . 
C 3 HOH 40 341 39 HOH HOH A . 
C 3 HOH 41 342 2  HOH HOH A . 
C 3 HOH 42 343 29 HOH HOH A . 
C 3 HOH 43 344 38 HOH HOH A . 
C 3 HOH 44 345 1  HOH HOH A . 
C 3 HOH 45 346 20 HOH HOH A . 
C 3 HOH 46 347 31 HOH HOH A . 
C 3 HOH 47 348 5  HOH HOH A . 
# 
loop_
_software.citation_id 
_software.classification 
_software.compiler_name 
_software.compiler_version 
_software.contact_author 
_software.contact_author_email 
_software.date 
_software.description 
_software.dependencies 
_software.hardware 
_software.language 
_software.location 
_software.mods 
_software.name 
_software.os 
_software.os_version 
_software.type 
_software.version 
_software.pdbx_ordinal 
? 'data scaling'    ? ? ? ? ? ? ? ? ? ? ? SCALEPACK   ? ? ? .        1 
? refinement        ? ? ? ? ? ? ? ? ? ? ? REFMAC      ? ? ? 5.8.0151 2 
? 'data extraction' ? ? ? ? ? ? ? ? ? ? ? PDB_EXTRACT ? ? ? 3.24     3 
? 'data reduction'  ? ? ? ? ? ? ? ? ? ? ? DENZO       ? ? ? .        4 
? phasing           ? ? ? ? ? ? ? ? ? ? ? MOLREP      ? ? ? .        5 
# 
_cell.angle_alpha                  90.000 
_cell.angle_alpha_esd              ? 
_cell.angle_beta                   90.000 
_cell.angle_beta_esd               ? 
_cell.angle_gamma                  90.000 
_cell.angle_gamma_esd              ? 
_cell.entry_id                     6CIW 
_cell.details                      ? 
_cell.formula_units_Z              ? 
_cell.length_a                     76.874 
_cell.length_a_esd                 ? 
_cell.length_b                     76.874 
_cell.length_b_esd                 ? 
_cell.length_c                     37.249 
_cell.length_c_esd                 ? 
_cell.volume                       ? 
_cell.volume_esd                   ? 
_cell.Z_PDB                        8 
_cell.reciprocal_angle_alpha       ? 
_cell.reciprocal_angle_beta        ? 
_cell.reciprocal_angle_gamma       ? 
_cell.reciprocal_angle_alpha_esd   ? 
_cell.reciprocal_angle_beta_esd    ? 
_cell.reciprocal_angle_gamma_esd   ? 
_cell.reciprocal_length_a          ? 
_cell.reciprocal_length_b          ? 
_cell.reciprocal_length_c          ? 
_cell.reciprocal_length_a_esd      ? 
_cell.reciprocal_length_b_esd      ? 
_cell.reciprocal_length_c_esd      ? 
_cell.pdbx_unique_axis             ? 
# 
_symmetry.entry_id                         6CIW 
_symmetry.cell_setting                     ? 
_symmetry.Int_Tables_number                96 
_symmetry.space_group_name_Hall            ? 
_symmetry.space_group_name_H-M             'P 43 21 2' 
_symmetry.pdbx_full_space_group_name_H-M   ? 
# 
_exptl.absorpt_coefficient_mu     ? 
_exptl.absorpt_correction_T_max   ? 
_exptl.absorpt_correction_T_min   ? 
_exptl.absorpt_correction_type    ? 
_exptl.absorpt_process_details    ? 
_exptl.entry_id                   6CIW 
_exptl.crystals_number            1 
_exptl.details                    ? 
_exptl.method                     'X-RAY DIFFRACTION' 
_exptl.method_details             ? 
# 
_exptl_crystal.colour                      ? 
_exptl_crystal.density_diffrn              ? 
_exptl_crystal.density_Matthews            1.92 
_exptl_crystal.density_method              ? 
_exptl_crystal.density_percent_sol         35.94 
_exptl_crystal.description                 ? 
_exptl_crystal.F_000                       ? 
_exptl_crystal.id                          1 
_exptl_crystal.preparation                 ? 
_exptl_crystal.size_max                    ? 
_exptl_crystal.size_mid                    ? 
_exptl_crystal.size_min                    ? 
_exptl_crystal.size_rad                    ? 
_exptl_crystal.colour_lustre               ? 
_exptl_crystal.colour_modifier             ? 
_exptl_crystal.colour_primary              ? 
_exptl_crystal.density_meas                ? 
_exptl_crystal.density_meas_esd            ? 
_exptl_crystal.density_meas_gt             ? 
_exptl_crystal.density_meas_lt             ? 
_exptl_crystal.density_meas_temp           ? 
_exptl_crystal.density_meas_temp_esd       ? 
_exptl_crystal.density_meas_temp_gt        ? 
_exptl_crystal.density_meas_temp_lt        ? 
_exptl_crystal.pdbx_crystal_image_url      ? 
_exptl_crystal.pdbx_crystal_image_format   ? 
_exptl_crystal.pdbx_mosaicity              ? 
_exptl_crystal.pdbx_mosaicity_esd          ? 
# 
_exptl_crystal_grow.apparatus       ? 
_exptl_crystal_grow.atmosphere      ? 
_exptl_crystal_grow.crystal_id      1 
_exptl_crystal_grow.details         ? 
_exptl_crystal_grow.method          'VAPOR DIFFUSION, SITTING DROP' 
_exptl_crystal_grow.method_ref      ? 
_exptl_crystal_grow.pH              ? 
_exptl_crystal_grow.pressure        ? 
_exptl_crystal_grow.pressure_esd    ? 
_exptl_crystal_grow.seeding         ? 
_exptl_crystal_grow.seeding_ref     ? 
_exptl_crystal_grow.temp            298 
_exptl_crystal_grow.temp_details    ? 
_exptl_crystal_grow.temp_esd        ? 
_exptl_crystal_grow.time            ? 
_exptl_crystal_grow.pdbx_details    
;0.1 M sodium acetate pH 5.0
1M NaCl
;
_exptl_crystal_grow.pdbx_pH_range   ? 
# 
_diffrn.ambient_environment    ? 
_diffrn.ambient_temp           100 
_diffrn.ambient_temp_details   ? 
_diffrn.ambient_temp_esd       ? 
_diffrn.crystal_id             1 
_diffrn.crystal_support        ? 
_diffrn.crystal_treatment      ? 
_diffrn.details                ? 
_diffrn.id                     1 
_diffrn.ambient_pressure       ? 
_diffrn.ambient_pressure_esd   ? 
_diffrn.ambient_pressure_gt    ? 
_diffrn.ambient_pressure_lt    ? 
_diffrn.ambient_temp_gt        ? 
_diffrn.ambient_temp_lt        ? 
# 
_diffrn_detector.details                      QUAZAR 
_diffrn_detector.detector                     CCD 
_diffrn_detector.diffrn_id                    1 
_diffrn_detector.type                         'APEX II CCD' 
_diffrn_detector.area_resol_mean              ? 
_diffrn_detector.dtime                        ? 
_diffrn_detector.pdbx_frames_total            ? 
_diffrn_detector.pdbx_collection_time_total   ? 
_diffrn_detector.pdbx_collection_date         2017-11-28 
# 
_diffrn_radiation.collimation                      ? 
_diffrn_radiation.diffrn_id                        1 
_diffrn_radiation.filter_edge                      ? 
_diffrn_radiation.inhomogeneity                    ? 
_diffrn_radiation.monochromator                    ? 
_diffrn_radiation.polarisn_norm                    ? 
_diffrn_radiation.polarisn_ratio                   ? 
_diffrn_radiation.probe                            ? 
_diffrn_radiation.type                             ? 
_diffrn_radiation.xray_symbol                      ? 
_diffrn_radiation.wavelength_id                    1 
_diffrn_radiation.pdbx_monochromatic_or_laue_m_l   M 
_diffrn_radiation.pdbx_wavelength_list             ? 
_diffrn_radiation.pdbx_wavelength                  ? 
_diffrn_radiation.pdbx_diffrn_protocol             'SINGLE WAVELENGTH' 
_diffrn_radiation.pdbx_analyzer                    ? 
_diffrn_radiation.pdbx_scattering_type             x-ray 
# 
_diffrn_radiation_wavelength.id           1 
_diffrn_radiation_wavelength.wavelength   1.4200 
_diffrn_radiation_wavelength.wt           1.0 
# 
_diffrn_source.current                     ? 
_diffrn_source.details                     ? 
_diffrn_source.diffrn_id                   1 
_diffrn_source.power                       ? 
_diffrn_source.size                        ? 
_diffrn_source.source                      'SEALED TUBE' 
_diffrn_source.target                      ? 
_diffrn_source.type                        'BRUKER IMUS MICROFOCUS' 
_diffrn_source.voltage                     ? 
_diffrn_source.take-off_angle              ? 
_diffrn_source.pdbx_wavelength_list        1.4200 
_diffrn_source.pdbx_wavelength             ? 
_diffrn_source.pdbx_synchrotron_beamline   ? 
_diffrn_source.pdbx_synchrotron_site       ? 
# 
_reflns.B_iso_Wilson_estimate            ? 
_reflns.entry_id                         6CIW 
_reflns.data_reduction_details           ? 
_reflns.data_reduction_method            ? 
_reflns.d_resolution_high                1.42 
_reflns.d_resolution_low                 54.36 
_reflns.details                          ? 
_reflns.limit_h_max                      ? 
_reflns.limit_h_min                      ? 
_reflns.limit_k_max                      ? 
_reflns.limit_k_min                      ? 
_reflns.limit_l_max                      ? 
_reflns.limit_l_min                      ? 
_reflns.number_all                       ? 
_reflns.number_obs                       21208 
_reflns.observed_criterion               ? 
_reflns.observed_criterion_F_max         ? 
_reflns.observed_criterion_F_min         ? 
_reflns.observed_criterion_I_max         ? 
_reflns.observed_criterion_I_min         ? 
_reflns.observed_criterion_sigma_F       ? 
_reflns.observed_criterion_sigma_I       ? 
_reflns.percent_possible_obs             99 
_reflns.R_free_details                   ? 
_reflns.Rmerge_F_all                     ? 
_reflns.Rmerge_F_obs                     ? 
_reflns.Friedel_coverage                 ? 
_reflns.number_gt                        ? 
_reflns.threshold_expression             ? 
_reflns.pdbx_redundancy                  1.001 
_reflns.pdbx_Rmerge_I_obs                ? 
_reflns.pdbx_Rmerge_I_all                ? 
_reflns.pdbx_Rsym_value                  ? 
_reflns.pdbx_netI_over_av_sigmaI         ? 
_reflns.pdbx_netI_over_sigmaI            1 
_reflns.pdbx_res_netI_over_av_sigmaI_2   ? 
_reflns.pdbx_res_netI_over_sigmaI_2      ? 
_reflns.pdbx_chi_squared                 ? 
_reflns.pdbx_scaling_rejects             ? 
_reflns.pdbx_d_res_high_opt              ? 
_reflns.pdbx_d_res_low_opt               ? 
_reflns.pdbx_d_res_opt_method            ? 
_reflns.phase_calculation_details        ? 
_reflns.pdbx_Rrim_I_all                  ? 
_reflns.pdbx_Rpim_I_all                  ? 
_reflns.pdbx_d_opt                       ? 
_reflns.pdbx_number_measured_all         ? 
_reflns.pdbx_diffrn_id                   1 
_reflns.pdbx_ordinal                     1 
_reflns.pdbx_CC_half                     ? 
_reflns.pdbx_R_split                     ? 
# 
_reflns_shell.d_res_high                  1.4240 
_reflns_shell.d_res_low                   1.4610 
_reflns_shell.meanI_over_sigI_all         ? 
_reflns_shell.meanI_over_sigI_obs         ? 
_reflns_shell.number_measured_all         ? 
_reflns_shell.number_measured_obs         ? 
_reflns_shell.number_possible             ? 
_reflns_shell.number_unique_all           ? 
_reflns_shell.number_unique_obs           ? 
_reflns_shell.percent_possible_all        ? 
_reflns_shell.percent_possible_obs        ? 
_reflns_shell.Rmerge_F_all                ? 
_reflns_shell.Rmerge_F_obs                ? 
_reflns_shell.Rmerge_I_all                ? 
_reflns_shell.Rmerge_I_obs                ? 
_reflns_shell.meanI_over_sigI_gt          ? 
_reflns_shell.meanI_over_uI_all           ? 
_reflns_shell.meanI_over_uI_gt            ? 
_reflns_shell.number_measured_gt          ? 
_reflns_shell.number_unique_gt            ? 
_reflns_shell.percent_possible_gt         ? 
_reflns_shell.Rmerge_F_gt                 ? 
_reflns_shell.Rmerge_I_gt                 ? 
_reflns_shell.pdbx_redundancy             ? 
_reflns_shell.pdbx_Rsym_value             ? 
_reflns_shell.pdbx_chi_squared            ? 
_reflns_shell.pdbx_netI_over_sigmaI_all   ? 
_reflns_shell.pdbx_netI_over_sigmaI_obs   ? 
_reflns_shell.pdbx_Rrim_I_all             ? 
_reflns_shell.pdbx_Rpim_I_all             ? 
_reflns_shell.pdbx_rejects                ? 
_reflns_shell.pdbx_ordinal                1 
_reflns_shell.pdbx_diffrn_id              1 
_reflns_shell.pdbx_CC_half                ? 
_reflns_shell.pdbx_R_split                ? 
# 
_refine.aniso_B[1][1]                            0.1600 
_refine.aniso_B[1][2]                            -0.0000 
_refine.aniso_B[1][3]                            -0.0000 
_refine.aniso_B[2][2]                            0.1600 
_refine.aniso_B[2][3]                            -0.0000 
_refine.aniso_B[3][3]                            -0.3200 
_refine.B_iso_max                                55.050 
_refine.B_iso_mean                               13.9210 
_refine.B_iso_min                                3.360 
_refine.correlation_coeff_Fo_to_Fc               0.9330 
_refine.correlation_coeff_Fo_to_Fc_free          0.9010 
_refine.details                                  
'HYDROGENS HAVE BEEN ADDED IN THE RIDING POSITIONS U VALUES      : REFINED INDIVIDUALLY' 
_refine.diff_density_max                         ? 
_refine.diff_density_max_esd                     ? 
_refine.diff_density_min                         ? 
_refine.diff_density_min_esd                     ? 
_refine.diff_density_rms                         ? 
_refine.diff_density_rms_esd                     ? 
_refine.entry_id                                 6CIW 
_refine.pdbx_refine_id                           'X-RAY DIFFRACTION' 
_refine.ls_abs_structure_details                 ? 
_refine.ls_abs_structure_Flack                   ? 
_refine.ls_abs_structure_Flack_esd               ? 
_refine.ls_abs_structure_Rogers                  ? 
_refine.ls_abs_structure_Rogers_esd              ? 
_refine.ls_d_res_high                            1.4200 
_refine.ls_d_res_low                             54.3600 
_refine.ls_extinction_coef                       ? 
_refine.ls_extinction_coef_esd                   ? 
_refine.ls_extinction_expression                 ? 
_refine.ls_extinction_method                     ? 
_refine.ls_goodness_of_fit_all                   ? 
_refine.ls_goodness_of_fit_all_esd               ? 
_refine.ls_goodness_of_fit_obs                   ? 
_refine.ls_goodness_of_fit_obs_esd               ? 
_refine.ls_hydrogen_treatment                    ? 
_refine.ls_matrix_type                           ? 
_refine.ls_number_constraints                    ? 
_refine.ls_number_parameters                     ? 
_refine.ls_number_reflns_all                     ? 
_refine.ls_number_reflns_obs                     20133 
_refine.ls_number_reflns_R_free                  1064 
_refine.ls_number_reflns_R_work                  ? 
_refine.ls_number_restraints                     ? 
_refine.ls_percent_reflns_obs                    98.7000 
_refine.ls_percent_reflns_R_free                 5.0000 
_refine.ls_R_factor_all                          ? 
_refine.ls_R_factor_obs                          0.2421 
_refine.ls_R_factor_R_free                       0.2764 
_refine.ls_R_factor_R_free_error                 ? 
_refine.ls_R_factor_R_free_error_details         ? 
_refine.ls_R_factor_R_work                       0.2402 
_refine.ls_R_Fsqd_factor_obs                     ? 
_refine.ls_R_I_factor_obs                        ? 
_refine.ls_redundancy_reflns_all                 ? 
_refine.ls_redundancy_reflns_obs                 ? 
_refine.ls_restrained_S_all                      ? 
_refine.ls_restrained_S_obs                      ? 
_refine.ls_shift_over_esd_max                    ? 
_refine.ls_shift_over_esd_mean                   ? 
_refine.ls_structure_factor_coef                 ? 
_refine.ls_weighting_details                     ? 
_refine.ls_weighting_scheme                      ? 
_refine.ls_wR_factor_all                         ? 
_refine.ls_wR_factor_obs                         ? 
_refine.ls_wR_factor_R_free                      ? 
_refine.ls_wR_factor_R_work                      ? 
_refine.occupancy_max                            ? 
_refine.occupancy_min                            ? 
_refine.solvent_model_details                    ? 
_refine.solvent_model_param_bsol                 ? 
_refine.solvent_model_param_ksol                 ? 
_refine.ls_R_factor_gt                           ? 
_refine.ls_goodness_of_fit_gt                    ? 
_refine.ls_goodness_of_fit_ref                   ? 
_refine.ls_shift_over_su_max                     ? 
_refine.ls_shift_over_su_max_lt                  ? 
_refine.ls_shift_over_su_mean                    ? 
_refine.ls_shift_over_su_mean_lt                 ? 
_refine.pdbx_ls_sigma_I                          ? 
_refine.pdbx_ls_sigma_F                          0.000 
_refine.pdbx_ls_sigma_Fsqd                       ? 
_refine.pdbx_data_cutoff_high_absF               ? 
_refine.pdbx_data_cutoff_high_rms_absF           ? 
_refine.pdbx_data_cutoff_low_absF                ? 
_refine.pdbx_isotropic_thermal_model             ? 
_refine.pdbx_ls_cross_valid_method               THROUGHOUT 
_refine.pdbx_method_to_determine_struct          ? 
_refine.pdbx_starting_model                      ? 
_refine.pdbx_stereochemistry_target_values       ? 
_refine.pdbx_R_Free_selection_details            RANDOM 
_refine.pdbx_stereochem_target_val_spec_case     ? 
_refine.pdbx_overall_ESU_R                       0.0900 
_refine.pdbx_overall_ESU_R_Free                  0.0920 
_refine.pdbx_solvent_vdw_probe_radii             1.2000 
_refine.pdbx_solvent_ion_probe_radii             0.8000 
_refine.pdbx_solvent_shrinkage_radii             0.8000 
_refine.pdbx_real_space_R                        ? 
_refine.pdbx_density_correlation                 ? 
_refine.pdbx_pd_number_of_powder_patterns        ? 
_refine.pdbx_pd_number_of_points                 ? 
_refine.pdbx_pd_meas_number_of_points            ? 
_refine.pdbx_pd_proc_ls_prof_R_factor            ? 
_refine.pdbx_pd_proc_ls_prof_wR_factor           ? 
_refine.pdbx_pd_Marquardt_correlation_coeff      ? 
_refine.pdbx_pd_Fsqrd_R_factor                   ? 
_refine.pdbx_pd_ls_matrix_band_width             ? 
_refine.pdbx_overall_phase_error                 ? 
_refine.pdbx_overall_SU_R_free_Cruickshank_DPI   ? 
_refine.pdbx_overall_SU_R_free_Blow_DPI          ? 
_refine.pdbx_overall_SU_R_Blow_DPI               ? 
_refine.pdbx_TLS_residual_ADP_flag               ? 
_refine.pdbx_diffrn_id                           1 
_refine.overall_SU_B                             2.3590 
_refine.overall_SU_ML                            0.0840 
_refine.overall_SU_R_Cruickshank_DPI             ? 
_refine.overall_SU_R_free                        ? 
_refine.overall_FOM_free_R_set                   ? 
_refine.overall_FOM_work_R_set                   ? 
_refine.pdbx_average_fsc_overall                 ? 
_refine.pdbx_average_fsc_work                    ? 
_refine.pdbx_average_fsc_free                    ? 
# 
_refine_hist.cycle_id                         final 
_refine_hist.pdbx_refine_id                   'X-RAY DIFFRACTION' 
_refine_hist.d_res_high                       1.4200 
_refine_hist.d_res_low                        54.3600 
_refine_hist.pdbx_number_atoms_ligand         15 
_refine_hist.number_atoms_solvent             48 
_refine_hist.number_atoms_total               1064 
_refine_hist.pdbx_number_residues_total       129 
_refine_hist.pdbx_B_iso_mean_ligand           20.85 
_refine_hist.pdbx_B_iso_mean_solvent          15.95 
_refine_hist.pdbx_number_atoms_protein        1001 
_refine_hist.pdbx_number_atoms_nucleic_acid   0 
# 
loop_
_refine_ls_restr.pdbx_refine_id 
_refine_ls_restr.criterion 
_refine_ls_restr.dev_ideal 
_refine_ls_restr.dev_ideal_target 
_refine_ls_restr.number 
_refine_ls_restr.rejects 
_refine_ls_restr.type 
_refine_ls_restr.weight 
_refine_ls_restr.pdbx_restraint_function 
'X-RAY DIFFRACTION' ? 0.020  0.019  1041 ? r_bond_refined_d       ? ? 
'X-RAY DIFFRACTION' ? 0.002  0.020  954  ? r_bond_other_d         ? ? 
'X-RAY DIFFRACTION' ? 2.083  1.918  1408 ? r_angle_refined_deg    ? ? 
'X-RAY DIFFRACTION' ? 1.168  3.000  2171 ? r_angle_other_deg      ? ? 
'X-RAY DIFFRACTION' ? 5.855  5.000  128  ? r_dihedral_angle_1_deg ? ? 
'X-RAY DIFFRACTION' ? 35.431 23.000 50   ? r_dihedral_angle_2_deg ? ? 
'X-RAY DIFFRACTION' ? 12.405 15.000 166  ? r_dihedral_angle_3_deg ? ? 
'X-RAY DIFFRACTION' ? 14.245 15.000 11   ? r_dihedral_angle_4_deg ? ? 
'X-RAY DIFFRACTION' ? 0.133  0.200  144  ? r_chiral_restr         ? ? 
'X-RAY DIFFRACTION' ? 0.011  0.020  1220 ? r_gen_planes_refined   ? ? 
'X-RAY DIFFRACTION' ? 0.002  0.020  279  ? r_gen_planes_other     ? ? 
# 
_refine_ls_shell.pdbx_refine_id                   'X-RAY DIFFRACTION' 
_refine_ls_shell.d_res_high                       1.4240 
_refine_ls_shell.d_res_low                        1.4610 
_refine_ls_shell.number_reflns_all                1302 
_refine_ls_shell.number_reflns_obs                ? 
_refine_ls_shell.number_reflns_R_free             58 
_refine_ls_shell.number_reflns_R_work             1244 
_refine_ls_shell.percent_reflns_obs               84.6000 
_refine_ls_shell.percent_reflns_R_free            ? 
_refine_ls_shell.R_factor_all                     ? 
_refine_ls_shell.R_factor_obs                     ? 
_refine_ls_shell.R_factor_R_free                  0.3950 
_refine_ls_shell.R_factor_R_free_error            0.0000 
_refine_ls_shell.R_factor_R_work                  0.4000 
_refine_ls_shell.redundancy_reflns_all            ? 
_refine_ls_shell.redundancy_reflns_obs            ? 
_refine_ls_shell.wR_factor_all                    ? 
_refine_ls_shell.wR_factor_obs                    ? 
_refine_ls_shell.wR_factor_R_free                 ? 
_refine_ls_shell.wR_factor_R_work                 ? 
_refine_ls_shell.pdbx_total_number_of_bins_used   20 
_refine_ls_shell.pdbx_phase_error                 ? 
_refine_ls_shell.pdbx_fsc_work                    ? 
_refine_ls_shell.pdbx_fsc_free                    ? 
# 
_struct.entry_id                     6CIW 
_struct.title                        'Hen Egg White Lysozyme Cocrystallized with 1,3-Di(2-pyridyl)propane' 
_struct.pdbx_model_details           ? 
_struct.pdbx_formula_weight          ? 
_struct.pdbx_formula_weight_method   ? 
_struct.pdbx_model_type_details      ? 
_struct.pdbx_CASP_flag               N 
# 
_struct_keywords.entry_id        6CIW 
_struct_keywords.text            'Complex, Hydrolase, Polymerization, Inhibitor, Hydrolase-Inhibitor complex' 
_struct_keywords.pdbx_keywords   Hydrolase/Inhibitor 
# 
loop_
_struct_asym.id 
_struct_asym.pdbx_blank_PDB_chainid_flag 
_struct_asym.pdbx_modified 
_struct_asym.entity_id 
_struct_asym.details 
A N N 1 ? 
B N N 2 ? 
C N N 3 ? 
# 
_struct_ref.id                         1 
_struct_ref.db_name                    UNP 
_struct_ref.db_code                    LYSC_CHICK 
_struct_ref.pdbx_db_accession          P00698 
_struct_ref.pdbx_db_isoform            ? 
_struct_ref.entity_id                  1 
_struct_ref.pdbx_seq_one_letter_code   
;KVFGRCELAAAMKRHGLDNYRGYSLGNWVCAAKFESNFNTQATNRNTDGSTDYGILQINSRWWCNDGRTPGSRNLCNIPC
SALLSSDITASVNCAKKIVSDGNGMNAWVAWRNRCKGTDVQAWIRGCRL
;
_struct_ref.pdbx_align_begin           19 
# 
_struct_ref_seq.align_id                      1 
_struct_ref_seq.ref_id                        1 
_struct_ref_seq.pdbx_PDB_id_code              6CIW 
_struct_ref_seq.pdbx_strand_id                A 
_struct_ref_seq.seq_align_beg                 1 
_struct_ref_seq.pdbx_seq_align_beg_ins_code   ? 
_struct_ref_seq.seq_align_end                 129 
_struct_ref_seq.pdbx_seq_align_end_ins_code   ? 
_struct_ref_seq.pdbx_db_accession             P00698 
_struct_ref_seq.db_align_beg                  19 
_struct_ref_seq.pdbx_db_align_beg_ins_code    ? 
_struct_ref_seq.db_align_end                  147 
_struct_ref_seq.pdbx_db_align_end_ins_code    ? 
_struct_ref_seq.pdbx_auth_seq_align_beg       1 
_struct_ref_seq.pdbx_auth_seq_align_end       129 
# 
_pdbx_struct_assembly.id                   1 
_pdbx_struct_assembly.details              author_and_software_defined_assembly 
_pdbx_struct_assembly.method_details       PISA 
_pdbx_struct_assembly.oligomeric_details   monomeric 
_pdbx_struct_assembly.oligomeric_count     1 
# 
loop_
_pdbx_struct_assembly_prop.biol_id 
_pdbx_struct_assembly_prop.type 
_pdbx_struct_assembly_prop.value 
_pdbx_struct_assembly_prop.details 
1 'ABSA (A^2)' 0    ? 
1 MORE         0    ? 
1 'SSA (A^2)'  6570 ? 
# 
_pdbx_struct_assembly_gen.assembly_id       1 
_pdbx_struct_assembly_gen.oper_expression   1 
_pdbx_struct_assembly_gen.asym_id_list      A,B,C 
# 
_pdbx_struct_assembly_auth_evidence.id                     1 
_pdbx_struct_assembly_auth_evidence.assembly_id            1 
_pdbx_struct_assembly_auth_evidence.experimental_support   none 
_pdbx_struct_assembly_auth_evidence.details                ? 
# 
_pdbx_struct_oper_list.id                   1 
_pdbx_struct_oper_list.type                 'identity operation' 
_pdbx_struct_oper_list.name                 1_555 
_pdbx_struct_oper_list.symmetry_operation   x,y,z 
_pdbx_struct_oper_list.matrix[1][1]         1.0000000000 
_pdbx_struct_oper_list.matrix[1][2]         0.0000000000 
_pdbx_struct_oper_list.matrix[1][3]         0.0000000000 
_pdbx_struct_oper_list.vector[1]            0.0000000000 
_pdbx_struct_oper_list.matrix[2][1]         0.0000000000 
_pdbx_struct_oper_list.matrix[2][2]         1.0000000000 
_pdbx_struct_oper_list.matrix[2][3]         0.0000000000 
_pdbx_struct_oper_list.vector[2]            0.0000000000 
_pdbx_struct_oper_list.matrix[3][1]         0.0000000000 
_pdbx_struct_oper_list.matrix[3][2]         0.0000000000 
_pdbx_struct_oper_list.matrix[3][3]         1.0000000000 
_pdbx_struct_oper_list.vector[3]            0.0000000000 
# 
loop_
_struct_conf.conf_type_id 
_struct_conf.id 
_struct_conf.pdbx_PDB_helix_id 
_struct_conf.beg_label_comp_id 
_struct_conf.beg_label_asym_id 
_struct_conf.beg_label_seq_id 
_struct_conf.pdbx_beg_PDB_ins_code 
_struct_conf.end_label_comp_id 
_struct_conf.end_label_asym_id 
_struct_conf.end_label_seq_id 
_struct_conf.pdbx_end_PDB_ins_code 
_struct_conf.beg_auth_comp_id 
_struct_conf.beg_auth_asym_id 
_struct_conf.beg_auth_seq_id 
_struct_conf.end_auth_comp_id 
_struct_conf.end_auth_asym_id 
_struct_conf.end_auth_seq_id 
_struct_conf.pdbx_PDB_helix_class 
_struct_conf.details 
_struct_conf.pdbx_PDB_helix_length 
HELX_P HELX_P1 AA1 GLY A 4   ? HIS A 15  ? GLY A 4   HIS A 15  1 ? 12 
HELX_P HELX_P2 AA2 ASN A 19  ? TYR A 23  ? ASN A 19  TYR A 23  5 ? 5  
HELX_P HELX_P3 AA3 SER A 24  ? ASN A 37  ? SER A 24  ASN A 37  1 ? 14 
HELX_P HELX_P4 AA4 PRO A 79  ? SER A 85  ? PRO A 79  SER A 85  5 ? 7  
HELX_P HELX_P5 AA5 ILE A 88  ? SER A 100 ? ILE A 88  SER A 100 1 ? 13 
HELX_P HELX_P6 AA6 ASN A 103 ? ALA A 107 ? ASN A 103 ALA A 107 5 ? 5  
HELX_P HELX_P7 AA7 TRP A 108 ? CYS A 115 ? TRP A 108 CYS A 115 1 ? 8  
HELX_P HELX_P8 AA8 ASP A 119 ? ARG A 125 ? ASP A 119 ARG A 125 5 ? 7  
# 
_struct_conf_type.id          HELX_P 
_struct_conf_type.criteria    ? 
_struct_conf_type.reference   ? 
# 
loop_
_struct_conn.id 
_struct_conn.conn_type_id 
_struct_conn.pdbx_leaving_atom_flag 
_struct_conn.pdbx_PDB_id 
_struct_conn.ptnr1_label_asym_id 
_struct_conn.ptnr1_label_comp_id 
_struct_conn.ptnr1_label_seq_id 
_struct_conn.ptnr1_label_atom_id 
_struct_conn.pdbx_ptnr1_label_alt_id 
_struct_conn.pdbx_ptnr1_PDB_ins_code 
_struct_conn.pdbx_ptnr1_standard_comp_id 
_struct_conn.ptnr1_symmetry 
_struct_conn.ptnr2_label_asym_id 
_struct_conn.ptnr2_label_comp_id 
_struct_conn.ptnr2_label_seq_id 
_struct_conn.ptnr2_label_atom_id 
_struct_conn.pdbx_ptnr2_label_alt_id 
_struct_conn.pdbx_ptnr2_PDB_ins_code 
_struct_conn.ptnr1_auth_asym_id 
_struct_conn.ptnr1_auth_comp_id 
_struct_conn.ptnr1_auth_seq_id 
_struct_conn.ptnr2_auth_asym_id 
_struct_conn.ptnr2_auth_comp_id 
_struct_conn.ptnr2_auth_seq_id 
_struct_conn.ptnr2_symmetry 
_struct_conn.pdbx_ptnr3_label_atom_id 
_struct_conn.pdbx_ptnr3_label_seq_id 
_struct_conn.pdbx_ptnr3_label_comp_id 
_struct_conn.pdbx_ptnr3_label_asym_id 
_struct_conn.pdbx_ptnr3_label_alt_id 
_struct_conn.pdbx_ptnr3_PDB_ins_code 
_struct_conn.details 
_struct_conn.pdbx_dist_value 
_struct_conn.pdbx_value_order 
_struct_conn.pdbx_role 
disulf1 disulf ? ? A CYS 6  SG ? ? ? 1_555 A CYS 127 SG ? ? A CYS 6  A CYS 127 1_555 ? ? ? ? ? ? ? 2.016 ? ? 
disulf2 disulf ? ? A CYS 30 SG ? ? ? 1_555 A CYS 115 SG ? ? A CYS 30 A CYS 115 1_555 ? ? ? ? ? ? ? 2.002 ? ? 
disulf3 disulf ? ? A CYS 64 SG ? ? ? 1_555 A CYS 80  SG ? ? A CYS 64 A CYS 80  1_555 ? ? ? ? ? ? ? 2.034 ? ? 
disulf4 disulf ? ? A CYS 76 SG ? ? ? 1_555 A CYS 94  SG ? ? A CYS 76 A CYS 94  1_555 ? ? ? ? ? ? ? 1.973 ? ? 
# 
_struct_conn_type.id          disulf 
_struct_conn_type.criteria    ? 
_struct_conn_type.reference   ? 
# 
loop_
_pdbx_modification_feature.ordinal 
_pdbx_modification_feature.label_comp_id 
_pdbx_modification_feature.label_asym_id 
_pdbx_modification_feature.label_seq_id 
_pdbx_modification_feature.label_alt_id 
_pdbx_modification_feature.modified_residue_label_comp_id 
_pdbx_modification_feature.modified_residue_label_asym_id 
_pdbx_modification_feature.modified_residue_label_seq_id 
_pdbx_modification_feature.modified_residue_label_alt_id 
_pdbx_modification_feature.auth_comp_id 
_pdbx_modification_feature.auth_asym_id 
_pdbx_modification_feature.auth_seq_id 
_pdbx_modification_feature.PDB_ins_code 
_pdbx_modification_feature.symmetry 
_pdbx_modification_feature.modified_residue_auth_comp_id 
_pdbx_modification_feature.modified_residue_auth_asym_id 
_pdbx_modification_feature.modified_residue_auth_seq_id 
_pdbx_modification_feature.modified_residue_PDB_ins_code 
_pdbx_modification_feature.modified_residue_symmetry 
_pdbx_modification_feature.comp_id_linking_atom 
_pdbx_modification_feature.modified_residue_id_linking_atom 
_pdbx_modification_feature.modified_residue_id 
_pdbx_modification_feature.ref_pcm_id 
_pdbx_modification_feature.ref_comp_id 
_pdbx_modification_feature.type 
_pdbx_modification_feature.category 
1 CYS A 6  ? CYS A 127 ? CYS A 6  ? 1_555 CYS A 127 ? 1_555 SG SG . . . None 'Disulfide bridge' 
2 CYS A 30 ? CYS A 115 ? CYS A 30 ? 1_555 CYS A 115 ? 1_555 SG SG . . . None 'Disulfide bridge' 
3 CYS A 64 ? CYS A 80  ? CYS A 64 ? 1_555 CYS A 80  ? 1_555 SG SG . . . None 'Disulfide bridge' 
4 CYS A 76 ? CYS A 94  ? CYS A 76 ? 1_555 CYS A 94  ? 1_555 SG SG . . . None 'Disulfide bridge' 
# 
_struct_sheet.id               AA1 
_struct_sheet.type             ? 
_struct_sheet.number_strands   3 
_struct_sheet.details          ? 
# 
loop_
_struct_sheet_order.sheet_id 
_struct_sheet_order.range_id_1 
_struct_sheet_order.range_id_2 
_struct_sheet_order.offset 
_struct_sheet_order.sense 
AA1 1 2 ? anti-parallel 
AA1 2 3 ? anti-parallel 
# 
loop_
_struct_sheet_range.sheet_id 
_struct_sheet_range.id 
_struct_sheet_range.beg_label_comp_id 
_struct_sheet_range.beg_label_asym_id 
_struct_sheet_range.beg_label_seq_id 
_struct_sheet_range.pdbx_beg_PDB_ins_code 
_struct_sheet_range.end_label_comp_id 
_struct_sheet_range.end_label_asym_id 
_struct_sheet_range.end_label_seq_id 
_struct_sheet_range.pdbx_end_PDB_ins_code 
_struct_sheet_range.beg_auth_comp_id 
_struct_sheet_range.beg_auth_asym_id 
_struct_sheet_range.beg_auth_seq_id 
_struct_sheet_range.end_auth_comp_id 
_struct_sheet_range.end_auth_asym_id 
_struct_sheet_range.end_auth_seq_id 
AA1 1 THR A 43 ? ARG A 45 ? THR A 43 ARG A 45 
AA1 2 THR A 51 ? TYR A 53 ? THR A 51 TYR A 53 
AA1 3 ILE A 58 ? ASN A 59 ? ILE A 58 ASN A 59 
# 
loop_
_pdbx_struct_sheet_hbond.sheet_id 
_pdbx_struct_sheet_hbond.range_id_1 
_pdbx_struct_sheet_hbond.range_id_2 
_pdbx_struct_sheet_hbond.range_1_label_atom_id 
_pdbx_struct_sheet_hbond.range_1_label_comp_id 
_pdbx_struct_sheet_hbond.range_1_label_asym_id 
_pdbx_struct_sheet_hbond.range_1_label_seq_id 
_pdbx_struct_sheet_hbond.range_1_PDB_ins_code 
_pdbx_struct_sheet_hbond.range_1_auth_atom_id 
_pdbx_struct_sheet_hbond.range_1_auth_comp_id 
_pdbx_struct_sheet_hbond.range_1_auth_asym_id 
_pdbx_struct_sheet_hbond.range_1_auth_seq_id 
_pdbx_struct_sheet_hbond.range_2_label_atom_id 
_pdbx_struct_sheet_hbond.range_2_label_comp_id 
_pdbx_struct_sheet_hbond.range_2_label_asym_id 
_pdbx_struct_sheet_hbond.range_2_label_seq_id 
_pdbx_struct_sheet_hbond.range_2_PDB_ins_code 
_pdbx_struct_sheet_hbond.range_2_auth_atom_id 
_pdbx_struct_sheet_hbond.range_2_auth_comp_id 
_pdbx_struct_sheet_hbond.range_2_auth_asym_id 
_pdbx_struct_sheet_hbond.range_2_auth_seq_id 
AA1 1 2 N ASN A 44 ? N ASN A 44 O ASP A 52 ? O ASP A 52 
AA1 2 3 N TYR A 53 ? N TYR A 53 O ILE A 58 ? O ILE A 58 
# 
_struct_site.id                   AC1 
_struct_site.pdbx_evidence_code   Software 
_struct_site.pdbx_auth_asym_id    A 
_struct_site.pdbx_auth_comp_id    F44 
_struct_site.pdbx_auth_seq_id     201 
_struct_site.pdbx_auth_ins_code   ? 
_struct_site.pdbx_num_residues    8 
_struct_site.details              'binding site for residue F44 A 201' 
# 
loop_
_struct_site_gen.id 
_struct_site_gen.site_id 
_struct_site_gen.pdbx_num_res 
_struct_site_gen.label_comp_id 
_struct_site_gen.label_asym_id 
_struct_site_gen.label_seq_id 
_struct_site_gen.pdbx_auth_ins_code 
_struct_site_gen.auth_comp_id 
_struct_site_gen.auth_asym_id 
_struct_site_gen.auth_seq_id 
_struct_site_gen.label_atom_id 
_struct_site_gen.label_alt_id 
_struct_site_gen.symmetry 
_struct_site_gen.details 
1 AC1 8 ARG A 21  ? ARG A 21  . ? 3_444 ? 
2 AC1 8 PHE A 34  ? PHE A 34  . ? 1_555 ? 
3 AC1 8 GLU A 35  ? GLU A 35  . ? 1_555 ? 
4 AC1 8 ASN A 44  ? ASN A 44  . ? 1_555 ? 
5 AC1 8 ASN A 46  ? ASN A 46  . ? 1_555 ? 
6 AC1 8 ASP A 52  ? ASP A 52  . ? 1_555 ? 
7 AC1 8 GLN A 57  ? GLN A 57  . ? 1_555 ? 
8 AC1 8 VAL A 109 ? VAL A 109 . ? 1_555 ? 
# 
_pdbx_entry_details.entry_id                   6CIW 
_pdbx_entry_details.compound_details           ? 
_pdbx_entry_details.source_details             ? 
_pdbx_entry_details.nonpolymer_details         ? 
_pdbx_entry_details.sequence_details           ? 
_pdbx_entry_details.has_ligand_of_interest     ? 
_pdbx_entry_details.has_protein_modification   Y 
# 
_pdbx_validate_symm_contact.id                1 
_pdbx_validate_symm_contact.PDB_model_num     1 
_pdbx_validate_symm_contact.auth_atom_id_1    OXT 
_pdbx_validate_symm_contact.auth_asym_id_1    A 
_pdbx_validate_symm_contact.auth_comp_id_1    LEU 
_pdbx_validate_symm_contact.auth_seq_id_1     129 
_pdbx_validate_symm_contact.PDB_ins_code_1    ? 
_pdbx_validate_symm_contact.label_alt_id_1    ? 
_pdbx_validate_symm_contact.site_symmetry_1   1_555 
_pdbx_validate_symm_contact.auth_atom_id_2    OXT 
_pdbx_validate_symm_contact.auth_asym_id_2    A 
_pdbx_validate_symm_contact.auth_comp_id_2    LEU 
_pdbx_validate_symm_contact.auth_seq_id_2     129 
_pdbx_validate_symm_contact.PDB_ins_code_2    ? 
_pdbx_validate_symm_contact.label_alt_id_2    ? 
_pdbx_validate_symm_contact.site_symmetry_2   8_554 
_pdbx_validate_symm_contact.dist              1.65 
# 
loop_
_pdbx_validate_rmsd_angle.id 
_pdbx_validate_rmsd_angle.PDB_model_num 
_pdbx_validate_rmsd_angle.auth_atom_id_1 
_pdbx_validate_rmsd_angle.auth_asym_id_1 
_pdbx_validate_rmsd_angle.auth_comp_id_1 
_pdbx_validate_rmsd_angle.auth_seq_id_1 
_pdbx_validate_rmsd_angle.PDB_ins_code_1 
_pdbx_validate_rmsd_angle.label_alt_id_1 
_pdbx_validate_rmsd_angle.auth_atom_id_2 
_pdbx_validate_rmsd_angle.auth_asym_id_2 
_pdbx_validate_rmsd_angle.auth_comp_id_2 
_pdbx_validate_rmsd_angle.auth_seq_id_2 
_pdbx_validate_rmsd_angle.PDB_ins_code_2 
_pdbx_validate_rmsd_angle.label_alt_id_2 
_pdbx_validate_rmsd_angle.auth_atom_id_3 
_pdbx_validate_rmsd_angle.auth_asym_id_3 
_pdbx_validate_rmsd_angle.auth_comp_id_3 
_pdbx_validate_rmsd_angle.auth_seq_id_3 
_pdbx_validate_rmsd_angle.PDB_ins_code_3 
_pdbx_validate_rmsd_angle.label_alt_id_3 
_pdbx_validate_rmsd_angle.angle_value 
_pdbx_validate_rmsd_angle.angle_target_value 
_pdbx_validate_rmsd_angle.angle_deviation 
_pdbx_validate_rmsd_angle.angle_standard_deviation 
_pdbx_validate_rmsd_angle.linker_flag 
1 1 CB A ASP 18 ? ? CG A ASP 18 ? ? OD1 A ASP 18 ? ? 127.87 118.30 9.57  0.90 N 
2 1 NE A ARG 45 ? ? CZ A ARG 45 ? ? NH1 A ARG 45 ? ? 124.63 120.30 4.33  0.50 N 
3 1 NE A ARG 45 ? ? CZ A ARG 45 ? ? NH2 A ARG 45 ? ? 116.53 120.30 -3.77 0.50 N 
# 
_pdbx_struct_special_symmetry.id              1 
_pdbx_struct_special_symmetry.PDB_model_num   1 
_pdbx_struct_special_symmetry.auth_asym_id    A 
_pdbx_struct_special_symmetry.auth_comp_id    HOH 
_pdbx_struct_special_symmetry.auth_seq_id     308 
_pdbx_struct_special_symmetry.PDB_ins_code    ? 
_pdbx_struct_special_symmetry.label_asym_id   C 
_pdbx_struct_special_symmetry.label_comp_id   HOH 
_pdbx_struct_special_symmetry.label_seq_id    . 
# 
loop_
_chem_comp_atom.comp_id 
_chem_comp_atom.atom_id 
_chem_comp_atom.type_symbol 
_chem_comp_atom.pdbx_aromatic_flag 
_chem_comp_atom.pdbx_stereo_config 
_chem_comp_atom.pdbx_ordinal 
ALA N    N N N 1   
ALA CA   C N S 2   
ALA C    C N N 3   
ALA O    O N N 4   
ALA CB   C N N 5   
ALA OXT  O N N 6   
ALA H    H N N 7   
ALA H2   H N N 8   
ALA HA   H N N 9   
ALA HB1  H N N 10  
ALA HB2  H N N 11  
ALA HB3  H N N 12  
ALA HXT  H N N 13  
ARG N    N N N 14  
ARG CA   C N S 15  
ARG C    C N N 16  
ARG O    O N N 17  
ARG CB   C N N 18  
ARG CG   C N N 19  
ARG CD   C N N 20  
ARG NE   N N N 21  
ARG CZ   C N N 22  
ARG NH1  N N N 23  
ARG NH2  N N N 24  
ARG OXT  O N N 25  
ARG H    H N N 26  
ARG H2   H N N 27  
ARG HA   H N N 28  
ARG HB2  H N N 29  
ARG HB3  H N N 30  
ARG HG2  H N N 31  
ARG HG3  H N N 32  
ARG HD2  H N N 33  
ARG HD3  H N N 34  
ARG HE   H N N 35  
ARG HH11 H N N 36  
ARG HH12 H N N 37  
ARG HH21 H N N 38  
ARG HH22 H N N 39  
ARG HXT  H N N 40  
ASN N    N N N 41  
ASN CA   C N S 42  
ASN C    C N N 43  
ASN O    O N N 44  
ASN CB   C N N 45  
ASN CG   C N N 46  
ASN OD1  O N N 47  
ASN ND2  N N N 48  
ASN OXT  O N N 49  
ASN H    H N N 50  
ASN H2   H N N 51  
ASN HA   H N N 52  
ASN HB2  H N N 53  
ASN HB3  H N N 54  
ASN HD21 H N N 55  
ASN HD22 H N N 56  
ASN HXT  H N N 57  
ASP N    N N N 58  
ASP CA   C N S 59  
ASP C    C N N 60  
ASP O    O N N 61  
ASP CB   C N N 62  
ASP CG   C N N 63  
ASP OD1  O N N 64  
ASP OD2  O N N 65  
ASP OXT  O N N 66  
ASP H    H N N 67  
ASP H2   H N N 68  
ASP HA   H N N 69  
ASP HB2  H N N 70  
ASP HB3  H N N 71  
ASP HD2  H N N 72  
ASP HXT  H N N 73  
CYS N    N N N 74  
CYS CA   C N R 75  
CYS C    C N N 76  
CYS O    O N N 77  
CYS CB   C N N 78  
CYS SG   S N N 79  
CYS OXT  O N N 80  
CYS H    H N N 81  
CYS H2   H N N 82  
CYS HA   H N N 83  
CYS HB2  H N N 84  
CYS HB3  H N N 85  
CYS HG   H N N 86  
CYS HXT  H N N 87  
F44 C1   C Y N 88  
F44 C3   C Y N 89  
F44 C13  C Y N 90  
F44 C15  C Y N 91  
F44 C14  C Y N 92  
F44 C2   C Y N 93  
F44 C8   C N N 94  
F44 C7   C N N 95  
F44 C9   C N N 96  
F44 C10  C Y N 97  
F44 C12  C Y N 98  
F44 C6   C Y N 99  
F44 C4   C Y N 100 
F44 N11  N Y N 101 
F44 N5   N Y N 102 
F44 H1   H N N 103 
F44 H2   H N N 104 
F44 H3   H N N 105 
F44 H4   H N N 106 
F44 H5   H N N 107 
F44 H6   H N N 108 
F44 H7   H N N 109 
F44 H8   H N N 110 
F44 H9   H N N 111 
F44 H10  H N N 112 
F44 H11  H N N 113 
F44 H12  H N N 114 
F44 H13  H N N 115 
F44 H14  H N N 116 
GLN N    N N N 117 
GLN CA   C N S 118 
GLN C    C N N 119 
GLN O    O N N 120 
GLN CB   C N N 121 
GLN CG   C N N 122 
GLN CD   C N N 123 
GLN OE1  O N N 124 
GLN NE2  N N N 125 
GLN OXT  O N N 126 
GLN H    H N N 127 
GLN H2   H N N 128 
GLN HA   H N N 129 
GLN HB2  H N N 130 
GLN HB3  H N N 131 
GLN HG2  H N N 132 
GLN HG3  H N N 133 
GLN HE21 H N N 134 
GLN HE22 H N N 135 
GLN HXT  H N N 136 
GLU N    N N N 137 
GLU CA   C N S 138 
GLU C    C N N 139 
GLU O    O N N 140 
GLU CB   C N N 141 
GLU CG   C N N 142 
GLU CD   C N N 143 
GLU OE1  O N N 144 
GLU OE2  O N N 145 
GLU OXT  O N N 146 
GLU H    H N N 147 
GLU H2   H N N 148 
GLU HA   H N N 149 
GLU HB2  H N N 150 
GLU HB3  H N N 151 
GLU HG2  H N N 152 
GLU HG3  H N N 153 
GLU HE2  H N N 154 
GLU HXT  H N N 155 
GLY N    N N N 156 
GLY CA   C N N 157 
GLY C    C N N 158 
GLY O    O N N 159 
GLY OXT  O N N 160 
GLY H    H N N 161 
GLY H2   H N N 162 
GLY HA2  H N N 163 
GLY HA3  H N N 164 
GLY HXT  H N N 165 
HIS N    N N N 166 
HIS CA   C N S 167 
HIS C    C N N 168 
HIS O    O N N 169 
HIS CB   C N N 170 
HIS CG   C Y N 171 
HIS ND1  N Y N 172 
HIS CD2  C Y N 173 
HIS CE1  C Y N 174 
HIS NE2  N Y N 175 
HIS OXT  O N N 176 
HIS H    H N N 177 
HIS H2   H N N 178 
HIS HA   H N N 179 
HIS HB2  H N N 180 
HIS HB3  H N N 181 
HIS HD1  H N N 182 
HIS HD2  H N N 183 
HIS HE1  H N N 184 
HIS HE2  H N N 185 
HIS HXT  H N N 186 
HOH O    O N N 187 
HOH H1   H N N 188 
HOH H2   H N N 189 
ILE N    N N N 190 
ILE CA   C N S 191 
ILE C    C N N 192 
ILE O    O N N 193 
ILE CB   C N S 194 
ILE CG1  C N N 195 
ILE CG2  C N N 196 
ILE CD1  C N N 197 
ILE OXT  O N N 198 
ILE H    H N N 199 
ILE H2   H N N 200 
ILE HA   H N N 201 
ILE HB   H N N 202 
ILE HG12 H N N 203 
ILE HG13 H N N 204 
ILE HG21 H N N 205 
ILE HG22 H N N 206 
ILE HG23 H N N 207 
ILE HD11 H N N 208 
ILE HD12 H N N 209 
ILE HD13 H N N 210 
ILE HXT  H N N 211 
LEU N    N N N 212 
LEU CA   C N S 213 
LEU C    C N N 214 
LEU O    O N N 215 
LEU CB   C N N 216 
LEU CG   C N N 217 
LEU CD1  C N N 218 
LEU CD2  C N N 219 
LEU OXT  O N N 220 
LEU H    H N N 221 
LEU H2   H N N 222 
LEU HA   H N N 223 
LEU HB2  H N N 224 
LEU HB3  H N N 225 
LEU HG   H N N 226 
LEU HD11 H N N 227 
LEU HD12 H N N 228 
LEU HD13 H N N 229 
LEU HD21 H N N 230 
LEU HD22 H N N 231 
LEU HD23 H N N 232 
LEU HXT  H N N 233 
LYS N    N N N 234 
LYS CA   C N S 235 
LYS C    C N N 236 
LYS O    O N N 237 
LYS CB   C N N 238 
LYS CG   C N N 239 
LYS CD   C N N 240 
LYS CE   C N N 241 
LYS NZ   N N N 242 
LYS OXT  O N N 243 
LYS H    H N N 244 
LYS H2   H N N 245 
LYS HA   H N N 246 
LYS HB2  H N N 247 
LYS HB3  H N N 248 
LYS HG2  H N N 249 
LYS HG3  H N N 250 
LYS HD2  H N N 251 
LYS HD3  H N N 252 
LYS HE2  H N N 253 
LYS HE3  H N N 254 
LYS HZ1  H N N 255 
LYS HZ2  H N N 256 
LYS HZ3  H N N 257 
LYS HXT  H N N 258 
MET N    N N N 259 
MET CA   C N S 260 
MET C    C N N 261 
MET O    O N N 262 
MET CB   C N N 263 
MET CG   C N N 264 
MET SD   S N N 265 
MET CE   C N N 266 
MET OXT  O N N 267 
MET H    H N N 268 
MET H2   H N N 269 
MET HA   H N N 270 
MET HB2  H N N 271 
MET HB3  H N N 272 
MET HG2  H N N 273 
MET HG3  H N N 274 
MET HE1  H N N 275 
MET HE2  H N N 276 
MET HE3  H N N 277 
MET HXT  H N N 278 
PHE N    N N N 279 
PHE CA   C N S 280 
PHE C    C N N 281 
PHE O    O N N 282 
PHE CB   C N N 283 
PHE CG   C Y N 284 
PHE CD1  C Y N 285 
PHE CD2  C Y N 286 
PHE CE1  C Y N 287 
PHE CE2  C Y N 288 
PHE CZ   C Y N 289 
PHE OXT  O N N 290 
PHE H    H N N 291 
PHE H2   H N N 292 
PHE HA   H N N 293 
PHE HB2  H N N 294 
PHE HB3  H N N 295 
PHE HD1  H N N 296 
PHE HD2  H N N 297 
PHE HE1  H N N 298 
PHE HE2  H N N 299 
PHE HZ   H N N 300 
PHE HXT  H N N 301 
PRO N    N N N 302 
PRO CA   C N S 303 
PRO C    C N N 304 
PRO O    O N N 305 
PRO CB   C N N 306 
PRO CG   C N N 307 
PRO CD   C N N 308 
PRO OXT  O N N 309 
PRO H    H N N 310 
PRO HA   H N N 311 
PRO HB2  H N N 312 
PRO HB3  H N N 313 
PRO HG2  H N N 314 
PRO HG3  H N N 315 
PRO HD2  H N N 316 
PRO HD3  H N N 317 
PRO HXT  H N N 318 
SER N    N N N 319 
SER CA   C N S 320 
SER C    C N N 321 
SER O    O N N 322 
SER CB   C N N 323 
SER OG   O N N 324 
SER OXT  O N N 325 
SER H    H N N 326 
SER H2   H N N 327 
SER HA   H N N 328 
SER HB2  H N N 329 
SER HB3  H N N 330 
SER HG   H N N 331 
SER HXT  H N N 332 
THR N    N N N 333 
THR CA   C N S 334 
THR C    C N N 335 
THR O    O N N 336 
THR CB   C N R 337 
THR OG1  O N N 338 
THR CG2  C N N 339 
THR OXT  O N N 340 
THR H    H N N 341 
THR H2   H N N 342 
THR HA   H N N 343 
THR HB   H N N 344 
THR HG1  H N N 345 
THR HG21 H N N 346 
THR HG22 H N N 347 
THR HG23 H N N 348 
THR HXT  H N N 349 
TRP N    N N N 350 
TRP CA   C N S 351 
TRP C    C N N 352 
TRP O    O N N 353 
TRP CB   C N N 354 
TRP CG   C Y N 355 
TRP CD1  C Y N 356 
TRP CD2  C Y N 357 
TRP NE1  N Y N 358 
TRP CE2  C Y N 359 
TRP CE3  C Y N 360 
TRP CZ2  C Y N 361 
TRP CZ3  C Y N 362 
TRP CH2  C Y N 363 
TRP OXT  O N N 364 
TRP H    H N N 365 
TRP H2   H N N 366 
TRP HA   H N N 367 
TRP HB2  H N N 368 
TRP HB3  H N N 369 
TRP HD1  H N N 370 
TRP HE1  H N N 371 
TRP HE3  H N N 372 
TRP HZ2  H N N 373 
TRP HZ3  H N N 374 
TRP HH2  H N N 375 
TRP HXT  H N N 376 
TYR N    N N N 377 
TYR CA   C N S 378 
TYR C    C N N 379 
TYR O    O N N 380 
TYR CB   C N N 381 
TYR CG   C Y N 382 
TYR CD1  C Y N 383 
TYR CD2  C Y N 384 
TYR CE1  C Y N 385 
TYR CE2  C Y N 386 
TYR CZ   C Y N 387 
TYR OH   O N N 388 
TYR OXT  O N N 389 
TYR H    H N N 390 
TYR H2   H N N 391 
TYR HA   H N N 392 
TYR HB2  H N N 393 
TYR HB3  H N N 394 
TYR HD1  H N N 395 
TYR HD2  H N N 396 
TYR HE1  H N N 397 
TYR HE2  H N N 398 
TYR HH   H N N 399 
TYR HXT  H N N 400 
VAL N    N N N 401 
VAL CA   C N S 402 
VAL C    C N N 403 
VAL O    O N N 404 
VAL CB   C N N 405 
VAL CG1  C N N 406 
VAL CG2  C N N 407 
VAL OXT  O N N 408 
VAL H    H N N 409 
VAL H2   H N N 410 
VAL HA   H N N 411 
VAL HB   H N N 412 
VAL HG11 H N N 413 
VAL HG12 H N N 414 
VAL HG13 H N N 415 
VAL HG21 H N N 416 
VAL HG22 H N N 417 
VAL HG23 H N N 418 
VAL HXT  H N N 419 
# 
loop_
_chem_comp_bond.comp_id 
_chem_comp_bond.atom_id_1 
_chem_comp_bond.atom_id_2 
_chem_comp_bond.value_order 
_chem_comp_bond.pdbx_aromatic_flag 
_chem_comp_bond.pdbx_stereo_config 
_chem_comp_bond.pdbx_ordinal 
ALA N   CA   sing N N 1   
ALA N   H    sing N N 2   
ALA N   H2   sing N N 3   
ALA CA  C    sing N N 4   
ALA CA  CB   sing N N 5   
ALA CA  HA   sing N N 6   
ALA C   O    doub N N 7   
ALA C   OXT  sing N N 8   
ALA CB  HB1  sing N N 9   
ALA CB  HB2  sing N N 10  
ALA CB  HB3  sing N N 11  
ALA OXT HXT  sing N N 12  
ARG N   CA   sing N N 13  
ARG N   H    sing N N 14  
ARG N   H2   sing N N 15  
ARG CA  C    sing N N 16  
ARG CA  CB   sing N N 17  
ARG CA  HA   sing N N 18  
ARG C   O    doub N N 19  
ARG C   OXT  sing N N 20  
ARG CB  CG   sing N N 21  
ARG CB  HB2  sing N N 22  
ARG CB  HB3  sing N N 23  
ARG CG  CD   sing N N 24  
ARG CG  HG2  sing N N 25  
ARG CG  HG3  sing N N 26  
ARG CD  NE   sing N N 27  
ARG CD  HD2  sing N N 28  
ARG CD  HD3  sing N N 29  
ARG NE  CZ   sing N N 30  
ARG NE  HE   sing N N 31  
ARG CZ  NH1  sing N N 32  
ARG CZ  NH2  doub N N 33  
ARG NH1 HH11 sing N N 34  
ARG NH1 HH12 sing N N 35  
ARG NH2 HH21 sing N N 36  
ARG NH2 HH22 sing N N 37  
ARG OXT HXT  sing N N 38  
ASN N   CA   sing N N 39  
ASN N   H    sing N N 40  
ASN N   H2   sing N N 41  
ASN CA  C    sing N N 42  
ASN CA  CB   sing N N 43  
ASN CA  HA   sing N N 44  
ASN C   O    doub N N 45  
ASN C   OXT  sing N N 46  
ASN CB  CG   sing N N 47  
ASN CB  HB2  sing N N 48  
ASN CB  HB3  sing N N 49  
ASN CG  OD1  doub N N 50  
ASN CG  ND2  sing N N 51  
ASN ND2 HD21 sing N N 52  
ASN ND2 HD22 sing N N 53  
ASN OXT HXT  sing N N 54  
ASP N   CA   sing N N 55  
ASP N   H    sing N N 56  
ASP N   H2   sing N N 57  
ASP CA  C    sing N N 58  
ASP CA  CB   sing N N 59  
ASP CA  HA   sing N N 60  
ASP C   O    doub N N 61  
ASP C   OXT  sing N N 62  
ASP CB  CG   sing N N 63  
ASP CB  HB2  sing N N 64  
ASP CB  HB3  sing N N 65  
ASP CG  OD1  doub N N 66  
ASP CG  OD2  sing N N 67  
ASP OD2 HD2  sing N N 68  
ASP OXT HXT  sing N N 69  
CYS N   CA   sing N N 70  
CYS N   H    sing N N 71  
CYS N   H2   sing N N 72  
CYS CA  C    sing N N 73  
CYS CA  CB   sing N N 74  
CYS CA  HA   sing N N 75  
CYS C   O    doub N N 76  
CYS C   OXT  sing N N 77  
CYS CB  SG   sing N N 78  
CYS CB  HB2  sing N N 79  
CYS CB  HB3  sing N N 80  
CYS SG  HG   sing N N 81  
CYS OXT HXT  sing N N 82  
F44 C8  C9   sing N N 83  
F44 C8  C7   sing N N 84  
F44 C9  C10  sing N N 85  
F44 C7  C6   sing N N 86  
F44 C15 C10  doub Y N 87  
F44 C15 C14  sing Y N 88  
F44 C10 N11  sing Y N 89  
F44 C6  C1   doub Y N 90  
F44 C6  N5   sing Y N 91  
F44 C1  C2   sing Y N 92  
F44 N11 C12  doub Y N 93  
F44 C14 C13  doub Y N 94  
F44 N5  C4   doub Y N 95  
F44 C2  C3   doub Y N 96  
F44 C12 C13  sing Y N 97  
F44 C4  C3   sing Y N 98  
F44 C1  H1   sing N N 99  
F44 C3  H2   sing N N 100 
F44 C13 H3   sing N N 101 
F44 C15 H4   sing N N 102 
F44 C14 H5   sing N N 103 
F44 C2  H6   sing N N 104 
F44 C8  H7   sing N N 105 
F44 C8  H8   sing N N 106 
F44 C7  H9   sing N N 107 
F44 C7  H10  sing N N 108 
F44 C9  H11  sing N N 109 
F44 C9  H12  sing N N 110 
F44 C12 H13  sing N N 111 
F44 C4  H14  sing N N 112 
GLN N   CA   sing N N 113 
GLN N   H    sing N N 114 
GLN N   H2   sing N N 115 
GLN CA  C    sing N N 116 
GLN CA  CB   sing N N 117 
GLN CA  HA   sing N N 118 
GLN C   O    doub N N 119 
GLN C   OXT  sing N N 120 
GLN CB  CG   sing N N 121 
GLN CB  HB2  sing N N 122 
GLN CB  HB3  sing N N 123 
GLN CG  CD   sing N N 124 
GLN CG  HG2  sing N N 125 
GLN CG  HG3  sing N N 126 
GLN CD  OE1  doub N N 127 
GLN CD  NE2  sing N N 128 
GLN NE2 HE21 sing N N 129 
GLN NE2 HE22 sing N N 130 
GLN OXT HXT  sing N N 131 
GLU N   CA   sing N N 132 
GLU N   H    sing N N 133 
GLU N   H2   sing N N 134 
GLU CA  C    sing N N 135 
GLU CA  CB   sing N N 136 
GLU CA  HA   sing N N 137 
GLU C   O    doub N N 138 
GLU C   OXT  sing N N 139 
GLU CB  CG   sing N N 140 
GLU CB  HB2  sing N N 141 
GLU CB  HB3  sing N N 142 
GLU CG  CD   sing N N 143 
GLU CG  HG2  sing N N 144 
GLU CG  HG3  sing N N 145 
GLU CD  OE1  doub N N 146 
GLU CD  OE2  sing N N 147 
GLU OE2 HE2  sing N N 148 
GLU OXT HXT  sing N N 149 
GLY N   CA   sing N N 150 
GLY N   H    sing N N 151 
GLY N   H2   sing N N 152 
GLY CA  C    sing N N 153 
GLY CA  HA2  sing N N 154 
GLY CA  HA3  sing N N 155 
GLY C   O    doub N N 156 
GLY C   OXT  sing N N 157 
GLY OXT HXT  sing N N 158 
HIS N   CA   sing N N 159 
HIS N   H    sing N N 160 
HIS N   H2   sing N N 161 
HIS CA  C    sing N N 162 
HIS CA  CB   sing N N 163 
HIS CA  HA   sing N N 164 
HIS C   O    doub N N 165 
HIS C   OXT  sing N N 166 
HIS CB  CG   sing N N 167 
HIS CB  HB2  sing N N 168 
HIS CB  HB3  sing N N 169 
HIS CG  ND1  sing Y N 170 
HIS CG  CD2  doub Y N 171 
HIS ND1 CE1  doub Y N 172 
HIS ND1 HD1  sing N N 173 
HIS CD2 NE2  sing Y N 174 
HIS CD2 HD2  sing N N 175 
HIS CE1 NE2  sing Y N 176 
HIS CE1 HE1  sing N N 177 
HIS NE2 HE2  sing N N 178 
HIS OXT HXT  sing N N 179 
HOH O   H1   sing N N 180 
HOH O   H2   sing N N 181 
ILE N   CA   sing N N 182 
ILE N   H    sing N N 183 
ILE N   H2   sing N N 184 
ILE CA  C    sing N N 185 
ILE CA  CB   sing N N 186 
ILE CA  HA   sing N N 187 
ILE C   O    doub N N 188 
ILE C   OXT  sing N N 189 
ILE CB  CG1  sing N N 190 
ILE CB  CG2  sing N N 191 
ILE CB  HB   sing N N 192 
ILE CG1 CD1  sing N N 193 
ILE CG1 HG12 sing N N 194 
ILE CG1 HG13 sing N N 195 
ILE CG2 HG21 sing N N 196 
ILE CG2 HG22 sing N N 197 
ILE CG2 HG23 sing N N 198 
ILE CD1 HD11 sing N N 199 
ILE CD1 HD12 sing N N 200 
ILE CD1 HD13 sing N N 201 
ILE OXT HXT  sing N N 202 
LEU N   CA   sing N N 203 
LEU N   H    sing N N 204 
LEU N   H2   sing N N 205 
LEU CA  C    sing N N 206 
LEU CA  CB   sing N N 207 
LEU CA  HA   sing N N 208 
LEU C   O    doub N N 209 
LEU C   OXT  sing N N 210 
LEU CB  CG   sing N N 211 
LEU CB  HB2  sing N N 212 
LEU CB  HB3  sing N N 213 
LEU CG  CD1  sing N N 214 
LEU CG  CD2  sing N N 215 
LEU CG  HG   sing N N 216 
LEU CD1 HD11 sing N N 217 
LEU CD1 HD12 sing N N 218 
LEU CD1 HD13 sing N N 219 
LEU CD2 HD21 sing N N 220 
LEU CD2 HD22 sing N N 221 
LEU CD2 HD23 sing N N 222 
LEU OXT HXT  sing N N 223 
LYS N   CA   sing N N 224 
LYS N   H    sing N N 225 
LYS N   H2   sing N N 226 
LYS CA  C    sing N N 227 
LYS CA  CB   sing N N 228 
LYS CA  HA   sing N N 229 
LYS C   O    doub N N 230 
LYS C   OXT  sing N N 231 
LYS CB  CG   sing N N 232 
LYS CB  HB2  sing N N 233 
LYS CB  HB3  sing N N 234 
LYS CG  CD   sing N N 235 
LYS CG  HG2  sing N N 236 
LYS CG  HG3  sing N N 237 
LYS CD  CE   sing N N 238 
LYS CD  HD2  sing N N 239 
LYS CD  HD3  sing N N 240 
LYS CE  NZ   sing N N 241 
LYS CE  HE2  sing N N 242 
LYS CE  HE3  sing N N 243 
LYS NZ  HZ1  sing N N 244 
LYS NZ  HZ2  sing N N 245 
LYS NZ  HZ3  sing N N 246 
LYS OXT HXT  sing N N 247 
MET N   CA   sing N N 248 
MET N   H    sing N N 249 
MET N   H2   sing N N 250 
MET CA  C    sing N N 251 
MET CA  CB   sing N N 252 
MET CA  HA   sing N N 253 
MET C   O    doub N N 254 
MET C   OXT  sing N N 255 
MET CB  CG   sing N N 256 
MET CB  HB2  sing N N 257 
MET CB  HB3  sing N N 258 
MET CG  SD   sing N N 259 
MET CG  HG2  sing N N 260 
MET CG  HG3  sing N N 261 
MET SD  CE   sing N N 262 
MET CE  HE1  sing N N 263 
MET CE  HE2  sing N N 264 
MET CE  HE3  sing N N 265 
MET OXT HXT  sing N N 266 
PHE N   CA   sing N N 267 
PHE N   H    sing N N 268 
PHE N   H2   sing N N 269 
PHE CA  C    sing N N 270 
PHE CA  CB   sing N N 271 
PHE CA  HA   sing N N 272 
PHE C   O    doub N N 273 
PHE C   OXT  sing N N 274 
PHE CB  CG   sing N N 275 
PHE CB  HB2  sing N N 276 
PHE CB  HB3  sing N N 277 
PHE CG  CD1  doub Y N 278 
PHE CG  CD2  sing Y N 279 
PHE CD1 CE1  sing Y N 280 
PHE CD1 HD1  sing N N 281 
PHE CD2 CE2  doub Y N 282 
PHE CD2 HD2  sing N N 283 
PHE CE1 CZ   doub Y N 284 
PHE CE1 HE1  sing N N 285 
PHE CE2 CZ   sing Y N 286 
PHE CE2 HE2  sing N N 287 
PHE CZ  HZ   sing N N 288 
PHE OXT HXT  sing N N 289 
PRO N   CA   sing N N 290 
PRO N   CD   sing N N 291 
PRO N   H    sing N N 292 
PRO CA  C    sing N N 293 
PRO CA  CB   sing N N 294 
PRO CA  HA   sing N N 295 
PRO C   O    doub N N 296 
PRO C   OXT  sing N N 297 
PRO CB  CG   sing N N 298 
PRO CB  HB2  sing N N 299 
PRO CB  HB3  sing N N 300 
PRO CG  CD   sing N N 301 
PRO CG  HG2  sing N N 302 
PRO CG  HG3  sing N N 303 
PRO CD  HD2  sing N N 304 
PRO CD  HD3  sing N N 305 
PRO OXT HXT  sing N N 306 
SER N   CA   sing N N 307 
SER N   H    sing N N 308 
SER N   H2   sing N N 309 
SER CA  C    sing N N 310 
SER CA  CB   sing N N 311 
SER CA  HA   sing N N 312 
SER C   O    doub N N 313 
SER C   OXT  sing N N 314 
SER CB  OG   sing N N 315 
SER CB  HB2  sing N N 316 
SER CB  HB3  sing N N 317 
SER OG  HG   sing N N 318 
SER OXT HXT  sing N N 319 
THR N   CA   sing N N 320 
THR N   H    sing N N 321 
THR N   H2   sing N N 322 
THR CA  C    sing N N 323 
THR CA  CB   sing N N 324 
THR CA  HA   sing N N 325 
THR C   O    doub N N 326 
THR C   OXT  sing N N 327 
THR CB  OG1  sing N N 328 
THR CB  CG2  sing N N 329 
THR CB  HB   sing N N 330 
THR OG1 HG1  sing N N 331 
THR CG2 HG21 sing N N 332 
THR CG2 HG22 sing N N 333 
THR CG2 HG23 sing N N 334 
THR OXT HXT  sing N N 335 
TRP N   CA   sing N N 336 
TRP N   H    sing N N 337 
TRP N   H2   sing N N 338 
TRP CA  C    sing N N 339 
TRP CA  CB   sing N N 340 
TRP CA  HA   sing N N 341 
TRP C   O    doub N N 342 
TRP C   OXT  sing N N 343 
TRP CB  CG   sing N N 344 
TRP CB  HB2  sing N N 345 
TRP CB  HB3  sing N N 346 
TRP CG  CD1  doub Y N 347 
TRP CG  CD2  sing Y N 348 
TRP CD1 NE1  sing Y N 349 
TRP CD1 HD1  sing N N 350 
TRP CD2 CE2  doub Y N 351 
TRP CD2 CE3  sing Y N 352 
TRP NE1 CE2  sing Y N 353 
TRP NE1 HE1  sing N N 354 
TRP CE2 CZ2  sing Y N 355 
TRP CE3 CZ3  doub Y N 356 
TRP CE3 HE3  sing N N 357 
TRP CZ2 CH2  doub Y N 358 
TRP CZ2 HZ2  sing N N 359 
TRP CZ3 CH2  sing Y N 360 
TRP CZ3 HZ3  sing N N 361 
TRP CH2 HH2  sing N N 362 
TRP OXT HXT  sing N N 363 
TYR N   CA   sing N N 364 
TYR N   H    sing N N 365 
TYR N   H2   sing N N 366 
TYR CA  C    sing N N 367 
TYR CA  CB   sing N N 368 
TYR CA  HA   sing N N 369 
TYR C   O    doub N N 370 
TYR C   OXT  sing N N 371 
TYR CB  CG   sing N N 372 
TYR CB  HB2  sing N N 373 
TYR CB  HB3  sing N N 374 
TYR CG  CD1  doub Y N 375 
TYR CG  CD2  sing Y N 376 
TYR CD1 CE1  sing Y N 377 
TYR CD1 HD1  sing N N 378 
TYR CD2 CE2  doub Y N 379 
TYR CD2 HD2  sing N N 380 
TYR CE1 CZ   doub Y N 381 
TYR CE1 HE1  sing N N 382 
TYR CE2 CZ   sing Y N 383 
TYR CE2 HE2  sing N N 384 
TYR CZ  OH   sing N N 385 
TYR OH  HH   sing N N 386 
TYR OXT HXT  sing N N 387 
VAL N   CA   sing N N 388 
VAL N   H    sing N N 389 
VAL N   H2   sing N N 390 
VAL CA  C    sing N N 391 
VAL CA  CB   sing N N 392 
VAL CA  HA   sing N N 393 
VAL C   O    doub N N 394 
VAL C   OXT  sing N N 395 
VAL CB  CG1  sing N N 396 
VAL CB  CG2  sing N N 397 
VAL CB  HB   sing N N 398 
VAL CG1 HG11 sing N N 399 
VAL CG1 HG12 sing N N 400 
VAL CG1 HG13 sing N N 401 
VAL CG2 HG21 sing N N 402 
VAL CG2 HG22 sing N N 403 
VAL CG2 HG23 sing N N 404 
VAL OXT HXT  sing N N 405 
# 
_atom_sites.entry_id                    6CIW 
_atom_sites.fract_transf_matrix[1][1]   0.00489625 
_atom_sites.fract_transf_matrix[1][2]   0.00066198 
_atom_sites.fract_transf_matrix[1][3]   0.01203315 
_atom_sites.fract_transf_matrix[2][1]   0.01192776 
_atom_sites.fract_transf_matrix[2][2]   0.00158909 
_atom_sites.fract_transf_matrix[2][3]   -0.00494079 
_atom_sites.fract_transf_matrix[3][1]   -0.00355271 
_atom_sites.fract_transf_matrix[3][2]   0.02660988 
_atom_sites.fract_transf_matrix[3][3]   -0.00001831 
_atom_sites.fract_transf_vector[1]      0.017483 
_atom_sites.fract_transf_vector[2]      -0.252060 
_atom_sites.fract_transf_vector[3]      0.019731 
# 
loop_
_atom_type.symbol 
C 
N 
O 
S 
# 
loop_
_atom_site.group_PDB 
_atom_site.id 
_atom_site.type_symbol 
_atom_site.label_atom_id 
_atom_site.label_alt_id 
_atom_site.label_comp_id 
_atom_site.label_asym_id 
_atom_site.label_entity_id 
_atom_site.label_seq_id 
_atom_site.pdbx_PDB_ins_code 
_atom_site.Cartn_x 
_atom_site.Cartn_y 
_atom_site.Cartn_z 
_atom_site.occupancy 
_atom_site.B_iso_or_equiv 
_atom_site.pdbx_formal_charge 
_atom_site.auth_seq_id 
_atom_site.auth_comp_id 
_atom_site.auth_asym_id 
_atom_site.auth_atom_id 
_atom_site.pdbx_PDB_model_num 
ATOM   1    N N   . LYS A 1 1   ? 9.464   -8.168  -6.931  1.00 13.37 ? 1   LYS A N   1 
ATOM   2    C CA  . LYS A 1 1   ? 9.451   -9.179  -5.852  1.00 14.78 ? 1   LYS A CA  1 
ATOM   3    C C   . LYS A 1 1   ? 8.053   -9.576  -5.421  1.00 14.86 ? 1   LYS A C   1 
ATOM   4    O O   . LYS A 1 1   ? 7.219   -8.723  -5.127  1.00 13.59 ? 1   LYS A O   1 
ATOM   5    C CB  . LYS A 1 1   ? 10.162  -8.594  -4.633  1.00 15.71 ? 1   LYS A CB  1 
ATOM   6    C CG  . LYS A 1 1   ? 10.220  -9.586  -3.500  1.00 17.03 ? 1   LYS A CG  1 
ATOM   7    C CD  . LYS A 1 1   ? 11.237  -9.195  -2.463  1.00 18.94 ? 1   LYS A CD  1 
ATOM   8    C CE  . LYS A 1 1   ? 11.158  -10.211 -1.327  1.00 21.25 ? 1   LYS A CE  1 
ATOM   9    N NZ  . LYS A 1 1   ? 11.859  -9.563  -0.215  1.00 24.71 ? 1   LYS A NZ  1 
ATOM   10   N N   . VAL A 1 2   ? 7.806   -10.867 -5.374  1.00 14.58 ? 2   VAL A N   1 
ATOM   11   C CA  . VAL A 1 2   ? 6.585   -11.371 -4.811  1.00 14.78 ? 2   VAL A CA  1 
ATOM   12   C C   . VAL A 1 2   ? 6.869   -11.810 -3.372  1.00 13.90 ? 2   VAL A C   1 
ATOM   13   O O   . VAL A 1 2   ? 7.511   -12.864 -3.143  1.00 14.10 ? 2   VAL A O   1 
ATOM   14   C CB  . VAL A 1 2   ? 5.968   -12.484 -5.617  1.00 16.41 ? 2   VAL A CB  1 
ATOM   15   C CG1 . VAL A 1 2   ? 4.666   -12.904 -4.977  1.00 17.74 ? 2   VAL A CG1 1 
ATOM   16   C CG2 . VAL A 1 2   ? 5.676   -12.020 -7.043  1.00 17.64 ? 2   VAL A CG2 1 
ATOM   17   N N   . PHE A 1 3   ? 6.372   -11.015 -2.420  1.00 12.27 ? 3   PHE A N   1 
ATOM   18   C CA  . PHE A 1 3   ? 6.560   -11.271 -0.998  1.00 11.64 ? 3   PHE A CA  1 
ATOM   19   C C   . PHE A 1 3   ? 5.743   -12.454 -0.554  1.00 11.96 ? 3   PHE A C   1 
ATOM   20   O O   . PHE A 1 3   ? 4.629   -12.644 -1.018  1.00 11.70 ? 3   PHE A O   1 
ATOM   21   C CB  . PHE A 1 3   ? 6.185   -10.072 -0.124  1.00 11.02 ? 3   PHE A CB  1 
ATOM   22   C CG  . PHE A 1 3   ? 7.266   -9.063  0.073   1.00 10.99 ? 3   PHE A CG  1 
ATOM   23   C CD1 . PHE A 1 3   ? 7.501   -8.087  -0.886  1.00 11.21 ? 3   PHE A CD1 1 
ATOM   24   C CD2 . PHE A 1 3   ? 8.040   -9.010  1.213   1.00 10.45 ? 3   PHE A CD2 1 
ATOM   25   C CE1 . PHE A 1 3   ? 8.486   -7.132  -0.733  1.00 11.88 ? 3   PHE A CE1 1 
ATOM   26   C CE2 . PHE A 1 3   ? 9.007   -8.055  1.393   1.00 10.77 ? 3   PHE A CE2 1 
ATOM   27   C CZ  . PHE A 1 3   ? 9.279   -7.100  0.394   1.00 11.02 ? 3   PHE A CZ  1 
ATOM   28   N N   . GLY A 1 4   ? 6.283   -13.203 0.429   1.00 12.22 ? 4   GLY A N   1 
ATOM   29   C CA  . GLY A 1 4   ? 5.511   -14.157 1.172   1.00 13.49 ? 4   GLY A CA  1 
ATOM   30   C C   . GLY A 1 4   ? 4.715   -13.356 2.189   1.00 12.24 ? 4   GLY A C   1 
ATOM   31   O O   . GLY A 1 4   ? 5.036   -12.200 2.525   1.00 12.28 ? 4   GLY A O   1 
ATOM   32   N N   . ARG A 1 5   ? 3.617   -13.928 2.616   1.00 13.83 ? 5   ARG A N   1 
ATOM   33   C CA  . ARG A 1 5   ? 2.753   -13.226 3.497   1.00 14.78 ? 5   ARG A CA  1 
ATOM   34   C C   . ARG A 1 5   ? 3.489   -12.757 4.795   1.00 13.84 ? 5   ARG A C   1 
ATOM   35   O O   . ARG A 1 5   ? 3.427   -11.573 5.165   1.00 12.95 ? 5   ARG A O   1 
ATOM   36   C CB  . ARG A 1 5   ? 1.525   -14.086 3.769   1.00 15.94 ? 5   ARG A CB  1 
ATOM   37   C CG  . ARG A 1 5   ? 0.692   -13.607 4.928   1.00 17.23 ? 5   ARG A CG  1 
ATOM   38   C CD  . ARG A 1 5   ? -0.515  -14.521 5.088   1.00 17.89 ? 5   ARG A CD  1 
ATOM   39   N NE  . ARG A 1 5   ? -0.197  -15.884 5.551   1.00 18.07 ? 5   ARG A NE  1 
ATOM   40   C CZ  . ARG A 1 5   ? -0.056  -16.236 6.825   1.00 18.63 ? 5   ARG A CZ  1 
ATOM   41   N NH1 . ARG A 1 5   ? -0.171  -15.350 7.823   1.00 15.58 ? 5   ARG A NH1 1 
ATOM   42   N NH2 . ARG A 1 5   ? 0.170   -17.526 7.102   1.00 19.91 ? 5   ARG A NH2 1 
ATOM   43   N N   . CYS A 1 6   ? 4.135   -13.662 5.503   1.00 14.04 ? 6   CYS A N   1 
ATOM   44   C CA  . CYS A 1 6   ? 4.830   -13.333 6.747   1.00 13.88 ? 6   CYS A CA  1 
ATOM   45   C C   . CYS A 1 6   ? 6.054   -12.463 6.502   1.00 12.77 ? 6   CYS A C   1 
ATOM   46   O O   . CYS A 1 6   ? 6.400   -11.641 7.311   1.00 13.32 ? 6   CYS A O   1 
ATOM   47   C CB  . CYS A 1 6   ? 5.233   -14.635 7.510   1.00 15.61 ? 6   CYS A CB  1 
ATOM   48   S SG  . CYS A 1 6   ? 3.766   -15.517 8.162   1.00 17.91 ? 6   CYS A SG  1 
ATOM   49   N N   . GLU A 1 7   ? 6.725   -12.689 5.365   1.00 12.58 ? 7   GLU A N   1 
ATOM   50   C CA  . GLU A 1 7   ? 7.869   -11.916 4.934   1.00 12.50 ? 7   GLU A CA  1 
ATOM   51   C C   . GLU A 1 7   ? 7.488   -10.432 4.836   1.00 11.95 ? 7   GLU A C   1 
ATOM   52   O O   . GLU A 1 7   ? 8.217   -9.561  5.324   1.00 13.73 ? 7   GLU A O   1 
ATOM   53   C CB  . GLU A 1 7   ? 8.385   -12.442 3.575   1.00 14.30 ? 7   GLU A CB  1 
ATOM   54   C CG  . GLU A 1 7   ? 9.578   -11.700 3.026   1.00 14.86 ? 7   GLU A CG  1 
ATOM   55   C CD  . GLU A 1 7   ? 9.968   -12.131 1.625   1.00 13.30 ? 7   GLU A CD  1 
ATOM   56   O OE1 . GLU A 1 7   ? 9.166   -12.691 0.869   1.00 14.06 ? 7   GLU A OE1 1 
ATOM   57   O OE2 . GLU A 1 7   ? 11.112  -11.903 1.314   1.00 16.38 ? 7   GLU A OE2 1 
ATOM   58   N N   . LEU A 1 8   ? 6.310   -10.200 4.259   1.00 11.38 ? 8   LEU A N   1 
ATOM   59   C CA  . LEU A 1 8   ? 5.795   -8.835  4.099   1.00 10.47 ? 8   LEU A CA  1 
ATOM   60   C C   . LEU A 1 8   ? 5.364   -8.264  5.439   1.00 10.24 ? 8   LEU A C   1 
ATOM   61   O O   . LEU A 1 8   ? 5.614   -7.087  5.712   1.00 10.42 ? 8   LEU A O   1 
ATOM   62   C CB  . LEU A 1 8   ? 4.594   -8.841  3.151   1.00 10.05 ? 8   LEU A CB  1 
ATOM   63   C CG  . LEU A 1 8   ? 4.025   -7.455  2.838   1.00 10.44 ? 8   LEU A CG  1 
ATOM   64   C CD1 . LEU A 1 8   ? 5.074   -6.549  2.254   1.00 10.40 ? 8   LEU A CD1 1 
ATOM   65   C CD2 . LEU A 1 8   ? 2.745   -7.474  1.945   1.00 10.91 ? 8   LEU A CD2 1 
ATOM   66   N N   . ALA A 1 9   ? 4.716   -9.080  6.271   1.00 10.41 ? 9   ALA A N   1 
ATOM   67   C CA  . ALA A 1 9   ? 4.295   -8.650  7.593   1.00 10.47 ? 9   ALA A CA  1 
ATOM   68   C C   . ALA A 1 9   ? 5.517   -8.186  8.356   1.00 10.99 ? 9   ALA A C   1 
ATOM   69   O O   . ALA A 1 9   ? 5.550   -7.123  8.962   1.00 10.95 ? 9   ALA A O   1 
ATOM   70   C CB  . ALA A 1 9   ? 3.609   -9.770  8.330   1.00 11.59 ? 9   ALA A CB  1 
ATOM   71   N N   . ALA A 1 10  ? 6.587   -8.935  8.242   1.00 12.32 ? 10  ALA A N   1 
ATOM   72   C CA  . ALA A 1 10  ? 7.836   -8.543  8.964   1.00 12.51 ? 10  ALA A CA  1 
ATOM   73   C C   . ALA A 1 10  ? 8.454   -7.253  8.451   1.00 12.45 ? 10  ALA A C   1 
ATOM   74   O O   . ALA A 1 10  ? 8.972   -6.445  9.241   1.00 12.45 ? 10  ALA A O   1 
ATOM   75   C CB  . ALA A 1 10  ? 8.829   -9.687  8.907   1.00 13.50 ? 10  ALA A CB  1 
ATOM   76   N N   . ALA A 1 11  ? 8.464   -7.083  7.132   1.00 13.38 ? 11  ALA A N   1 
ATOM   77   C CA  . ALA A 1 11  ? 8.961   -5.852  6.530   1.00 12.75 ? 11  ALA A CA  1 
ATOM   78   C C   . ALA A 1 11  ? 8.147   -4.654  6.909   1.00 12.57 ? 11  ALA A C   1 
ATOM   79   O O   . ALA A 1 11  ? 8.671   -3.604  7.262   1.00 12.27 ? 11  ALA A O   1 
ATOM   80   C CB  . ALA A 1 11  ? 9.063   -5.997  5.006   1.00 13.81 ? 11  ALA A CB  1 
ATOM   81   N N   . MET A 1 12  ? 6.824   -4.800  6.841   1.00 11.56 ? 12  MET A N   1 
ATOM   82   C CA  . MET A 1 12  ? 5.938   -3.701  7.285   1.00 11.46 ? 12  MET A CA  1 
ATOM   83   C C   . MET A 1 12  ? 6.112   -3.381  8.758   1.00 11.76 ? 12  MET A C   1 
ATOM   84   O O   . MET A 1 12  ? 6.209   -2.195  9.110   1.00 11.91 ? 12  MET A O   1 
ATOM   85   C CB  . MET A 1 12  ? 4.505   -4.049  7.010   1.00 10.38 ? 12  MET A CB  1 
ATOM   86   C CG  . MET A 1 12  ? 4.164   -4.101  5.551   1.00 10.03 ? 12  MET A CG  1 
ATOM   87   S SD  . MET A 1 12  ? 2.513   -4.672  5.204   1.00 10.07 ? 12  MET A SD  1 
ATOM   88   C CE  . MET A 1 12  ? 2.179   -3.872  3.632   1.00 10.65 ? 12  MET A CE  1 
ATOM   89   N N   . LYS A 1 13  ? 6.182   -4.398  9.611   1.00 13.74 ? 13  LYS A N   1 
ATOM   90   C CA  . LYS A 1 13  ? 6.427   -4.134  11.036  1.00 14.75 ? 13  LYS A CA  1 
ATOM   91   C C   . LYS A 1 13  ? 7.762   -3.374  11.221  1.00 17.17 ? 13  LYS A C   1 
ATOM   92   O O   . LYS A 1 13  ? 7.833   -2.332  11.933  1.00 15.98 ? 13  LYS A O   1 
ATOM   93   C CB  . LYS A 1 13  ? 6.478   -5.444  11.771  1.00 15.42 ? 13  LYS A CB  1 
ATOM   94   C CG  . LYS A 1 13  ? 6.584   -5.234  13.283  1.00 15.69 ? 13  LYS A CG  1 
ATOM   95   C CD  . LYS A 1 13  ? 6.359   -6.516  14.025  1.00 17.11 ? 13  LYS A CD  1 
ATOM   96   C CE  . LYS A 1 13  ? 6.635   -6.168  15.475  1.00 19.67 ? 13  LYS A CE  1 
ATOM   97   N NZ  . LYS A 1 13  ? 6.338   -7.387  16.235  1.00 20.36 ? 13  LYS A NZ  1 
ATOM   98   N N   . ARG A 1 14  ? 8.787   -3.847  10.533  1.00 17.41 ? 14  ARG A N   1 
ATOM   99   C CA  . ARG A 1 14  ? 10.140  -3.216  10.627  1.00 19.67 ? 14  ARG A CA  1 
ATOM   100  C C   . ARG A 1 14  ? 10.141  -1.729  10.294  1.00 18.05 ? 14  ARG A C   1 
ATOM   101  O O   . ARG A 1 14  ? 10.808  -0.922  10.949  1.00 17.01 ? 14  ARG A O   1 
ATOM   102  C CB  . ARG A 1 14  ? 11.107  -3.985  9.709   1.00 21.47 ? 14  ARG A CB  1 
ATOM   103  C CG  . ARG A 1 14  ? 12.544  -4.048  10.166  1.00 25.52 ? 14  ARG A CG  1 
ATOM   104  C CD  . ARG A 1 14  ? 13.311  -2.959  9.543   1.00 26.92 ? 14  ARG A CD  1 
ATOM   105  N NE  . ARG A 1 14  ? 13.396  -3.088  8.100   1.00 29.43 ? 14  ARG A NE  1 
ATOM   106  C CZ  . ARG A 1 14  ? 14.032  -2.200  7.346   1.00 28.53 ? 14  ARG A CZ  1 
ATOM   107  N NH1 . ARG A 1 14  ? 14.640  -1.145  7.928   1.00 31.87 ? 14  ARG A NH1 1 
ATOM   108  N NH2 . ARG A 1 14  ? 14.093  -2.360  6.035   1.00 27.99 ? 14  ARG A NH2 1 
ATOM   109  N N   . HIS A 1 15  ? 9.322   -1.369  9.315   1.00 15.52 ? 15  HIS A N   1 
ATOM   110  C CA  . HIS A 1 15  ? 9.131   0.025   8.917   1.00 16.28 ? 15  HIS A CA  1 
ATOM   111  C C   . HIS A 1 15  ? 8.094   0.807   9.667   1.00 16.79 ? 15  HIS A C   1 
ATOM   112  O O   . HIS A 1 15  ? 7.758   1.961   9.263   1.00 18.85 ? 15  HIS A O   1 
ATOM   113  C CB  . HIS A 1 15  ? 8.803   0.095   7.466   1.00 17.47 ? 15  HIS A CB  1 
ATOM   114  C CG  . HIS A 1 15  ? 9.981   -0.060  6.579   1.00 18.80 ? 15  HIS A CG  1 
ATOM   115  N ND1 . HIS A 1 15  ? 10.250  -1.219  5.894   1.00 19.76 ? 15  HIS A ND1 1 
ATOM   116  C CD2 . HIS A 1 15  ? 10.982  0.792   6.295   1.00 18.41 ? 15  HIS A CD2 1 
ATOM   117  C CE1 . HIS A 1 15  ? 11.337  -1.053  5.169   1.00 17.86 ? 15  HIS A CE1 1 
ATOM   118  N NE2 . HIS A 1 15  ? 11.814  0.147   5.421   1.00 19.05 ? 15  HIS A NE2 1 
ATOM   119  N N   . GLY A 1 16  ? 7.579   0.217   10.734  1.00 17.26 ? 16  GLY A N   1 
ATOM   120  C CA  . GLY A 1 16  ? 6.709   0.924   11.688  1.00 18.14 ? 16  GLY A CA  1 
ATOM   121  C C   . GLY A 1 16  ? 5.249   1.065   11.239  1.00 18.00 ? 16  GLY A C   1 
ATOM   122  O O   . GLY A 1 16  ? 4.581   1.955   11.731  1.00 19.08 ? 16  GLY A O   1 
ATOM   123  N N   . LEU A 1 17  ? 4.761   0.205   10.325  1.00 16.06 ? 17  LEU A N   1 
ATOM   124  C CA  . LEU A 1 17  ? 3.322   0.156   10.006  1.00 17.59 ? 17  LEU A CA  1 
ATOM   125  C C   . LEU A 1 17  ? 2.386   -0.514  10.967  1.00 18.00 ? 17  LEU A C   1 
ATOM   126  O O   . LEU A 1 17  ? 1.229   -0.149  10.970  1.00 17.29 ? 17  LEU A O   1 
ATOM   127  C CB  . LEU A 1 17  ? 3.047   -0.533  8.650   1.00 17.17 ? 17  LEU A CB  1 
ATOM   128  C CG  . LEU A 1 17  ? 3.265   0.314   7.411   1.00 17.21 ? 17  LEU A CG  1 
ATOM   129  C CD1 . LEU A 1 17  ? 2.876   -0.511  6.210   1.00 16.76 ? 17  LEU A CD1 1 
ATOM   130  C CD2 . LEU A 1 17  ? 2.516   1.657   7.397   1.00 16.80 ? 17  LEU A CD2 1 
ATOM   131  N N   . ASP A 1 18  ? 2.818   -1.536  11.731  1.00 19.16 ? 18  ASP A N   1 
ATOM   132  C CA  . ASP A 1 18  ? 1.918   -2.200  12.736  1.00 22.63 ? 18  ASP A CA  1 
ATOM   133  C C   . ASP A 1 18  ? 1.460   -1.122  13.686  1.00 22.23 ? 18  ASP A C   1 
ATOM   134  O O   . ASP A 1 18  ? 2.239   -0.497  14.388  1.00 22.38 ? 18  ASP A O   1 
ATOM   135  C CB  . ASP A 1 18  ? 2.573   -3.376  13.501  1.00 25.21 ? 18  ASP A CB  1 
ATOM   136  C CG  . ASP A 1 18  ? 1.603   -4.131  14.577  1.00 30.18 ? 18  ASP A CG  1 
ATOM   137  O OD1 . ASP A 1 18  ? 0.310   -4.226  14.554  1.00 28.69 ? 18  ASP A OD1 1 
ATOM   138  O OD2 . ASP A 1 18  ? 2.216   -4.766  15.485  1.00 30.90 ? 18  ASP A OD2 1 
ATOM   139  N N   . ASN A 1 19  ? 0.153   -0.902  13.663  1.00 19.01 ? 19  ASN A N   1 
ATOM   140  C CA  . ASN A 1 19  ? -0.527  0.079   14.447  1.00 17.84 ? 19  ASN A CA  1 
ATOM   141  C C   . ASN A 1 19  ? -0.321  1.484   14.110  1.00 14.92 ? 19  ASN A C   1 
ATOM   142  O O   . ASN A 1 19  ? -0.658  2.335   14.905  1.00 13.95 ? 19  ASN A O   1 
ATOM   143  C CB  . ASN A 1 19  ? -0.402  -0.194  15.961  1.00 20.88 ? 19  ASN A CB  1 
ATOM   144  C CG  . ASN A 1 19  ? -1.315  -1.284  16.345  1.00 25.41 ? 19  ASN A CG  1 
ATOM   145  O OD1 . ASN A 1 19  ? -2.550  -1.112  16.224  1.00 27.15 ? 19  ASN A OD1 1 
ATOM   146  N ND2 . ASN A 1 19  ? -0.772  -2.452  16.608  1.00 27.56 ? 19  ASN A ND2 1 
ATOM   147  N N   . TYR A 1 20  ? 0.148   1.765   12.892  1.00 12.58 ? 20  TYR A N   1 
ATOM   148  C CA  . TYR A 1 20  ? 0.307   3.138   12.481  1.00 12.14 ? 20  TYR A CA  1 
ATOM   149  C C   . TYR A 1 20  ? -1.093  3.748   12.232  1.00 12.66 ? 20  TYR A C   1 
ATOM   150  O O   . TYR A 1 20  ? -1.975  3.144   11.582  1.00 10.42 ? 20  TYR A O   1 
ATOM   151  C CB  . TYR A 1 20  ? 1.179   3.251   11.228  1.00 11.92 ? 20  TYR A CB  1 
ATOM   152  C CG  . TYR A 1 20  ? 1.538   4.672   10.878  1.00 12.18 ? 20  TYR A CG  1 
ATOM   153  C CD1 . TYR A 1 20  ? 0.736   5.414   10.034  1.00 13.50 ? 20  TYR A CD1 1 
ATOM   154  C CD2 . TYR A 1 20  ? 2.699   5.287   11.368  1.00 11.46 ? 20  TYR A CD2 1 
ATOM   155  C CE1 . TYR A 1 20  ? 1.029   6.708   9.691   1.00 12.58 ? 20  TYR A CE1 1 
ATOM   156  C CE2 . TYR A 1 20  ? 2.999   6.599   11.060  1.00 13.29 ? 20  TYR A CE2 1 
ATOM   157  C CZ  . TYR A 1 20  ? 2.200   7.326   10.196  1.00 13.62 ? 20  TYR A CZ  1 
ATOM   158  O OH  . TYR A 1 20  ? 2.448   8.637   9.844   1.00 15.73 ? 20  TYR A OH  1 
ATOM   159  N N   . ARG A 1 21  ? -1.298  4.931   12.821  1.00 14.35 ? 21  ARG A N   1 
ATOM   160  C CA  . ARG A 1 21  ? -2.611  5.596   12.912  1.00 15.79 ? 21  ARG A CA  1 
ATOM   161  C C   . ARG A 1 21  ? -3.700  4.629   13.422  1.00 13.04 ? 21  ARG A C   1 
ATOM   162  O O   . ARG A 1 21  ? -4.830  4.711   12.954  1.00 12.41 ? 21  ARG A O   1 
ATOM   163  C CB  . ARG A 1 21  ? -2.996  6.176   11.565  1.00 18.76 ? 21  ARG A CB  1 
ATOM   164  C CG  . ARG A 1 21  ? -2.036  7.235   11.011  1.00 23.93 ? 21  ARG A CG  1 
ATOM   165  C CD  . ARG A 1 21  ? -2.333  8.673   11.375  1.00 26.48 ? 21  ARG A CD  1 
ATOM   166  N NE  . ARG A 1 21  ? -3.717  9.035   11.185  1.00 30.85 ? 21  ARG A NE  1 
ATOM   167  C CZ  . ARG A 1 21  ? -4.192  10.256  11.388  1.00 31.54 ? 21  ARG A CZ  1 
ATOM   168  N NH1 . ARG A 1 21  ? -3.378  11.250  11.704  1.00 32.76 ? 21  ARG A NH1 1 
ATOM   169  N NH2 . ARG A 1 21  ? -5.491  10.482  11.246  1.00 34.84 ? 21  ARG A NH2 1 
ATOM   170  N N   . GLY A 1 22  ? -3.361  3.691   14.312  1.00 13.17 ? 22  GLY A N   1 
ATOM   171  C CA  . GLY A 1 22  ? -4.285  2.704   14.830  1.00 11.62 ? 22  GLY A CA  1 
ATOM   172  C C   . GLY A 1 22  ? -4.632  1.469   14.017  1.00 10.54 ? 22  GLY A C   1 
ATOM   173  O O   . GLY A 1 22  ? -5.442  0.661   14.405  1.00 12.68 ? 22  GLY A O   1 
ATOM   174  N N   . TYR A 1 23  ? -3.979  1.311   12.876  1.00 10.19 ? 23  TYR A N   1 
ATOM   175  C CA  . TYR A 1 23  ? -4.227  0.160   12.051  1.00 10.16 ? 23  TYR A CA  1 
ATOM   176  C C   . TYR A 1 23  ? -3.266  -0.968  12.310  1.00 9.79  ? 23  TYR A C   1 
ATOM   177  O O   . TYR A 1 23  ? -2.030  -0.856  11.990  1.00 10.92 ? 23  TYR A O   1 
ATOM   178  C CB  . TYR A 1 23  ? -4.141  0.606   10.604  1.00 8.59  ? 23  TYR A CB  1 
ATOM   179  C CG  . TYR A 1 23  ? -5.338  1.433   10.194  1.00 6.77  ? 23  TYR A CG  1 
ATOM   180  C CD1 . TYR A 1 23  ? -6.522  0.858   9.829   1.00 6.71  ? 23  TYR A CD1 1 
ATOM   181  C CD2 . TYR A 1 23  ? -5.293  2.819   10.275  1.00 6.27  ? 23  TYR A CD2 1 
ATOM   182  C CE1 . TYR A 1 23  ? -7.625  1.650   9.458   1.00 6.19  ? 23  TYR A CE1 1 
ATOM   183  C CE2 . TYR A 1 23  ? -6.373  3.602   9.941   1.00 6.37  ? 23  TYR A CE2 1 
ATOM   184  C CZ  . TYR A 1 23  ? -7.584  3.022   9.495   1.00 6.36  ? 23  TYR A CZ  1 
ATOM   185  O OH  . TYR A 1 23  ? -8.657  3.821   9.168   1.00 6.43  ? 23  TYR A OH  1 
ATOM   186  N N   . SER A 1 24  ? -3.806  -2.064  12.837  1.00 9.72  ? 24  SER A N   1 
ATOM   187  C CA  . SER A 1 24  ? -2.959  -3.219  13.170  1.00 10.31 ? 24  SER A CA  1 
ATOM   188  C C   . SER A 1 24  ? -2.373  -3.759  11.947  1.00 10.55 ? 24  SER A C   1 
ATOM   189  O O   . SER A 1 24  ? -2.911  -3.535  10.850  1.00 10.62 ? 24  SER A O   1 
ATOM   190  C CB  . SER A 1 24  ? -3.788  -4.345  13.823  1.00 10.10 ? 24  SER A CB  1 
ATOM   191  O OG  . SER A 1 24  ? -4.822  -4.813  12.947  1.00 10.85 ? 24  SER A OG  1 
ATOM   192  N N   . LEU A 1 25  ? -1.284  -4.540  12.124  1.00 10.76 ? 25  LEU A N   1 
ATOM   193  C CA  . LEU A 1 25  ? -0.473  -5.049  11.009  1.00 9.92  ? 25  LEU A CA  1 
ATOM   194  C C   . LEU A 1 25  ? -1.303  -5.808  9.984   1.00 9.98  ? 25  LEU A C   1 
ATOM   195  O O   . LEU A 1 25  ? -1.053  -5.724  8.771   1.00 8.40  ? 25  LEU A O   1 
ATOM   196  C CB  . LEU A 1 25  ? 0.621   -6.028  11.553  1.00 10.98 ? 25  LEU A CB  1 
ATOM   197  C CG  . LEU A 1 25  ? 1.780   -6.411  10.599  1.00 10.36 ? 25  LEU A CG  1 
ATOM   198  C CD1 . LEU A 1 25  ? 2.292   -5.099  9.937   1.00 10.61 ? 25  LEU A CD1 1 
ATOM   199  C CD2 . LEU A 1 25  ? 2.944   -7.146  11.265  1.00 10.71 ? 25  LEU A CD2 1 
ATOM   200  N N   . GLY A 1 26  ? -2.217  -6.645  10.453  1.00 8.85  ? 26  GLY A N   1 
ATOM   201  C CA  . GLY A 1 26  ? -3.077  -7.436  9.569   1.00 8.32  ? 26  GLY A CA  1 
ATOM   202  C C   . GLY A 1 26  ? -3.895  -6.660  8.535   1.00 7.92  ? 26  GLY A C   1 
ATOM   203  O O   . GLY A 1 26  ? -4.144  -7.163  7.454   1.00 9.12  ? 26  GLY A O   1 
ATOM   204  N N   . ASN A 1 27  ? -4.325  -5.456  8.907   1.00 7.36  ? 27  ASN A N   1 
ATOM   205  C CA  . ASN A 1 27  ? -4.967  -4.544  7.954   1.00 7.14  ? 27  ASN A CA  1 
ATOM   206  C C   . ASN A 1 27  ? -4.056  -4.252  6.762   1.00 6.44  ? 27  ASN A C   1 
ATOM   207  O O   . ASN A 1 27  ? -4.541  -4.208  5.666   1.00 6.17  ? 27  ASN A O   1 
ATOM   208  C CB  . ASN A 1 27  ? -5.367  -3.217  8.558   1.00 7.64  ? 27  ASN A CB  1 
ATOM   209  C CG  . ASN A 1 27  ? -6.519  -3.377  9.527   1.00 8.95  ? 27  ASN A CG  1 
ATOM   210  O OD1 . ASN A 1 27  ? -7.626  -3.477  9.074   1.00 7.67  ? 27  ASN A OD1 1 
ATOM   211  N ND2 . ASN A 1 27  ? -6.259  -3.415  10.838  1.00 10.51 ? 27  ASN A ND2 1 
ATOM   212  N N   . TRP A 1 28  ? -2.772  -3.989  7.032   1.00 6.36  ? 28  TRP A N   1 
ATOM   213  C CA  . TRP A 1 28  ? -1.805  -3.643  6.005   1.00 6.57  ? 28  TRP A CA  1 
ATOM   214  C C   . TRP A 1 28  ? -1.505  -4.864  5.148   1.00 6.82  ? 28  TRP A C   1 
ATOM   215  O O   . TRP A 1 28  ? -1.372  -4.762  3.896   1.00 6.05  ? 28  TRP A O   1 
ATOM   216  C CB  . TRP A 1 28  ? -0.539  -3.034  6.595   1.00 6.90  ? 28  TRP A CB  1 
ATOM   217  C CG  . TRP A 1 28  ? -0.801  -1.807  7.373   1.00 7.14  ? 28  TRP A CG  1 
ATOM   218  C CD1 . TRP A 1 28  ? -0.966  -1.643  8.757   1.00 6.80  ? 28  TRP A CD1 1 
ATOM   219  C CD2 . TRP A 1 28  ? -0.957  -0.523  6.821   1.00 7.44  ? 28  TRP A CD2 1 
ATOM   220  N NE1 . TRP A 1 28  ? -1.201  -0.365  9.035   1.00 7.04  ? 28  TRP A NE1 1 
ATOM   221  C CE2 . TRP A 1 28  ? -1.262  0.343   7.866   1.00 7.22  ? 28  TRP A CE2 1 
ATOM   222  C CE3 . TRP A 1 28  ? -1.001  -0.052  5.505   1.00 7.33  ? 28  TRP A CE3 1 
ATOM   223  C CZ2 . TRP A 1 28  ? -1.470  1.729   7.666   1.00 7.32  ? 28  TRP A CZ2 1 
ATOM   224  C CZ3 . TRP A 1 28  ? -1.251  1.315   5.296   1.00 7.79  ? 28  TRP A CZ3 1 
ATOM   225  C CH2 . TRP A 1 28  ? -1.517  2.176   6.376   1.00 7.63  ? 28  TRP A CH2 1 
ATOM   226  N N   . VAL A 1 29  ? -1.402  -6.018  5.766   1.00 7.17  ? 29  VAL A N   1 
ATOM   227  C CA  . VAL A 1 29  ? -1.154  -7.210  4.994   1.00 7.35  ? 29  VAL A CA  1 
ATOM   228  C C   . VAL A 1 29  ? -2.332  -7.596  4.110   1.00 6.73  ? 29  VAL A C   1 
ATOM   229  O O   . VAL A 1 29  ? -2.155  -7.998  2.910   1.00 6.86  ? 29  VAL A O   1 
ATOM   230  C CB  . VAL A 1 29  ? -0.762  -8.353  5.899   1.00 7.15  ? 29  VAL A CB  1 
ATOM   231  C CG1 . VAL A 1 29  ? -0.579  -9.616  5.093   1.00 7.10  ? 29  VAL A CG1 1 
ATOM   232  C CG2 . VAL A 1 29  ? 0.532   -8.074  6.666   1.00 7.37  ? 29  VAL A CG2 1 
ATOM   233  N N   . CYS A 1 30  ? -3.543  -7.452  4.666   1.00 6.68  ? 30  CYS A N   1 
ATOM   234  C CA  . CYS A 1 30  ? -4.784  -7.771  3.925   1.00 6.57  ? 30  CYS A CA  1 
ATOM   235  C C   . CYS A 1 30  ? -4.892  -6.765  2.774   1.00 6.25  ? 30  CYS A C   1 
ATOM   236  O O   . CYS A 1 30  ? -5.171  -7.153  1.615   1.00 6.99  ? 30  CYS A O   1 
ATOM   237  C CB  . CYS A 1 30  ? -5.992  -7.590  4.864   1.00 6.64  ? 30  CYS A CB  1 
ATOM   238  S SG  . CYS A 1 30  ? -7.553  -7.999  4.097   1.00 7.66  ? 30  CYS A SG  1 
ATOM   239  N N   . ALA A 1 31  ? -4.624  -5.502  3.069   1.00 6.61  ? 31  ALA A N   1 
ATOM   240  C CA  . ALA A 1 31  ? -4.611  -4.523  1.978   1.00 6.30  ? 31  ALA A CA  1 
ATOM   241  C C   . ALA A 1 31  ? -3.671  -4.895  0.827   1.00 6.19  ? 31  ALA A C   1 
ATOM   242  O O   . ALA A 1 31  ? -4.000  -4.834  -0.399  1.00 7.24  ? 31  ALA A O   1 
ATOM   243  C CB  . ALA A 1 31  ? -4.319  -3.174  2.508   1.00 6.34  ? 31  ALA A CB  1 
ATOM   244  N N   . ALA A 1 32  ? -2.422  -5.190  1.219   1.00 6.56  ? 32  ALA A N   1 
ATOM   245  C CA  . ALA A 1 32  ? -1.484  -5.579  0.196   1.00 6.22  ? 32  ALA A CA  1 
ATOM   246  C C   . ALA A 1 32  ? -1.882  -6.809  -0.594  1.00 6.55  ? 32  ALA A C   1 
ATOM   247  O O   . ALA A 1 32  ? -1.576  -6.915  -1.807  1.00 5.81  ? 32  ALA A O   1 
ATOM   248  C CB  . ALA A 1 32  ? -0.130  -5.761  0.808   1.00 5.96  ? 32  ALA A CB  1 
ATOM   249  N N   . LYS A 1 33  ? -2.483  -7.785  0.062   1.00 7.32  ? 33  LYS A N   1 
ATOM   250  C CA  . LYS A 1 33  ? -2.869  -9.000  -0.611  1.00 8.79  ? 33  LYS A CA  1 
ATOM   251  C C   . LYS A 1 33  ? -3.875  -8.703  -1.727  1.00 8.51  ? 33  LYS A C   1 
ATOM   252  O O   . LYS A 1 33  ? -3.711  -9.146  -2.875  1.00 8.71  ? 33  LYS A O   1 
ATOM   253  C CB  . LYS A 1 33  ? -3.427  -9.998  0.353   1.00 10.36 ? 33  LYS A CB  1 
ATOM   254  C CG  . LYS A 1 33  ? -4.297  -11.034 -0.301  1.00 11.29 ? 33  LYS A CG  1 
ATOM   255  C CD  . LYS A 1 33  ? -3.439  -12.057 -0.953  1.00 13.44 ? 33  LYS A CD  1 
ATOM   256  C CE  . LYS A 1 33  ? -4.256  -12.987 -1.826  1.00 16.19 ? 33  LYS A CE  1 
ATOM   257  N NZ  . LYS A 1 33  ? -3.399  -14.097 -2.217  1.00 18.03 ? 33  LYS A NZ  1 
ATOM   258  N N   . PHE A 1 34  ? -4.853  -7.855  -1.427  1.00 8.73  ? 34  PHE A N   1 
ATOM   259  C CA  . PHE A 1 34  ? -5.924  -7.582  -2.388  1.00 9.32  ? 34  PHE A CA  1 
ATOM   260  C C   . PHE A 1 34  ? -5.576  -6.475  -3.360  1.00 9.21  ? 34  PHE A C   1 
ATOM   261  O O   . PHE A 1 34  ? -6.016  -6.467  -4.514  1.00 12.65 ? 34  PHE A O   1 
ATOM   262  C CB  . PHE A 1 34  ? -7.249  -7.390  -1.676  1.00 9.14  ? 34  PHE A CB  1 
ATOM   263  C CG  . PHE A 1 34  ? -7.712  -8.641  -1.019  1.00 8.80  ? 34  PHE A CG  1 
ATOM   264  C CD1 . PHE A 1 34  ? -7.776  -9.805  -1.742  1.00 8.67  ? 34  PHE A CD1 1 
ATOM   265  C CD2 . PHE A 1 34  ? -8.050  -8.665  0.311   1.00 8.91  ? 34  PHE A CD2 1 
ATOM   266  C CE1 . PHE A 1 34  ? -8.141  -10.982 -1.153  1.00 8.63  ? 34  PHE A CE1 1 
ATOM   267  C CE2 . PHE A 1 34  ? -8.431  -9.851  0.913   1.00 9.31  ? 34  PHE A CE2 1 
ATOM   268  C CZ  . PHE A 1 34  ? -8.478  -11.004 0.169   1.00 8.85  ? 34  PHE A CZ  1 
ATOM   269  N N   . GLU A 1 35  ? -4.615  -5.662  -3.005  1.00 8.78  ? 35  GLU A N   1 
ATOM   270  C CA  . GLU A 1 35  ? -4.237  -4.547  -3.916  1.00 8.92  ? 35  GLU A CA  1 
ATOM   271  C C   . GLU A 1 35  ? -3.271  -5.098  -4.940  1.00 8.85  ? 35  GLU A C   1 
ATOM   272  O O   . GLU A 1 35  ? -3.395  -4.837  -6.135  1.00 8.83  ? 35  GLU A O   1 
ATOM   273  C CB  . GLU A 1 35  ? -3.627  -3.368  -3.167  1.00 8.98  ? 35  GLU A CB  1 
ATOM   274  C CG  . GLU A 1 35  ? -4.607  -2.515  -2.335  1.00 9.39  ? 35  GLU A CG  1 
ATOM   275  C CD  . GLU A 1 35  ? -5.638  -1.709  -3.135  1.00 9.14  ? 35  GLU A CD  1 
ATOM   276  O OE1 . GLU A 1 35  ? -5.522  -1.586  -4.381  1.00 8.51  ? 35  GLU A OE1 1 
ATOM   277  O OE2 . GLU A 1 35  ? -6.543  -1.176  -2.547  1.00 9.24  ? 35  GLU A OE2 1 
ATOM   278  N N   . SER A 1 36  ? -2.228  -5.792  -4.441  1.00 8.63  ? 36  SER A N   1 
ATOM   279  C CA  . SER A 1 36  ? -1.087  -6.215  -5.324  1.00 8.72  ? 36  SER A CA  1 
ATOM   280  C C   . SER A 1 36  ? -0.804  -7.699  -5.409  1.00 9.19  ? 36  SER A C   1 
ATOM   281  O O   . SER A 1 36  ? 0.101   -8.115  -6.116  1.00 10.14 ? 36  SER A O   1 
ATOM   282  C CB  . SER A 1 36  ? 0.219   -5.554  -4.901  1.00 9.04  ? 36  SER A CB  1 
ATOM   283  O OG  . SER A 1 36  ? 0.621   -5.969  -3.603  1.00 8.35  ? 36  SER A OG  1 
ATOM   284  N N   . ASN A 1 37  ? -1.528  -8.498  -4.620  1.00 10.51 ? 37  ASN A N   1 
ATOM   285  C CA  . ASN A 1 37  ? -1.160  -9.909  -4.439  1.00 10.69 ? 37  ASN A CA  1 
ATOM   286  C C   . ASN A 1 37  ? 0.310   -10.068 -3.978  1.00 10.20 ? 37  ASN A C   1 
ATOM   287  O O   . ASN A 1 37  ? 0.999   -11.037 -4.360  1.00 10.63 ? 37  ASN A O   1 
ATOM   288  C CB  . ASN A 1 37  ? -1.406  -10.720 -5.695  1.00 13.19 ? 37  ASN A CB  1 
ATOM   289  C CG  . ASN A 1 37  ? -1.713  -12.151 -5.383  1.00 15.65 ? 37  ASN A CG  1 
ATOM   290  O OD1 . ASN A 1 37  ? -2.047  -12.495 -4.259  1.00 15.77 ? 37  ASN A OD1 1 
ATOM   291  N ND2 . ASN A 1 37  ? -1.578  -13.010 -6.376  1.00 19.42 ? 37  ASN A ND2 1 
ATOM   292  N N   . PHE A 1 38  ? 0.747   -9.110  -3.196  1.00 7.86  ? 38  PHE A N   1 
ATOM   293  C CA  . PHE A 1 38  ? 2.061   -9.107  -2.541  1.00 8.06  ? 38  PHE A CA  1 
ATOM   294  C C   . PHE A 1 38  ? 3.221   -8.949  -3.572  1.00 8.07  ? 38  PHE A C   1 
ATOM   295  O O   . PHE A 1 38  ? 4.391   -9.093  -3.211  1.00 7.12  ? 38  PHE A O   1 
ATOM   296  C CB  . PHE A 1 38  ? 2.293   -10.432 -1.748  1.00 7.59  ? 38  PHE A CB  1 
ATOM   297  C CG  . PHE A 1 38  ? 1.352   -10.700 -0.593  1.00 7.89  ? 38  PHE A CG  1 
ATOM   298  C CD1 . PHE A 1 38  ? 0.862   -9.692  0.250   1.00 7.97  ? 38  PHE A CD1 1 
ATOM   299  C CD2 . PHE A 1 38  ? 1.025   -11.994 -0.345  1.00 8.09  ? 38  PHE A CD2 1 
ATOM   300  C CE1 . PHE A 1 38  ? 0.033   -10.005 1.296   1.00 7.67  ? 38  PHE A CE1 1 
ATOM   301  C CE2 . PHE A 1 38  ? 0.172   -12.335 0.715   1.00 8.20  ? 38  PHE A CE2 1 
ATOM   302  C CZ  . PHE A 1 38  ? -0.289  -11.344 1.523   1.00 7.71  ? 38  PHE A CZ  1 
ATOM   303  N N   . ASN A 1 39  ? 2.900   -8.361  -4.724  1.00 8.51  ? 39  ASN A N   1 
ATOM   304  C CA  . ASN A 1 39  ? 3.865   -8.140  -5.813  1.00 8.90  ? 39  ASN A CA  1 
ATOM   305  C C   . ASN A 1 39  ? 4.290   -6.680  -5.894  1.00 8.26  ? 39  ASN A C   1 
ATOM   306  O O   . ASN A 1 39  ? 3.514   -5.808  -6.298  1.00 9.90  ? 39  ASN A O   1 
ATOM   307  C CB  . ASN A 1 39  ? 3.167   -8.561  -7.093  1.00 8.74  ? 39  ASN A CB  1 
ATOM   308  C CG  . ASN A 1 39  ? 4.112   -8.560  -8.309  1.00 8.92  ? 39  ASN A CG  1 
ATOM   309  O OD1 . ASN A 1 39  ? 5.310   -8.195  -8.197  1.00 8.00  ? 39  ASN A OD1 1 
ATOM   310  N ND2 . ASN A 1 39  ? 3.621   -9.047  -9.374  1.00 11.64 ? 39  ASN A ND2 1 
ATOM   311  N N   . THR A 1 40  ? 5.556   -6.382  -5.558  1.00 8.16  ? 40  THR A N   1 
ATOM   312  C CA  . THR A 1 40  ? 6.039   -5.020  -5.643  1.00 8.68  ? 40  THR A CA  1 
ATOM   313  C C   . THR A 1 40  ? 5.932   -4.456  -7.059  1.00 8.20  ? 40  THR A C   1 
ATOM   314  O O   . THR A 1 40  ? 5.866   -3.212  -7.213  1.00 7.97  ? 40  THR A O   1 
ATOM   315  C CB  . THR A 1 40  ? 7.493   -4.831  -5.134  1.00 9.98  ? 40  THR A CB  1 
ATOM   316  O OG1 . THR A 1 40  ? 8.382   -5.515  -6.023  1.00 10.74 ? 40  THR A OG1 1 
ATOM   317  C CG2 . THR A 1 40  ? 7.653   -5.366  -3.755  1.00 10.75 ? 40  THR A CG2 1 
ATOM   318  N N   . GLN A 1 41  ? 5.900   -5.276  -8.098  1.00 7.78  ? 41  GLN A N   1 
ATOM   319  C CA  . GLN A 1 41  ? 5.931   -4.733  -9.456  1.00 7.97  ? 41  GLN A CA  1 
ATOM   320  C C   . GLN A 1 41  ? 4.544   -4.468  -10.008 1.00 7.31  ? 41  GLN A C   1 
ATOM   321  O O   . GLN A 1 41  ? 4.420   -4.055  -11.096 1.00 7.17  ? 41  GLN A O   1 
ATOM   322  C CB  . GLN A 1 41  ? 6.641   -5.661  -10.472 1.00 8.80  ? 41  GLN A CB  1 
ATOM   323  C CG  . GLN A 1 41  ? 8.065   -5.961  -10.048 1.00 9.72  ? 41  GLN A CG  1 
ATOM   324  C CD  . GLN A 1 41  ? 8.894   -6.607  -11.160 1.00 10.26 ? 41  GLN A CD  1 
ATOM   325  O OE1 . GLN A 1 41  ? 9.306   -7.792  -11.081 1.00 11.76 ? 41  GLN A OE1 1 
ATOM   326  N NE2 . GLN A 1 41  ? 9.049   -5.865  -12.235 1.00 9.69  ? 41  GLN A NE2 1 
ATOM   327  N N   . ALA A 1 42  ? 3.486   -4.696  -9.248  1.00 6.54  ? 42  ALA A N   1 
ATOM   328  C CA  . ALA A 1 42  ? 2.121   -4.540  -9.750  1.00 6.78  ? 42  ALA A CA  1 
ATOM   329  C C   . ALA A 1 42  ? 1.824   -3.102  -10.169 1.00 6.37  ? 42  ALA A C   1 
ATOM   330  O O   . ALA A 1 42  ? 2.099   -2.127  -9.403  1.00 7.14  ? 42  ALA A O   1 
ATOM   331  C CB  . ALA A 1 42  ? 1.116   -4.972  -8.690  1.00 7.46  ? 42  ALA A CB  1 
ATOM   332  N N   . THR A 1 43  ? 1.218   -3.001  -11.374 1.00 6.29  ? 43  THR A N   1 
ATOM   333  C CA  . THR A 1 43  ? 0.691   -1.724  -11.860 1.00 6.68  ? 43  THR A CA  1 
ATOM   334  C C   . THR A 1 43  ? -0.714  -1.924  -12.435 1.00 7.57  ? 43  THR A C   1 
ATOM   335  O O   . THR A 1 43  ? -0.928  -2.933  -13.110 1.00 8.51  ? 43  THR A O   1 
ATOM   336  C CB  . THR A 1 43  ? 1.565   -1.112  -12.967 1.00 7.07  ? 43  THR A CB  1 
ATOM   337  O OG1 . THR A 1 43  ? 1.675   -2.000  -14.097 1.00 7.91  ? 43  THR A OG1 1 
ATOM   338  C CG2 . THR A 1 43  ? 3.003   -0.843  -12.416 1.00 7.05  ? 43  THR A CG2 1 
ATOM   339  N N   . ASN A 1 44  ? -1.601  -0.962  -12.258 1.00 7.66  ? 44  ASN A N   1 
ATOM   340  C CA  . ASN A 1 44  ? -2.986  -1.100  -12.743 1.00 8.90  ? 44  ASN A CA  1 
ATOM   341  C C   . ASN A 1 44  ? -3.492  0.264   -13.071 1.00 10.41 ? 44  ASN A C   1 
ATOM   342  O O   . ASN A 1 44  ? -3.408  1.207   -12.240 1.00 9.59  ? 44  ASN A O   1 
ATOM   343  C CB  . ASN A 1 44  ? -3.856  -1.751  -11.690 1.00 9.17  ? 44  ASN A CB  1 
ATOM   344  C CG  . ASN A 1 44  ? -3.571  -3.218  -11.514 1.00 9.70  ? 44  ASN A CG  1 
ATOM   345  O OD1 . ASN A 1 44  ? -3.829  -4.037  -12.413 1.00 11.16 ? 44  ASN A OD1 1 
ATOM   346  N ND2 . ASN A 1 44  ? -3.026  -3.578  -10.354 1.00 9.52  ? 44  ASN A ND2 1 
ATOM   347  N N   . ARG A 1 45  ? -3.972  0.391   -14.307 1.00 11.70 ? 45  ARG A N   1 
ATOM   348  C CA  . ARG A 1 45  ? -4.554  1.653   -14.749 1.00 13.63 ? 45  ARG A CA  1 
ATOM   349  C C   . ARG A 1 45  ? -5.948  1.869   -14.184 1.00 13.01 ? 45  ARG A C   1 
ATOM   350  O O   . ARG A 1 45  ? -6.723  0.965   -14.111 1.00 13.78 ? 45  ARG A O   1 
ATOM   351  C CB  . ARG A 1 45  ? -4.547  1.763   -16.265 1.00 16.48 ? 45  ARG A CB  1 
ATOM   352  C CG  . ARG A 1 45  ? -4.457  3.227   -16.642 1.00 19.80 ? 45  ARG A CG  1 
ATOM   353  C CD  . ARG A 1 45  ? -4.698  3.485   -18.072 1.00 25.77 ? 45  ARG A CD  1 
ATOM   354  N NE  . ARG A 1 45  ? -3.483  3.651   -18.867 1.00 25.80 ? 45  ARG A NE  1 
ATOM   355  C CZ  . ARG A 1 45  ? -2.811  4.790   -19.083 1.00 24.76 ? 45  ARG A CZ  1 
ATOM   356  N NH1 . ARG A 1 45  ? -3.087  5.959   -18.492 1.00 24.26 ? 45  ARG A NH1 1 
ATOM   357  N NH2 . ARG A 1 45  ? -1.827  4.733   -19.939 1.00 25.35 ? 45  ARG A NH2 1 
ATOM   358  N N   . ASN A 1 46  ? -6.236  3.087   -13.723 1.00 12.47 ? 46  ASN A N   1 
ATOM   359  C CA  . ASN A 1 46  ? -7.553  3.458   -13.233 1.00 14.20 ? 46  ASN A CA  1 
ATOM   360  C C   . ASN A 1 46  ? -8.336  4.075   -14.430 1.00 13.59 ? 46  ASN A C   1 
ATOM   361  O O   . ASN A 1 46  ? -7.741  4.617   -15.399 1.00 13.64 ? 46  ASN A O   1 
ATOM   362  C CB  . ASN A 1 46  ? -7.462  4.491   -12.079 1.00 13.02 ? 46  ASN A CB  1 
ATOM   363  C CG  . ASN A 1 46  ? -6.652  4.023   -10.900 1.00 14.45 ? 46  ASN A CG  1 
ATOM   364  O OD1 . ASN A 1 46  ? -5.717  4.693   -10.423 1.00 16.93 ? 46  ASN A OD1 1 
ATOM   365  N ND2 . ASN A 1 46  ? -6.979  2.873   -10.410 1.00 14.84 ? 46  ASN A ND2 1 
ATOM   366  N N   . THR A 1 47  ? -9.647  4.141   -14.266 1.00 17.00 ? 47  THR A N   1 
ATOM   367  C CA  . THR A 1 47  ? -10.502 4.674   -15.306 1.00 18.65 ? 47  THR A CA  1 
ATOM   368  C C   . THR A 1 47  ? -10.195 6.116   -15.605 1.00 18.53 ? 47  THR A C   1 
ATOM   369  O O   . THR A 1 47  ? -10.259 6.519   -16.808 1.00 18.13 ? 47  THR A O   1 
ATOM   370  C CB  . THR A 1 47  ? -12.008 4.549   -14.966 1.00 21.61 ? 47  THR A CB  1 
ATOM   371  O OG1 . THR A 1 47  ? -12.272 5.276   -13.765 1.00 24.76 ? 47  THR A OG1 1 
ATOM   372  C CG2 . THR A 1 47  ? -12.392 3.128   -14.759 1.00 21.97 ? 47  THR A CG2 1 
ATOM   373  N N   . ASP A 1 48  ? -9.791  6.873   -14.582 1.00 14.56 ? 48  ASP A N   1 
ATOM   374  C CA  . ASP A 1 48  ? -9.514  8.283   -14.744 1.00 14.04 ? 48  ASP A CA  1 
ATOM   375  C C   . ASP A 1 48  ? -8.183  8.590   -15.491 1.00 13.51 ? 48  ASP A C   1 
ATOM   376  O O   . ASP A 1 48  ? -7.856  9.770   -15.680 1.00 14.96 ? 48  ASP A O   1 
ATOM   377  C CB  . ASP A 1 48  ? -9.615  9.000   -13.384 1.00 14.25 ? 48  ASP A CB  1 
ATOM   378  C CG  . ASP A 1 48  ? -8.411  8.774   -12.488 1.00 15.18 ? 48  ASP A CG  1 
ATOM   379  O OD1 . ASP A 1 48  ? -7.577  7.899   -12.768 1.00 13.25 ? 48  ASP A OD1 1 
ATOM   380  O OD2 . ASP A 1 48  ? -8.387  9.415   -11.427 1.00 16.94 ? 48  ASP A OD2 1 
ATOM   381  N N   . GLY A 1 49  ? -7.444  7.571   -15.922 1.00 13.14 ? 49  GLY A N   1 
ATOM   382  C CA  . GLY A 1 49  ? -6.122  7.768   -16.517 1.00 12.53 ? 49  GLY A CA  1 
ATOM   383  C C   . GLY A 1 49  ? -4.921  7.671   -15.629 1.00 12.08 ? 49  GLY A C   1 
ATOM   384  O O   . GLY A 1 49  ? -3.806  7.638   -16.134 1.00 13.24 ? 49  GLY A O   1 
ATOM   385  N N   . SER A 1 50  ? -5.143  7.702   -14.298 1.00 10.30 ? 50  SER A N   1 
ATOM   386  C CA  . SER A 1 50  ? -4.048  7.565   -13.349 1.00 9.18  ? 50  SER A CA  1 
ATOM   387  C C   . SER A 1 50  ? -3.697  6.077   -13.337 1.00 7.75  ? 50  SER A C   1 
ATOM   388  O O   . SER A 1 50  ? -4.413  5.274   -13.922 1.00 8.60  ? 50  SER A O   1 
ATOM   389  C CB  . SER A 1 50  ? -4.494  8.086   -12.009 1.00 9.07  ? 50  SER A CB  1 
ATOM   390  O OG  . SER A 1 50  ? -5.517  7.372   -11.465 1.00 8.94  ? 50  SER A OG  1 
ATOM   391  N N   . THR A 1 51  ? -2.623  5.748   -12.657 1.00 7.49  ? 51  THR A N   1 
ATOM   392  C CA  . THR A 1 51  ? -2.231  4.357   -12.457 1.00 7.00  ? 51  THR A CA  1 
ATOM   393  C C   . THR A 1 51  ? -1.885  4.191   -10.969 1.00 7.03  ? 51  THR A C   1 
ATOM   394  O O   . THR A 1 51  ? -1.346  5.109   -10.336 1.00 6.40  ? 51  THR A O   1 
ATOM   395  C CB  . THR A 1 51  ? -1.040  4.095   -13.418 1.00 7.29  ? 51  THR A CB  1 
ATOM   396  O OG1 . THR A 1 51  ? -1.463  4.384   -14.749 1.00 7.99  ? 51  THR A OG1 1 
ATOM   397  C CG2 . THR A 1 51  ? -0.493  2.711   -13.368 1.00 7.52  ? 51  THR A CG2 1 
ATOM   398  N N   . ASP A 1 52  ? -2.085  2.966   -10.497 1.00 6.54  ? 52  ASP A N   1 
ATOM   399  C CA  . ASP A 1 52  ? -1.724  2.580   -9.147  1.00 7.31  ? 52  ASP A CA  1 
ATOM   400  C C   . ASP A 1 52  ? -0.484  1.714   -9.257  1.00 6.80  ? 52  ASP A C   1 
ATOM   401  O O   . ASP A 1 52  ? -0.428  0.779   -10.137 1.00 7.25  ? 52  ASP A O   1 
ATOM   402  C CB  . ASP A 1 52  ? -2.833  1.729   -8.529  1.00 8.34  ? 52  ASP A CB  1 
ATOM   403  C CG  . ASP A 1 52  ? -4.036  2.527   -8.086  1.00 9.32  ? 52  ASP A CG  1 
ATOM   404  O OD1 . ASP A 1 52  ? -4.056  3.779   -8.107  1.00 9.94  ? 52  ASP A OD1 1 
ATOM   405  O OD2 . ASP A 1 52  ? -4.967  1.880   -7.598  1.00 11.22 ? 52  ASP A OD2 1 
ATOM   406  N N   . TYR A 1 53  ? 0.453   1.967   -8.331  1.00 7.14  ? 53  TYR A N   1 
ATOM   407  C CA  . TYR A 1 53  ? 1.789   1.360   -8.350  1.00 7.66  ? 53  TYR A CA  1 
ATOM   408  C C   . TYR A 1 53  ? 2.194   0.626   -7.078  1.00 8.39  ? 53  TYR A C   1 
ATOM   409  O O   . TYR A 1 53  ? 1.995   1.160   -5.983  1.00 7.79  ? 53  TYR A O   1 
ATOM   410  C CB  . TYR A 1 53  ? 2.814   2.450   -8.550  1.00 7.81  ? 53  TYR A CB  1 
ATOM   411  C CG  . TYR A 1 53  ? 2.683   3.115   -9.907  1.00 7.74  ? 53  TYR A CG  1 
ATOM   412  C CD1 . TYR A 1 53  ? 1.811   4.188   -10.076 1.00 7.36  ? 53  TYR A CD1 1 
ATOM   413  C CD2 . TYR A 1 53  ? 3.466   2.740   -11.003 1.00 7.72  ? 53  TYR A CD2 1 
ATOM   414  C CE1 . TYR A 1 53  ? 1.662   4.780   -11.291 1.00 7.50  ? 53  TYR A CE1 1 
ATOM   415  C CE2 . TYR A 1 53  ? 3.293   3.314   -12.256 1.00 7.78  ? 53  TYR A CE2 1 
ATOM   416  C CZ  . TYR A 1 53  ? 2.405   4.366   -12.373 1.00 7.38  ? 53  TYR A CZ  1 
ATOM   417  O OH  . TYR A 1 53  ? 2.350   4.889   -13.663 1.00 6.73  ? 53  TYR A OH  1 
ATOM   418  N N   . GLY A 1 54  ? 2.679   -0.613  -7.223  1.00 7.62  ? 54  GLY A N   1 
ATOM   419  C CA  . GLY A 1 54  ? 3.337   -1.295  -6.150  1.00 8.24  ? 54  GLY A CA  1 
ATOM   420  C C   . GLY A 1 54  ? 2.455   -2.042  -5.185  1.00 8.67  ? 54  GLY A C   1 
ATOM   421  O O   . GLY A 1 54  ? 1.285   -2.302  -5.412  1.00 6.92  ? 54  GLY A O   1 
ATOM   422  N N   . ILE A 1 55  ? 3.143   -2.487  -4.166  1.00 10.35 ? 55  ILE A N   1 
ATOM   423  C CA  . ILE A 1 55  ? 2.597   -3.342  -3.120  1.00 11.49 ? 55  ILE A CA  1 
ATOM   424  C C   . ILE A 1 55  ? 1.299   -2.832  -2.480  1.00 10.94 ? 55  ILE A C   1 
ATOM   425  O O   . ILE A 1 55  ? 0.471   -3.607  -2.126  1.00 9.95  ? 55  ILE A O   1 
ATOM   426  C CB  . ILE A 1 55  ? 3.758   -3.604  -2.095  1.00 14.16 ? 55  ILE A CB  1 
ATOM   427  C CG1 . ILE A 1 55  ? 3.443   -4.794  -1.193  1.00 16.03 ? 55  ILE A CG1 1 
ATOM   428  C CG2 . ILE A 1 55  ? 4.169   -2.308  -1.370  1.00 13.73 ? 55  ILE A CG2 1 
ATOM   429  C CD1 . ILE A 1 55  ? 3.717   -6.127  -1.847  1.00 16.55 ? 55  ILE A CD1 1 
ATOM   430  N N   . LEU A 1 56  ? 1.127   -1.499  -2.403  1.00 10.28 ? 56  LEU A N   1 
ATOM   431  C CA  . LEU A 1 56  ? -0.085  -0.886  -1.863  1.00 10.68 ? 56  LEU A CA  1 
ATOM   432  C C   . LEU A 1 56  ? -0.798  -0.011  -2.900  1.00 10.40 ? 56  LEU A C   1 
ATOM   433  O O   . LEU A 1 56  ? -1.649  0.818   -2.549  1.00 9.25  ? 56  LEU A O   1 
ATOM   434  C CB  . LEU A 1 56  ? 0.210   -0.092  -0.556  1.00 10.08 ? 56  LEU A CB  1 
ATOM   435  C CG  . LEU A 1 56  ? 0.535   -0.967  0.681   1.00 10.73 ? 56  LEU A CG  1 
ATOM   436  C CD1 . LEU A 1 56  ? 1.265   -0.182  1.756   1.00 11.55 ? 56  LEU A CD1 1 
ATOM   437  C CD2 . LEU A 1 56  ? -0.704  -1.676  1.211   1.00 10.58 ? 56  LEU A CD2 1 
ATOM   438  N N   . GLN A 1 57  ? -0.520  -0.246  -4.190  1.00 9.72  ? 57  GLN A N   1 
ATOM   439  C CA  . GLN A 1 57  ? -1.282  0.364   -5.229  1.00 8.27  ? 57  GLN A CA  1 
ATOM   440  C C   . GLN A 1 57  ? -1.513  1.885   -5.030  1.00 7.87  ? 57  GLN A C   1 
ATOM   441  O O   . GLN A 1 57  ? -2.596  2.392   -5.050  1.00 9.31  ? 57  GLN A O   1 
ATOM   442  C CB  . GLN A 1 57  ? -2.563  -0.388  -5.528  1.00 8.42  ? 57  GLN A CB  1 
ATOM   443  C CG  . GLN A 1 57  ? -2.265  -1.763  -6.059  1.00 7.78  ? 57  GLN A CG  1 
ATOM   444  C CD  . GLN A 1 57  ? -1.751  -1.732  -7.485  1.00 7.26  ? 57  GLN A CD  1 
ATOM   445  O OE1 . GLN A 1 57  ? -2.552  -1.597  -8.403  1.00 8.21  ? 57  GLN A OE1 1 
ATOM   446  N NE2 . GLN A 1 57  ? -0.452  -1.772  -7.668  1.00 7.41  ? 57  GLN A NE2 1 
ATOM   447  N N   . ILE A 1 58  ? -0.412  2.545   -4.851  1.00 7.23  ? 58  ILE A N   1 
ATOM   448  C CA  . ILE A 1 58  ? -0.384  3.999   -4.656  1.00 7.78  ? 58  ILE A CA  1 
ATOM   449  C C   . ILE A 1 58  ? -0.584  4.729   -5.972  1.00 8.76  ? 58  ILE A C   1 
ATOM   450  O O   . ILE A 1 58  ? 0.071   4.449   -7.006  1.00 8.52  ? 58  ILE A O   1 
ATOM   451  C CB  . ILE A 1 58  ? 0.921   4.347   -3.949  1.00 8.35  ? 58  ILE A CB  1 
ATOM   452  C CG1 . ILE A 1 58  ? 0.871   3.772   -2.511  1.00 8.54  ? 58  ILE A CG1 1 
ATOM   453  C CG2 . ILE A 1 58  ? 1.191   5.841   -3.846  1.00 8.74  ? 58  ILE A CG2 1 
ATOM   454  C CD1 . ILE A 1 58  ? 2.139   4.058   -1.767  1.00 9.78  ? 58  ILE A CD1 1 
ATOM   455  N N   . ASN A 1 59  ? -1.518  5.694   -5.921  1.00 9.92  ? 59  ASN A N   1 
ATOM   456  C CA  . ASN A 1 59  ? -2.105  6.270   -7.086  1.00 11.46 ? 59  ASN A CA  1 
ATOM   457  C C   . ASN A 1 59  ? -1.382  7.528   -7.607  1.00 10.63 ? 59  ASN A C   1 
ATOM   458  O O   . ASN A 1 59  ? -1.135  8.449   -6.868  1.00 12.23 ? 59  ASN A O   1 
ATOM   459  C CB  . ASN A 1 59  ? -3.601  6.606   -6.841  1.00 14.58 ? 59  ASN A CB  1 
ATOM   460  C CG  . ASN A 1 59  ? -4.264  7.197   -8.070  1.00 16.52 ? 59  ASN A CG  1 
ATOM   461  O OD1 . ASN A 1 59  ? -4.440  8.377   -8.141  1.00 25.53 ? 59  ASN A OD1 1 
ATOM   462  N ND2 . ASN A 1 59  ? -4.536  6.412   -9.045  1.00 22.12 ? 59  ASN A ND2 1 
ATOM   463  N N   . SER A 1 60  ? -1.058  7.568   -8.912  1.00 10.21 ? 60  SER A N   1 
ATOM   464  C CA  . SER A 1 60  ? -0.430  8.734   -9.543  1.00 11.45 ? 60  SER A CA  1 
ATOM   465  C C   . SER A 1 60  ? -1.284  9.993   -9.614  1.00 12.45 ? 60  SER A C   1 
ATOM   466  O O   . SER A 1 60  ? -0.741  11.014  -9.931  1.00 13.98 ? 60  SER A O   1 
ATOM   467  C CB  . SER A 1 60  ? 0.004   8.386   -10.961 1.00 10.59 ? 60  SER A CB  1 
ATOM   468  O OG  . SER A 1 60  ? -1.078  8.123   -11.739 1.00 9.77  ? 60  SER A OG  1 
ATOM   469  N N   . ARG A 1 61  ? -2.593  9.891   -9.412  1.00 12.92 ? 61  ARG A N   1 
ATOM   470  C CA  . ARG A 1 61  ? -3.472  11.120  -9.352  1.00 16.34 ? 61  ARG A CA  1 
ATOM   471  C C   . ARG A 1 61  ? -2.988  12.044  -8.255  1.00 15.07 ? 61  ARG A C   1 
ATOM   472  O O   . ARG A 1 61  ? -2.988  13.258  -8.455  1.00 17.05 ? 61  ARG A O   1 
ATOM   473  C CB  . ARG A 1 61  ? -4.930  10.706  -9.139  1.00 20.66 ? 61  ARG A CB  1 
ATOM   474  C CG  . ARG A 1 61  ? -5.958  11.815  -9.022  1.00 24.93 ? 61  ARG A CG  1 
ATOM   475  C CD  . ARG A 1 61  ? -6.035  12.710  -10.225 1.00 28.17 ? 61  ARG A CD  1 
ATOM   476  N NE  . ARG A 1 61  ? -7.029  13.708  -9.854  1.00 33.42 ? 61  ARG A NE  1 
ATOM   477  C CZ  . ARG A 1 61  ? -6.785  14.863  -9.225  1.00 31.86 ? 61  ARG A CZ  1 
ATOM   478  N NH1 . ARG A 1 61  ? -5.547  15.285  -8.938  1.00 32.58 ? 61  ARG A NH1 1 
ATOM   479  N NH2 . ARG A 1 61  ? -7.820  15.622  -8.905  1.00 32.55 ? 61  ARG A NH2 1 
ATOM   480  N N   . TRP A 1 62  ? -2.599  11.520  -7.076  1.00 13.37 ? 62  TRP A N   1 
ATOM   481  C CA  . TRP A 1 62  ? -2.250  12.365  -5.911  1.00 13.70 ? 62  TRP A CA  1 
ATOM   482  C C   . TRP A 1 62  ? -0.848  12.237  -5.395  1.00 11.66 ? 62  TRP A C   1 
ATOM   483  O O   . TRP A 1 62  ? -0.263  13.190  -4.961  1.00 11.87 ? 62  TRP A O   1 
ATOM   484  C CB  . TRP A 1 62  ? -3.231  12.100  -4.716  1.00 15.12 ? 62  TRP A CB  1 
ATOM   485  C CG  . TRP A 1 62  ? -4.674  12.307  -5.077  1.00 19.03 ? 62  TRP A CG  1 
ATOM   486  C CD1 . TRP A 1 62  ? -5.606  11.351  -5.327  1.00 22.16 ? 62  TRP A CD1 1 
ATOM   487  C CD2 . TRP A 1 62  ? -5.307  13.556  -5.277  1.00 21.89 ? 62  TRP A CD2 1 
ATOM   488  N NE1 . TRP A 1 62  ? -6.805  11.929  -5.674  1.00 24.32 ? 62  TRP A NE1 1 
ATOM   489  C CE2 . TRP A 1 62  ? -6.653  13.291  -5.651  1.00 22.80 ? 62  TRP A CE2 1 
ATOM   490  C CE3 . TRP A 1 62  ? -4.871  14.878  -5.200  1.00 22.19 ? 62  TRP A CE3 1 
ATOM   491  C CZ2 . TRP A 1 62  ? -7.573  14.306  -5.923  1.00 25.05 ? 62  TRP A CZ2 1 
ATOM   492  C CZ3 . TRP A 1 62  ? -5.806  15.904  -5.483  1.00 26.56 ? 62  TRP A CZ3 1 
ATOM   493  C CH2 . TRP A 1 62  ? -7.124  15.601  -5.845  1.00 25.71 ? 62  TRP A CH2 1 
ATOM   494  N N   . TRP A 1 63  ? -0.269  11.049  -5.481  1.00 9.89  ? 63  TRP A N   1 
ATOM   495  C CA  . TRP A 1 63  ? 0.889   10.678  -4.594  1.00 10.24 ? 63  TRP A CA  1 
ATOM   496  C C   . TRP A 1 63  ? 2.248   10.535  -5.225  1.00 8.79  ? 63  TRP A C   1 
ATOM   497  O O   . TRP A 1 63  ? 3.237   10.724  -4.564  1.00 9.69  ? 63  TRP A O   1 
ATOM   498  C CB  . TRP A 1 63  ? 0.505   9.364   -3.873  1.00 9.78  ? 63  TRP A CB  1 
ATOM   499  C CG  . TRP A 1 63  ? -0.797  9.504   -3.128  1.00 9.49  ? 63  TRP A CG  1 
ATOM   500  C CD1 . TRP A 1 63  ? -2.003  8.996   -3.484  1.00 10.08 ? 63  TRP A CD1 1 
ATOM   501  C CD2 . TRP A 1 63  ? -1.060  10.370  -1.983  1.00 10.89 ? 63  TRP A CD2 1 
ATOM   502  N NE1 . TRP A 1 63  ? -2.985  9.428   -2.598  1.00 11.14 ? 63  TRP A NE1 1 
ATOM   503  C CE2 . TRP A 1 63  ? -2.437  10.291  -1.707  1.00 11.44 ? 63  TRP A CE2 1 
ATOM   504  C CE3 . TRP A 1 63  ? -0.249  11.198  -1.196  1.00 10.59 ? 63  TRP A CE3 1 
ATOM   505  C CZ2 . TRP A 1 63  ? -3.038  10.973  -0.616  1.00 10.87 ? 63  TRP A CZ2 1 
ATOM   506  C CZ3 . TRP A 1 63  ? -0.841  11.876  -0.079  1.00 10.68 ? 63  TRP A CZ3 1 
ATOM   507  C CH2 . TRP A 1 63  ? -2.218  11.749  0.155   1.00 11.04 ? 63  TRP A CH2 1 
ATOM   508  N N   . CYS A 1 64  ? 2.318   10.142  -6.500  1.00 8.94  ? 64  CYS A N   1 
ATOM   509  C CA  . CYS A 1 64  ? 3.634   9.958   -7.141  1.00 8.42  ? 64  CYS A CA  1 
ATOM   510  C C   . CYS A 1 64  ? 3.577   10.509  -8.526  1.00 8.84  ? 64  CYS A C   1 
ATOM   511  O O   . CYS A 1 64  ? 2.542   10.668  -9.028  1.00 7.61  ? 64  CYS A O   1 
ATOM   512  C CB  . CYS A 1 64  ? 4.090   8.483   -7.168  1.00 8.55  ? 64  CYS A CB  1 
ATOM   513  S SG  . CYS A 1 64  ? 2.932   7.357   -7.963  1.00 8.19  ? 64  CYS A SG  1 
ATOM   514  N N   . ASN A 1 65  ? 4.737   10.753  -9.142  1.00 9.78  ? 65  ASN A N   1 
ATOM   515  C CA  . ASN A 1 65  ? 4.800   11.279  -10.477 1.00 11.18 ? 65  ASN A CA  1 
ATOM   516  C C   . ASN A 1 65  ? 5.101   10.158  -11.474 1.00 9.86  ? 65  ASN A C   1 
ATOM   517  O O   . ASN A 1 65  ? 6.099   9.499   -11.346 1.00 12.68 ? 65  ASN A O   1 
ATOM   518  C CB  . ASN A 1 65  ? 5.854   12.330  -10.631 1.00 11.97 ? 65  ASN A CB  1 
ATOM   519  C CG  . ASN A 1 65  ? 5.902   12.817  -12.061 1.00 14.62 ? 65  ASN A CG  1 
ATOM   520  O OD1 . ASN A 1 65  ? 4.867   13.199  -12.636 1.00 14.82 ? 65  ASN A OD1 1 
ATOM   521  N ND2 . ASN A 1 65  ? 7.084   12.810  -12.630 1.00 16.67 ? 65  ASN A ND2 1 
ATOM   522  N N   . ASP A 1 66  ? 4.217   9.989   -12.455 1.00 9.87  ? 66  ASP A N   1 
ATOM   523  C CA  . ASP A 1 66  ? 4.466   9.047   -13.538 1.00 10.65 ? 66  ASP A CA  1 
ATOM   524  C C   . ASP A 1 66  ? 4.551   9.745   -14.906 1.00 11.31 ? 66  ASP A C   1 
ATOM   525  O O   . ASP A 1 66  ? 4.728   9.035   -15.921 1.00 13.33 ? 66  ASP A O   1 
ATOM   526  C CB  . ASP A 1 66  ? 3.443   7.853   -13.507 1.00 9.14  ? 66  ASP A CB  1 
ATOM   527  C CG  . ASP A 1 66  ? 2.045   8.181   -13.981 1.00 7.86  ? 66  ASP A CG  1 
ATOM   528  O OD1 . ASP A 1 66  ? 1.753   9.362   -14.248 1.00 7.82  ? 66  ASP A OD1 1 
ATOM   529  O OD2 . ASP A 1 66  ? 1.169   7.295   -13.953 1.00 7.21  ? 66  ASP A OD2 1 
ATOM   530  N N   . GLY A 1 67  ? 4.469   11.079  -14.928 1.00 11.96 ? 67  GLY A N   1 
ATOM   531  C CA  . GLY A 1 67  ? 4.584   11.844  -16.165 1.00 12.67 ? 67  GLY A CA  1 
ATOM   532  C C   . GLY A 1 67  ? 3.434   11.729  -17.128 1.00 12.79 ? 67  GLY A C   1 
ATOM   533  O O   . GLY A 1 67  ? 3.534   12.307  -18.207 1.00 16.26 ? 67  GLY A O   1 
ATOM   534  N N   . ARG A 1 68  ? 2.360   10.969  -16.844 1.00 11.67 ? 68  ARG A N   1 
ATOM   535  C CA  . ARG A 1 68  ? 1.255   10.821  -17.798 1.00 12.17 ? 68  ARG A CA  1 
ATOM   536  C C   . ARG A 1 68  ? -0.100  10.930  -17.097 1.00 12.35 ? 68  ARG A C   1 
ATOM   537  O O   . ARG A 1 68  ? -1.094  10.421  -17.631 1.00 13.95 ? 68  ARG A O   1 
ATOM   538  C CB  . ARG A 1 68  ? 1.311   9.465   -18.509 1.00 11.57 ? 68  ARG A CB  1 
ATOM   539  C CG  . ARG A 1 68  ? 1.138   8.283   -17.538 1.00 10.93 ? 68  ARG A CG  1 
ATOM   540  C CD  . ARG A 1 68  ? 1.059   7.031   -18.375 1.00 10.76 ? 68  ARG A CD  1 
ATOM   541  N NE  . ARG A 1 68  ? 0.491   5.912   -17.640 1.00 10.43 ? 68  ARG A NE  1 
ATOM   542  C CZ  . ARG A 1 68  ? 0.537   4.619   -17.996 1.00 10.32 ? 68  ARG A CZ  1 
ATOM   543  N NH1 . ARG A 1 68  ? 1.037   4.261   -19.177 1.00 11.95 ? 68  ARG A NH1 1 
ATOM   544  N NH2 . ARG A 1 68  ? -0.038  3.685   -17.203 1.00 9.96  ? 68  ARG A NH2 1 
ATOM   545  N N   . THR A 1 69  ? -0.188  11.589  -15.921 1.00 12.13 ? 69  THR A N   1 
ATOM   546  C CA  . THR A 1 69  ? -1.461  11.803  -15.227 1.00 12.36 ? 69  THR A CA  1 
ATOM   547  C C   . THR A 1 69  ? -1.756  13.277  -15.131 1.00 14.40 ? 69  THR A C   1 
ATOM   548  O O   . THR A 1 69  ? -1.296  13.941  -14.211 1.00 13.60 ? 69  THR A O   1 
ATOM   549  C CB  . THR A 1 69  ? -1.464  11.146  -13.852 1.00 12.47 ? 69  THR A CB  1 
ATOM   550  O OG1 . THR A 1 69  ? -0.852  9.849   -14.018 1.00 10.44 ? 69  THR A OG1 1 
ATOM   551  C CG2 . THR A 1 69  ? -2.931  11.035  -13.299 1.00 11.89 ? 69  THR A CG2 1 
ATOM   552  N N   . PRO A 1 70  ? -2.488  13.805  -16.122 1.00 18.99 ? 70  PRO A N   1 
ATOM   553  C CA  . PRO A 1 70  ? -2.618  15.266  -16.155 1.00 19.71 ? 70  PRO A CA  1 
ATOM   554  C C   . PRO A 1 70  ? -3.366  15.753  -14.968 1.00 23.37 ? 70  PRO A C   1 
ATOM   555  O O   . PRO A 1 70  ? -4.358  15.164  -14.589 1.00 28.71 ? 70  PRO A O   1 
ATOM   556  C CB  . PRO A 1 70  ? -3.483  15.508  -17.399 1.00 22.39 ? 70  PRO A CB  1 
ATOM   557  C CG  . PRO A 1 70  ? -3.249  14.338  -18.276 1.00 22.69 ? 70  PRO A CG  1 
ATOM   558  C CD  . PRO A 1 70  ? -3.128  13.192  -17.305 1.00 20.97 ? 70  PRO A CD  1 
ATOM   559  N N   . GLY A 1 71  ? -2.880  16.840  -14.384 1.00 22.74 ? 71  GLY A N   1 
ATOM   560  C CA  . GLY A 1 71  ? -3.566  17.514  -13.337 1.00 24.79 ? 71  GLY A CA  1 
ATOM   561  C C   . GLY A 1 71  ? -3.349  16.870  -12.011 1.00 25.25 ? 71  GLY A C   1 
ATOM   562  O O   . GLY A 1 71  ? -3.980  17.273  -11.066 1.00 28.01 ? 71  GLY A O   1 
ATOM   563  N N   . SER A 1 72  ? -2.454  15.879  -11.959 1.00 26.94 ? 72  SER A N   1 
ATOM   564  C CA  . SER A 1 72  ? -2.190  15.118  -10.776 1.00 25.36 ? 72  SER A CA  1 
ATOM   565  C C   . SER A 1 72  ? -1.178  15.834  -9.912  1.00 26.83 ? 72  SER A C   1 
ATOM   566  O O   . SER A 1 72  ? -0.470  16.746  -10.347 1.00 31.67 ? 72  SER A O   1 
ATOM   567  C CB  . SER A 1 72  ? -1.584  13.770  -11.149 1.00 23.40 ? 72  SER A CB  1 
ATOM   568  O OG  . SER A 1 72  ? -0.288  13.938  -11.689 1.00 20.41 ? 72  SER A OG  1 
ATOM   569  N N   . ARG A 1 73  ? -1.086  15.387  -8.679  1.00 24.32 ? 73  ARG A N   1 
ATOM   570  C CA  . ARG A 1 73  ? -0.068  15.887  -7.780  1.00 22.19 ? 73  ARG A CA  1 
ATOM   571  C C   . ARG A 1 73  ? 0.858   14.684  -7.503  1.00 18.90 ? 73  ARG A C   1 
ATOM   572  O O   . ARG A 1 73  ? 0.623   13.551  -7.997  1.00 19.04 ? 73  ARG A O   1 
ATOM   573  C CB  . ARG A 1 73  ? -0.737  16.396  -6.498  1.00 23.78 ? 73  ARG A CB  1 
ATOM   574  C CG  . ARG A 1 73  ? -1.967  17.289  -6.732  1.00 25.96 ? 73  ARG A CG  1 
ATOM   575  C CD  . ARG A 1 73  ? -1.513  18.715  -6.973  1.00 29.04 ? 73  ARG A CD  1 
ATOM   576  N NE  . ARG A 1 73  ? -0.875  19.274  -5.776  1.00 32.17 ? 73  ARG A NE  1 
ATOM   577  C CZ  . ARG A 1 73  ? -1.522  19.854  -4.754  1.00 34.24 ? 73  ARG A CZ  1 
ATOM   578  N NH1 . ARG A 1 73  ? -2.856  19.942  -4.731  1.00 34.43 ? 73  ARG A NH1 1 
ATOM   579  N NH2 . ARG A 1 73  ? -0.838  20.323  -3.717  1.00 33.16 ? 73  ARG A NH2 1 
ATOM   580  N N   . ASN A 1 74  ? 1.915   14.978  -6.747  1.00 15.72 ? 74  ASN A N   1 
ATOM   581  C CA  . ASN A 1 74  ? 3.001   14.096  -6.388  1.00 14.55 ? 74  ASN A CA  1 
ATOM   582  C C   . ASN A 1 74  ? 3.321   14.386  -4.904  1.00 13.76 ? 74  ASN A C   1 
ATOM   583  O O   . ASN A 1 74  ? 4.436   14.846  -4.530  1.00 12.79 ? 74  ASN A O   1 
ATOM   584  C CB  . ASN A 1 74  ? 4.214   14.408  -7.253  1.00 14.63 ? 74  ASN A CB  1 
ATOM   585  C CG  . ASN A 1 74  ? 5.404   13.549  -6.932  1.00 14.78 ? 74  ASN A CG  1 
ATOM   586  O OD1 . ASN A 1 74  ? 5.310   12.606  -6.161  1.00 13.64 ? 74  ASN A OD1 1 
ATOM   587  N ND2 . ASN A 1 74  ? 6.560   13.867  -7.552  1.00 15.34 ? 74  ASN A ND2 1 
ATOM   588  N N   . LEU A 1 75  ? 2.338   14.059  -4.078  1.00 13.54 ? 75  LEU A N   1 
ATOM   589  C CA  . LEU A 1 75  ? 2.443   14.450  -2.672  1.00 14.94 ? 75  LEU A CA  1 
ATOM   590  C C   . LEU A 1 75  ? 3.472   13.667  -1.876  1.00 13.90 ? 75  LEU A C   1 
ATOM   591  O O   . LEU A 1 75  ? 3.927   14.167  -0.867  1.00 14.64 ? 75  LEU A O   1 
ATOM   592  C CB  . LEU A 1 75  ? 1.095   14.465  -2.023  1.00 16.42 ? 75  LEU A CB  1 
ATOM   593  C CG  . LEU A 1 75  ? 0.054   15.412  -2.585  1.00 17.06 ? 75  LEU A CG  1 
ATOM   594  C CD1 . LEU A 1 75  ? -1.338  15.027  -2.119  1.00 17.44 ? 75  LEU A CD1 1 
ATOM   595  C CD2 . LEU A 1 75  ? 0.352   16.876  -2.253  1.00 18.78 ? 75  LEU A CD2 1 
ATOM   596  N N   . CYS A 1 76  ? 3.883   12.460  -2.312  1.00 12.15 ? 76  CYS A N   1 
ATOM   597  C CA  . CYS A 1 76  ? 4.986   11.784  -1.715  1.00 11.77 ? 76  CYS A CA  1 
ATOM   598  C C   . CYS A 1 76  ? 6.376   12.172  -2.265  1.00 12.61 ? 76  CYS A C   1 
ATOM   599  O O   . CYS A 1 76  ? 7.341   11.600  -1.836  1.00 13.80 ? 76  CYS A O   1 
ATOM   600  C CB  . CYS A 1 76  ? 4.797   10.254  -1.810  1.00 11.63 ? 76  CYS A CB  1 
ATOM   601  S SG  . CYS A 1 76  ? 3.324   9.783   -0.841  1.00 10.90 ? 76  CYS A SG  1 
ATOM   602  N N   . ASN A 1 77  ? 6.435   13.092  -3.240  1.00 15.10 ? 77  ASN A N   1 
ATOM   603  C CA  . ASN A 1 77  ? 7.673   13.573  -3.870  1.00 17.18 ? 77  ASN A CA  1 
ATOM   604  C C   . ASN A 1 77  ? 8.536   12.465  -4.344  1.00 15.47 ? 77  ASN A C   1 
ATOM   605  O O   . ASN A 1 77  ? 9.695   12.384  -3.981  1.00 15.12 ? 77  ASN A O   1 
ATOM   606  C CB  . ASN A 1 77  ? 8.496   14.433  -2.899  1.00 21.25 ? 77  ASN A CB  1 
ATOM   607  C CG  . ASN A 1 77  ? 7.714   15.591  -2.380  1.00 25.11 ? 77  ASN A CG  1 
ATOM   608  O OD1 . ASN A 1 77  ? 7.442   15.695  -1.178  1.00 32.75 ? 77  ASN A OD1 1 
ATOM   609  N ND2 . ASN A 1 77  ? 7.307   16.448  -3.266  1.00 28.51 ? 77  ASN A ND2 1 
ATOM   610  N N   . ILE A 1 78  ? 7.930   11.577  -5.110  1.00 15.03 ? 78  ILE A N   1 
ATOM   611  C CA  . ILE A 1 78  ? 8.600   10.376  -5.567  1.00 15.06 ? 78  ILE A CA  1 
ATOM   612  C C   . ILE A 1 78  ? 8.163   10.025  -7.032  1.00 12.62 ? 78  ILE A C   1 
ATOM   613  O O   . ILE A 1 78  ? 6.978   10.131  -7.370  1.00 11.34 ? 78  ILE A O   1 
ATOM   614  C CB  . ILE A 1 78  ? 8.362   9.220   -4.541  1.00 16.60 ? 78  ILE A CB  1 
ATOM   615  C CG1 . ILE A 1 78  ? 9.317   8.058   -4.731  1.00 21.07 ? 78  ILE A CG1 1 
ATOM   616  C CG2 . ILE A 1 78  ? 6.901   8.721   -4.517  1.00 15.74 ? 78  ILE A CG2 1 
ATOM   617  C CD1 . ILE A 1 78  ? 10.785  8.327   -4.442  1.00 23.86 ? 78  ILE A CD1 1 
ATOM   618  N N   . PRO A 1 79  ? 9.103   9.562   -7.890  1.00 12.02 ? 79  PRO A N   1 
ATOM   619  C CA  . PRO A 1 79  ? 8.625   8.900   -9.118  1.00 11.73 ? 79  PRO A CA  1 
ATOM   620  C C   . PRO A 1 79  ? 7.831   7.632   -8.828  1.00 10.11 ? 79  PRO A C   1 
ATOM   621  O O   . PRO A 1 79  ? 8.195   6.897   -7.984  1.00 11.17 ? 79  PRO A O   1 
ATOM   622  C CB  . PRO A 1 79  ? 9.908   8.560   -9.908  1.00 11.62 ? 79  PRO A CB  1 
ATOM   623  C CG  . PRO A 1 79  ? 11.068  8.777   -8.973  1.00 13.73 ? 79  PRO A CG  1 
ATOM   624  C CD  . PRO A 1 79  ? 10.575  9.551   -7.736  1.00 12.27 ? 79  PRO A CD  1 
ATOM   625  N N   . CYS A 1 80  ? 6.743   7.394   -9.555  1.00 8.73  ? 80  CYS A N   1 
ATOM   626  C CA  . CYS A 1 80  ? 5.916   6.189   -9.289  1.00 8.44  ? 80  CYS A CA  1 
ATOM   627  C C   . CYS A 1 80  ? 6.745   4.899   -9.421  1.00 9.48  ? 80  CYS A C   1 
ATOM   628  O O   . CYS A 1 80  ? 6.553   3.922   -8.690  1.00 8.92  ? 80  CYS A O   1 
ATOM   629  C CB  . CYS A 1 80  ? 4.617   6.103   -10.077 1.00 7.93  ? 80  CYS A CB  1 
ATOM   630  S SG  . CYS A 1 80  ? 3.568   7.523   -9.888  1.00 7.66  ? 80  CYS A SG  1 
ATOM   631  N N   . SER A 1 81  ? 7.767   4.926   -10.301 1.00 9.06  ? 81  SER A N   1 
ATOM   632  C CA  . SER A 1 81  ? 8.597   3.725   -10.495 1.00 11.01 ? 81  SER A CA  1 
ATOM   633  C C   . SER A 1 81  ? 9.343   3.397   -9.192  1.00 12.27 ? 81  SER A C   1 
ATOM   634  O O   . SER A 1 81  ? 9.656   2.230   -8.922  1.00 11.57 ? 81  SER A O   1 
ATOM   635  C CB  . SER A 1 81  ? 9.556   3.976   -11.680 1.00 11.84 ? 81  SER A CB  1 
ATOM   636  O OG  . SER A 1 81  ? 10.458  5.021   -11.292 1.00 14.24 ? 81  SER A OG  1 
ATOM   637  N N   . ALA A 1 82  ? 9.636   4.367   -8.308  1.00 13.29 ? 82  ALA A N   1 
ATOM   638  C CA  . ALA A 1 82  ? 10.306  4.000   -7.033  1.00 14.91 ? 82  ALA A CA  1 
ATOM   639  C C   . ALA A 1 82  ? 9.436   3.151   -6.103  1.00 15.63 ? 82  ALA A C   1 
ATOM   640  O O   . ALA A 1 82  ? 9.906   2.436   -5.170  1.00 16.09 ? 82  ALA A O   1 
ATOM   641  C CB  . ALA A 1 82  ? 10.797  5.271   -6.310  1.00 17.03 ? 82  ALA A CB  1 
ATOM   642  N N   . LEU A 1 83  ? 8.134   3.163   -6.378  1.00 13.01 ? 83  LEU A N   1 
ATOM   643  C CA  . LEU A 1 83  ? 7.216   2.349   -5.657  1.00 14.18 ? 83  LEU A CA  1 
ATOM   644  C C   . LEU A 1 83  ? 7.182   0.889   -6.121  1.00 13.76 ? 83  LEU A C   1 
ATOM   645  O O   . LEU A 1 83  ? 6.409   0.118   -5.642  1.00 13.97 ? 83  LEU A O   1 
ATOM   646  C CB  . LEU A 1 83  ? 5.840   2.975   -5.702  1.00 14.06 ? 83  LEU A CB  1 
ATOM   647  C CG  . LEU A 1 83  ? 5.868   4.419   -5.206  1.00 14.71 ? 83  LEU A CG  1 
ATOM   648  C CD1 . LEU A 1 83  ? 4.445   4.908   -5.387  1.00 15.74 ? 83  LEU A CD1 1 
ATOM   649  C CD2 . LEU A 1 83  ? 6.448   4.554   -3.765  1.00 16.14 ? 83  LEU A CD2 1 
ATOM   650  N N   . LEU A 1 84  ? 8.003   0.512   -7.119  1.00 12.57 ? 84  LEU A N   1 
ATOM   651  C CA  . LEU A 1 84  ? 7.995   -0.880  -7.583  1.00 13.05 ? 84  LEU A CA  1 
ATOM   652  C C   . LEU A 1 84  ? 9.189   -1.688  -7.118  1.00 13.43 ? 84  LEU A C   1 
ATOM   653  O O   . LEU A 1 84  ? 9.359   -2.894  -7.466  1.00 14.40 ? 84  LEU A O   1 
ATOM   654  C CB  . LEU A 1 84  ? 7.967   -0.850  -9.123  1.00 12.16 ? 84  LEU A CB  1 
ATOM   655  C CG  . LEU A 1 84  ? 6.780   -0.112  -9.704  1.00 12.46 ? 84  LEU A CG  1 
ATOM   656  C CD1 . LEU A 1 84  ? 6.779   -0.185  -11.237 1.00 12.47 ? 84  LEU A CD1 1 
ATOM   657  C CD2 . LEU A 1 84  ? 5.427   -0.573  -9.204  1.00 12.59 ? 84  LEU A CD2 1 
ATOM   658  N N   . SER A 1 85  ? 10.035  -1.057  -6.331  1.00 14.53 ? 85  SER A N   1 
ATOM   659  C CA  . SER A 1 85  ? 11.239  -1.670  -5.913  1.00 16.89 ? 85  SER A CA  1 
ATOM   660  C C   . SER A 1 85  ? 11.016  -2.913  -5.034  1.00 17.93 ? 85  SER A C   1 
ATOM   661  O O   . SER A 1 85  ? 10.027  -3.016  -4.306  1.00 16.49 ? 85  SER A O   1 
ATOM   662  C CB  . SER A 1 85  ? 12.058  -0.628  -5.163  1.00 18.27 ? 85  SER A CB  1 
ATOM   663  O OG  . SER A 1 85  ? 13.071  -1.263  -4.435  1.00 22.30 ? 85  SER A OG  1 
ATOM   664  N N   . SER A 1 86  ? 11.990  -3.819  -5.025  1.00 17.26 ? 86  SER A N   1 
ATOM   665  C CA  . SER A 1 86  ? 12.022  -4.884  -4.038  1.00 19.20 ? 86  SER A CA  1 
ATOM   666  C C   . SER A 1 86  ? 12.064  -4.365  -2.618  1.00 17.68 ? 86  SER A C   1 
ATOM   667  O O   . SER A 1 86  ? 11.693  -5.071  -1.701  1.00 19.11 ? 86  SER A O   1 
ATOM   668  C CB  . SER A 1 86  ? 13.282  -5.742  -4.209  1.00 22.39 ? 86  SER A CB  1 
ATOM   669  O OG  . SER A 1 86  ? 13.158  -6.512  -5.368  1.00 30.92 ? 86  SER A OG  1 
ATOM   670  N N   . ASP A 1 87  ? 12.584  -3.165  -2.423  1.00 15.51 ? 87  ASP A N   1 
ATOM   671  C CA  . ASP A 1 87  ? 12.668  -2.597  -1.088  1.00 15.80 ? 87  ASP A CA  1 
ATOM   672  C C   . ASP A 1 87  ? 11.391  -1.756  -0.921  1.00 13.04 ? 87  ASP A C   1 
ATOM   673  O O   . ASP A 1 87  ? 11.226  -0.783  -1.634  1.00 11.67 ? 87  ASP A O   1 
ATOM   674  C CB  . ASP A 1 87  ? 13.945  -1.754  -0.981  1.00 16.67 ? 87  ASP A CB  1 
ATOM   675  C CG  . ASP A 1 87  ? 14.075  -1.022  0.340   1.00 19.70 ? 87  ASP A CG  1 
ATOM   676  O OD1 . ASP A 1 87  ? 13.097  -0.507  0.862   1.00 20.05 ? 87  ASP A OD1 1 
ATOM   677  O OD2 . ASP A 1 87  ? 15.192  -0.933  0.895   1.00 23.37 ? 87  ASP A OD2 1 
ATOM   678  N N   . ILE A 1 88  ? 10.579  -2.058  0.104   1.00 11.59 ? 88  ILE A N   1 
ATOM   679  C CA  . ILE A 1 88  ? 9.246   -1.398  0.255   1.00 11.22 ? 88  ILE A CA  1 
ATOM   680  C C   . ILE A 1 88  ? 9.312   -0.039  0.972   1.00 10.49 ? 88  ILE A C   1 
ATOM   681  O O   . ILE A 1 88  ? 8.292   0.625   1.193   1.00 10.52 ? 88  ILE A O   1 
ATOM   682  C CB  . ILE A 1 88  ? 8.192   -2.325  0.936   1.00 11.16 ? 88  ILE A CB  1 
ATOM   683  C CG1 . ILE A 1 88  ? 8.492   -2.517  2.428   1.00 12.11 ? 88  ILE A CG1 1 
ATOM   684  C CG2 . ILE A 1 88  ? 8.141   -3.666  0.206   1.00 11.47 ? 88  ILE A CG2 1 
ATOM   685  C CD1 . ILE A 1 88  ? 7.347   -3.116  3.256   1.00 12.00 ? 88  ILE A CD1 1 
ATOM   686  N N   . THR A 1 89  ? 10.515  0.409   1.356   1.00 10.92 ? 89  THR A N   1 
ATOM   687  C CA  . THR A 1 89  ? 10.639  1.648   2.116   1.00 11.24 ? 89  THR A CA  1 
ATOM   688  C C   . THR A 1 89  ? 9.828   2.806   1.518   1.00 10.95 ? 89  THR A C   1 
ATOM   689  O O   . THR A 1 89  ? 9.070   3.499   2.217   1.00 11.38 ? 89  THR A O   1 
ATOM   690  C CB  . THR A 1 89  ? 12.159  2.066   2.218   1.00 12.99 ? 89  THR A CB  1 
ATOM   691  O OG1 . THR A 1 89  ? 12.910  1.026   2.817   1.00 14.17 ? 89  THR A OG1 1 
ATOM   692  C CG2 . THR A 1 89  ? 12.316  3.321   2.950   1.00 14.33 ? 89  THR A CG2 1 
ATOM   693  N N   . ALA A 1 90  ? 9.939   3.038   0.222   1.00 10.33 ? 90  ALA A N   1 
ATOM   694  C CA  . ALA A 1 90  ? 9.258   4.187   -0.363  1.00 10.01 ? 90  ALA A CA  1 
ATOM   695  C C   . ALA A 1 90  ? 7.693   4.045   -0.306  1.00 9.11  ? 90  ALA A C   1 
ATOM   696  O O   . ALA A 1 90  ? 6.984   5.015   0.030   1.00 9.23  ? 90  ALA A O   1 
ATOM   697  C CB  . ALA A 1 90  ? 9.734   4.437   -1.765  1.00 11.01 ? 90  ALA A CB  1 
ATOM   698  N N   . SER A 1 91  ? 7.198   2.865   -0.613  1.00 9.94  ? 91  SER A N   1 
ATOM   699  C CA  . SER A 1 91  ? 5.772   2.553   -0.514  1.00 8.70  ? 91  SER A CA  1 
ATOM   700  C C   . SER A 1 91  ? 5.280   2.760   0.932   1.00 8.77  ? 91  SER A C   1 
ATOM   701  O O   . SER A 1 91  ? 4.197   3.280   1.137   1.00 8.69  ? 91  SER A O   1 
ATOM   702  C CB  . SER A 1 91  ? 5.439   1.114   -0.968  1.00 9.80  ? 91  SER A CB  1 
ATOM   703  O OG  . SER A 1 91  ? 5.519   1.036   -2.418  1.00 11.15 ? 91  SER A OG  1 
ATOM   704  N N   . VAL A 1 92  ? 6.071   2.346   1.920   1.00 9.27  ? 92  VAL A N   1 
ATOM   705  C CA  . VAL A 1 92  ? 5.631   2.489   3.330   1.00 9.14  ? 92  VAL A CA  1 
ATOM   706  C C   . VAL A 1 92  ? 5.568   3.960   3.708   1.00 10.27 ? 92  VAL A C   1 
ATOM   707  O O   . VAL A 1 92  ? 4.594   4.428   4.316   1.00 11.59 ? 92  VAL A O   1 
ATOM   708  C CB  . VAL A 1 92  ? 6.552   1.707   4.314   1.00 9.25  ? 92  VAL A CB  1 
ATOM   709  C CG1 . VAL A 1 92  ? 6.207   2.075   5.777   1.00 10.20 ? 92  VAL A CG1 1 
ATOM   710  C CG2 . VAL A 1 92  ? 6.412   0.222   4.064   1.00 8.92  ? 92  VAL A CG2 1 
ATOM   711  N N   . ASN A 1 93  ? 6.627   4.711   3.404   1.00 10.96 ? 93  ASN A N   1 
ATOM   712  C CA  . ASN A 1 93  ? 6.627   6.131   3.787   1.00 12.28 ? 93  ASN A CA  1 
ATOM   713  C C   . ASN A 1 93  ? 5.468   6.873   3.132   1.00 11.72 ? 93  ASN A C   1 
ATOM   714  O O   . ASN A 1 93  ? 4.873   7.781   3.764   1.00 11.39 ? 93  ASN A O   1 
ATOM   715  C CB  . ASN A 1 93  ? 7.952   6.814   3.340   1.00 15.08 ? 93  ASN A CB  1 
ATOM   716  C CG  . ASN A 1 93  ? 9.148   6.371   4.155   1.00 18.11 ? 93  ASN A CG  1 
ATOM   717  O OD1 . ASN A 1 93  ? 8.998   5.794   5.227   1.00 23.15 ? 93  ASN A OD1 1 
ATOM   718  N ND2 . ASN A 1 93  ? 10.362  6.603   3.614   1.00 19.20 ? 93  ASN A ND2 1 
ATOM   719  N N   . CYS A 1 94  ? 5.207   6.542   1.858   1.00 9.21  ? 94  CYS A N   1 
ATOM   720  C CA  . CYS A 1 94  ? 4.125   7.156   1.143   1.00 9.66  ? 94  CYS A CA  1 
ATOM   721  C C   . CYS A 1 94  ? 2.771   6.765   1.721   1.00 10.02 ? 94  CYS A C   1 
ATOM   722  O O   . CYS A 1 94  ? 1.905   7.637   1.928   1.00 9.21  ? 94  CYS A O   1 
ATOM   723  C CB  . CYS A 1 94  ? 4.317   6.961   -0.384  1.00 9.44  ? 94  CYS A CB  1 
ATOM   724  S SG  . CYS A 1 94  ? 3.004   7.887   -1.283  1.00 9.27  ? 94  CYS A SG  1 
ATOM   725  N N   . ALA A 1 95  ? 2.626   5.490   2.058   1.00 10.97 ? 95  ALA A N   1 
ATOM   726  C CA  . ALA A 1 95  ? 1.392   5.018   2.668   1.00 9.60  ? 95  ALA A CA  1 
ATOM   727  C C   . ALA A 1 95  ? 1.054   5.692   3.995   1.00 9.24  ? 95  ALA A C   1 
ATOM   728  O O   . ALA A 1 95  ? -0.122  5.849   4.349   1.00 10.10 ? 95  ALA A O   1 
ATOM   729  C CB  . ALA A 1 95  ? 1.441   3.524   2.834   1.00 9.36  ? 95  ALA A CB  1 
ATOM   730  N N   . LYS A 1 96  ? 2.111   6.003   4.753   1.00 8.92  ? 96  LYS A N   1 
ATOM   731  C CA  . LYS A 1 96  ? 1.928   6.682   6.039   1.00 8.32  ? 96  LYS A CA  1 
ATOM   732  C C   . LYS A 1 96  ? 1.308   8.061   5.759   1.00 9.49  ? 96  LYS A C   1 
ATOM   733  O O   . LYS A 1 96  ? 0.507   8.548   6.569   1.00 10.43 ? 96  LYS A O   1 
ATOM   734  C CB  . LYS A 1 96  ? 3.236   6.818   6.804   1.00 8.59  ? 96  LYS A CB  1 
ATOM   735  C CG  . LYS A 1 96  ? 3.728   5.487   7.355   1.00 8.73  ? 96  LYS A CG  1 
ATOM   736  C CD  . LYS A 1 96  ? 5.113   5.558   8.035   1.00 10.22 ? 96  LYS A CD  1 
ATOM   737  C CE  . LYS A 1 96  ? 5.428   4.301   8.847   1.00 11.49 ? 96  LYS A CE  1 
ATOM   738  N NZ  . LYS A 1 96  ? 6.866   4.364   9.309   1.00 12.22 ? 96  LYS A NZ  1 
ATOM   739  N N   . LYS A 1 97  ? 1.731   8.715   4.685   1.00 9.87  ? 97  LYS A N   1 
ATOM   740  C CA  . LYS A 1 97  ? 1.120   10.035  4.350   1.00 10.06 ? 97  LYS A CA  1 
ATOM   741  C C   . LYS A 1 97  ? -0.360  9.826   3.952   1.00 9.10  ? 97  LYS A C   1 
ATOM   742  O O   . LYS A 1 97  ? -1.250  10.551  4.386   1.00 10.47 ? 97  LYS A O   1 
ATOM   743  C CB  . LYS A 1 97  ? 1.832   10.664  3.181   1.00 12.29 ? 97  LYS A CB  1 
ATOM   744  C CG  . LYS A 1 97  ? 3.263   11.019  3.500   1.00 15.57 ? 97  LYS A CG  1 
ATOM   745  C CD  . LYS A 1 97  ? 3.858   11.869  2.399   1.00 19.43 ? 97  LYS A CD  1 
ATOM   746  C CE  . LYS A 1 97  ? 4.932   12.816  2.903   1.00 22.62 ? 97  LYS A CE  1 
ATOM   747  N NZ  . LYS A 1 97  ? 4.215   14.098  3.159   1.00 26.43 ? 97  LYS A NZ  1 
ATOM   748  N N   . ILE A 1 98  ? -0.596  8.821   3.099   1.00 7.51  ? 98  ILE A N   1 
ATOM   749  C CA  . ILE A 1 98  ? -1.951  8.579   2.568   1.00 7.10  ? 98  ILE A CA  1 
ATOM   750  C C   . ILE A 1 98  ? -2.914  8.368   3.726   1.00 7.70  ? 98  ILE A C   1 
ATOM   751  O O   . ILE A 1 98  ? -4.014  8.938   3.753   1.00 8.23  ? 98  ILE A O   1 
ATOM   752  C CB  . ILE A 1 98  ? -1.963  7.404   1.613   1.00 7.03  ? 98  ILE A CB  1 
ATOM   753  C CG1 . ILE A 1 98  ? -1.130  7.742   0.378   1.00 7.27  ? 98  ILE A CG1 1 
ATOM   754  C CG2 . ILE A 1 98  ? -3.369  7.076   1.190   1.00 6.98  ? 98  ILE A CG2 1 
ATOM   755  C CD1 . ILE A 1 98  ? -0.771  6.517   -0.422  1.00 7.58  ? 98  ILE A CD1 1 
ATOM   756  N N   . VAL A 1 99  ? -2.579  7.430   4.573   1.00 8.30  ? 99  VAL A N   1 
ATOM   757  C CA  . VAL A 1 99  ? -3.444  7.057   5.685   1.00 8.44  ? 99  VAL A CA  1 
ATOM   758  C C   . VAL A 1 99  ? -3.681  8.186   6.702   1.00 9.85  ? 99  VAL A C   1 
ATOM   759  O O   . VAL A 1 99  ? -4.625  8.108   7.506   1.00 8.49  ? 99  VAL A O   1 
ATOM   760  C CB  . VAL A 1 99  ? -2.916  5.739   6.330   1.00 8.67  ? 99  VAL A CB  1 
ATOM   761  C CG1 . VAL A 1 99  ? -1.718  5.984   7.258   1.00 8.25  ? 99  VAL A CG1 1 
ATOM   762  C CG2 . VAL A 1 99  ? -4.060  4.996   7.050   1.00 8.93  ? 99  VAL A CG2 1 
ATOM   763  N N   . SER A 1 100 ? -2.783  9.185   6.675   1.00 10.45 ? 100 SER A N   1 
ATOM   764  C CA  . SER A 1 100 ? -2.917  10.353  7.532   1.00 12.09 ? 100 SER A CA  1 
ATOM   765  C C   . SER A 1 100 ? -3.755  11.430  6.864   1.00 14.04 ? 100 SER A C   1 
ATOM   766  O O   . SER A 1 100 ? -4.004  12.460  7.450   1.00 13.84 ? 100 SER A O   1 
ATOM   767  C CB  . SER A 1 100 ? -1.530  10.869  7.962   1.00 12.98 ? 100 SER A CB  1 
ATOM   768  O OG  . SER A 1 100 ? -0.680  9.888   8.575   1.00 13.60 ? 100 SER A OG  1 
ATOM   769  N N   . ASP A 1 101 ? -4.217  11.206  5.640   1.00 14.63 ? 101 ASP A N   1 
ATOM   770  C CA  . ASP A 1 101 ? -4.871  12.272  4.851   1.00 15.66 ? 101 ASP A CA  1 
ATOM   771  C C   . ASP A 1 101 ? -6.328  12.585  5.198   1.00 15.84 ? 101 ASP A C   1 
ATOM   772  O O   . ASP A 1 101 ? -6.865  13.547  4.691   1.00 17.47 ? 101 ASP A O   1 
ATOM   773  C CB  . ASP A 1 101 ? -4.768  11.960  3.341   1.00 17.48 ? 101 ASP A CB  1 
ATOM   774  C CG  . ASP A 1 101 ? -4.869  13.205  2.428   1.00 19.89 ? 101 ASP A CG  1 
ATOM   775  O OD1 . ASP A 1 101 ? -4.354  14.264  2.765   1.00 22.98 ? 101 ASP A OD1 1 
ATOM   776  O OD2 . ASP A 1 101 ? -5.465  13.091  1.347   1.00 26.54 ? 101 ASP A OD2 1 
ATOM   777  N N   . GLY A 1 102 ? -6.976  11.828  6.051   1.00 14.97 ? 102 GLY A N   1 
ATOM   778  C CA  . GLY A 1 102 ? -8.331  12.209  6.489   1.00 14.16 ? 102 GLY A CA  1 
ATOM   779  C C   . GLY A 1 102 ? -9.272  11.048  6.506   1.00 14.48 ? 102 GLY A C   1 
ATOM   780  O O   . GLY A 1 102 ? -10.099 10.967  7.438   1.00 15.80 ? 102 GLY A O   1 
ATOM   781  N N   . ASN A 1 103 ? -9.132  10.121  5.567   1.00 12.35 ? 103 ASN A N   1 
ATOM   782  C CA  . ASN A 1 103 ? -10.024 8.934   5.520   1.00 11.52 ? 103 ASN A CA  1 
ATOM   783  C C   . ASN A 1 103 ? -9.434  7.606   5.982   1.00 8.56  ? 103 ASN A C   1 
ATOM   784  O O   . ASN A 1 103 ? -10.050 6.535   5.810   1.00 7.66  ? 103 ASN A O   1 
ATOM   785  C CB  . ASN A 1 103 ? -10.617 8.804   4.117   1.00 12.93 ? 103 ASN A CB  1 
ATOM   786  C CG  . ASN A 1 103 ? -11.628 9.948   3.754   1.00 15.48 ? 103 ASN A CG  1 
ATOM   787  O OD1 . ASN A 1 103 ? -12.173 10.611  4.583   1.00 18.12 ? 103 ASN A OD1 1 
ATOM   788  N ND2 . ASN A 1 103 ? -11.870 10.099  2.489   1.00 18.40 ? 103 ASN A ND2 1 
ATOM   789  N N   . GLY A 1 104 ? -8.275  7.650   6.630   1.00 7.55  ? 104 GLY A N   1 
ATOM   790  C CA  . GLY A 1 104 ? -7.674  6.429   7.132   1.00 7.00  ? 104 GLY A CA  1 
ATOM   791  C C   . GLY A 1 104 ? -7.395  5.454   6.016   1.00 6.48  ? 104 GLY A C   1 
ATOM   792  O O   . GLY A 1 104 ? -7.100  5.896   4.874   1.00 7.20  ? 104 GLY A O   1 
ATOM   793  N N   . MET A 1 105 ? -7.595  4.160   6.281   1.00 5.91  ? 105 MET A N   1 
ATOM   794  C CA  . MET A 1 105 ? -7.350  3.111   5.265   1.00 5.78  ? 105 MET A CA  1 
ATOM   795  C C   . MET A 1 105 ? -8.451  2.992   4.224   1.00 6.20  ? 105 MET A C   1 
ATOM   796  O O   . MET A 1 105 ? -8.282  2.272   3.262   1.00 6.52  ? 105 MET A O   1 
ATOM   797  C CB  . MET A 1 105 ? -6.970  1.739   5.833   1.00 5.89  ? 105 MET A CB  1 
ATOM   798  C CG  . MET A 1 105 ? -5.620  1.753   6.586   1.00 6.04  ? 105 MET A CG  1 
ATOM   799  S SD  . MET A 1 105 ? -5.102  0.090   6.926   1.00 8.32  ? 105 MET A SD  1 
ATOM   800  C CE  . MET A 1 105 ? -4.630  -0.467  5.277   1.00 7.12  ? 105 MET A CE  1 
ATOM   801  N N   . ASN A 1 106 ? -9.507  3.768   4.357   1.00 6.78  ? 106 ASN A N   1 
ATOM   802  C CA  . ASN A 1 106 ? -10.561 3.765   3.319   1.00 6.80  ? 106 ASN A CA  1 
ATOM   803  C C   . ASN A 1 106 ? -9.983  4.351   2.041   1.00 7.15  ? 106 ASN A C   1 
ATOM   804  O O   . ASN A 1 106 ? -10.649 4.226   1.022   1.00 7.80  ? 106 ASN A O   1 
ATOM   805  C CB  . ASN A 1 106 ? -11.798 4.598   3.724   1.00 7.37  ? 106 ASN A CB  1 
ATOM   806  C CG  . ASN A 1 106 ? -12.446 4.055   4.974   1.00 8.17  ? 106 ASN A CG  1 
ATOM   807  O OD1 . ASN A 1 106 ? -13.074 3.022   4.866   1.00 8.02  ? 106 ASN A OD1 1 
ATOM   808  N ND2 . ASN A 1 106 ? -12.278 4.703   6.178   1.00 8.70  ? 106 ASN A ND2 1 
ATOM   809  N N   . ALA A 1 107 ? -8.820  5.044   2.118   1.00 6.76  ? 107 ALA A N   1 
ATOM   810  C CA  . ALA A 1 107 ? -8.157  5.472   0.872   1.00 6.84  ? 107 ALA A CA  1 
ATOM   811  C C   . ALA A 1 107 ? -7.867  4.278   -0.045  1.00 7.10  ? 107 ALA A C   1 
ATOM   812  O O   . ALA A 1 107 ? -7.675  4.517   -1.268  1.00 8.68  ? 107 ALA A O   1 
ATOM   813  C CB  . ALA A 1 107 ? -6.838  6.166   1.122   1.00 7.32  ? 107 ALA A CB  1 
ATOM   814  N N   . TRP A 1 108 ? -7.727  3.070   0.492   1.00 7.34  ? 108 TRP A N   1 
ATOM   815  C CA  . TRP A 1 108 ? -7.459  1.860   -0.289  1.00 7.45  ? 108 TRP A CA  1 
ATOM   816  C C   . TRP A 1 108 ? -8.776  1.139   -0.533  1.00 8.44  ? 108 TRP A C   1 
ATOM   817  O O   . TRP A 1 108 ? -9.389  0.526   0.374   1.00 8.14  ? 108 TRP A O   1 
ATOM   818  C CB  . TRP A 1 108 ? -6.472  0.877   0.322   1.00 7.07  ? 108 TRP A CB  1 
ATOM   819  C CG  . TRP A 1 108 ? -5.105  1.343   0.310   1.00 7.08  ? 108 TRP A CG  1 
ATOM   820  C CD1 . TRP A 1 108 ? -4.215  1.184   -0.764  1.00 7.50  ? 108 TRP A CD1 1 
ATOM   821  C CD2 . TRP A 1 108 ? -4.432  2.205   1.261   1.00 6.78  ? 108 TRP A CD2 1 
ATOM   822  N NE1 . TRP A 1 108 ? -3.006  1.773   -0.420  1.00 7.25  ? 108 TRP A NE1 1 
ATOM   823  C CE2 . TRP A 1 108 ? -3.139  2.461   0.769   1.00 7.47  ? 108 TRP A CE2 1 
ATOM   824  C CE3 . TRP A 1 108 ? -4.803  2.780   2.492   1.00 6.46  ? 108 TRP A CE3 1 
ATOM   825  C CZ2 . TRP A 1 108 ? -2.175  3.225   1.496   1.00 7.56  ? 108 TRP A CZ2 1 
ATOM   826  C CZ3 . TRP A 1 108 ? -3.839  3.575   3.216   1.00 6.96  ? 108 TRP A CZ3 1 
ATOM   827  C CH2 . TRP A 1 108 ? -2.583  3.792   2.723   1.00 7.25  ? 108 TRP A CH2 1 
ATOM   828  N N   . VAL A 1 109 ? -9.254  1.279   -1.741  1.00 9.62  ? 109 VAL A N   1 
ATOM   829  C CA  . VAL A 1 109 ? -10.505 0.708   -2.185  1.00 9.84  ? 109 VAL A CA  1 
ATOM   830  C C   . VAL A 1 109 ? -10.728 -0.740  -1.786  1.00 10.06 ? 109 VAL A C   1 
ATOM   831  O O   . VAL A 1 109 ? -11.786 -1.089  -1.252  1.00 10.29 ? 109 VAL A O   1 
ATOM   832  C CB  . VAL A 1 109 ? -10.554 0.843   -3.747  1.00 10.37 ? 109 VAL A CB  1 
ATOM   833  C CG1 . VAL A 1 109 ? -11.662 -0.005  -4.296  1.00 10.94 ? 109 VAL A CG1 1 
ATOM   834  C CG2 . VAL A 1 109 ? -10.839 2.316   -4.053  1.00 11.49 ? 109 VAL A CG2 1 
ATOM   835  N N   . ALA A 1 110 ? -9.673  -1.531  -1.983  1.00 9.39  ? 110 ALA A N   1 
ATOM   836  C CA  . ALA A 1 110 ? -9.760  -2.936  -1.650  1.00 9.22  ? 110 ALA A CA  1 
ATOM   837  C C   . ALA A 1 110 ? -9.760  -3.177  -0.132  1.00 8.69  ? 110 ALA A C   1 
ATOM   838  O O   . ALA A 1 110 ? -10.200 -4.215  0.339   1.00 8.39  ? 110 ALA A O   1 
ATOM   839  C CB  . ALA A 1 110 ? -8.691  -3.776  -2.337  1.00 10.33 ? 110 ALA A CB  1 
ATOM   840  N N   . TRP A 1 111 ? -9.060  -2.322  0.620   1.00 7.64  ? 111 TRP A N   1 
ATOM   841  C CA  . TRP A 1 111 ? -9.144  -2.475  2.056   1.00 7.01  ? 111 TRP A CA  1 
ATOM   842  C C   . TRP A 1 111 ? -10.593 -2.334  2.479   1.00 7.72  ? 111 TRP A C   1 
ATOM   843  O O   . TRP A 1 111 ? -11.072 -3.138  3.252   1.00 6.31  ? 111 TRP A O   1 
ATOM   844  C CB  . TRP A 1 111 ? -8.224  -1.545  2.819   1.00 6.70  ? 111 TRP A CB  1 
ATOM   845  C CG  . TRP A 1 111 ? -8.357  -1.642  4.225   1.00 7.02  ? 111 TRP A CG  1 
ATOM   846  C CD1 . TRP A 1 111 ? -7.729  -2.585  5.027   1.00 7.37  ? 111 TRP A CD1 1 
ATOM   847  C CD2 . TRP A 1 111 ? -9.265  -0.937  5.097   1.00 7.16  ? 111 TRP A CD2 1 
ATOM   848  N NE1 . TRP A 1 111 ? -8.144  -2.475  6.300   1.00 7.28  ? 111 TRP A NE1 1 
ATOM   849  C CE2 . TRP A 1 111 ? -9.034  -1.437  6.400   1.00 7.09  ? 111 TRP A CE2 1 
ATOM   850  C CE3 . TRP A 1 111 ? -10.086 0.175   4.940   1.00 7.23  ? 111 TRP A CE3 1 
ATOM   851  C CZ2 . TRP A 1 111 ? -9.720  -0.966  7.512   1.00 7.37  ? 111 TRP A CZ2 1 
ATOM   852  C CZ3 . TRP A 1 111 ? -10.788 0.661   6.072   1.00 7.31  ? 111 TRP A CZ3 1 
ATOM   853  C CH2 . TRP A 1 111 ? -10.575 0.125   7.346   1.00 6.87  ? 111 TRP A CH2 1 
ATOM   854  N N   . ARG A 1 112 ? -11.231 -1.243  2.073   1.00 7.84  ? 112 ARG A N   1 
ATOM   855  C CA  . ARG A 1 112 ? -12.593 -1.009  2.516   1.00 8.85  ? 112 ARG A CA  1 
ATOM   856  C C   . ARG A 1 112 ? -13.565 -2.171  2.082   1.00 8.04  ? 112 ARG A C   1 
ATOM   857  O O   . ARG A 1 112 ? -14.364 -2.610  2.871   1.00 8.25  ? 112 ARG A O   1 
ATOM   858  C CB  . ARG A 1 112 ? -13.076 0.338   1.956   1.00 10.98 ? 112 ARG A CB  1 
ATOM   859  C CG  . ARG A 1 112 ? -14.577 0.541   2.173   1.00 13.59 ? 112 ARG A CG  1 
ATOM   860  C CD  . ARG A 1 112 ? -15.084 1.898   1.750   1.00 16.50 ? 112 ARG A CD  1 
ATOM   861  N NE  . ARG A 1 112 ? -16.555 1.825   1.891   1.00 19.22 ? 112 ARG A NE  1 
ATOM   862  C CZ  . ARG A 1 112 ? -17.394 1.314   0.997   1.00 20.72 ? 112 ARG A CZ  1 
ATOM   863  N NH1 . ARG A 1 112 ? -16.944 0.888   -0.194  1.00 18.28 ? 112 ARG A NH1 1 
ATOM   864  N NH2 . ARG A 1 112 ? -18.696 1.256   1.275   1.00 19.45 ? 112 ARG A NH2 1 
ATOM   865  N N   . ASN A 1 113 ? -13.362 -2.698  0.901   1.00 7.42  ? 113 ASN A N   1 
ATOM   866  C CA  . ASN A 1 113 ? -14.325 -3.670  0.376   1.00 7.48  ? 113 ASN A CA  1 
ATOM   867  C C   . ASN A 1 113 ? -14.020 -5.085  0.760   1.00 7.75  ? 113 ASN A C   1 
ATOM   868  O O   . ASN A 1 113 ? -14.921 -5.924  0.684   1.00 9.23  ? 113 ASN A O   1 
ATOM   869  C CB  . ASN A 1 113 ? -14.462 -3.586  -1.163  1.00 7.63  ? 113 ASN A CB  1 
ATOM   870  C CG  . ASN A 1 113 ? -15.230 -2.359  -1.648  1.00 7.40  ? 113 ASN A CG  1 
ATOM   871  O OD1 . ASN A 1 113 ? -16.068 -1.823  -0.952  1.00 8.04  ? 113 ASN A OD1 1 
ATOM   872  N ND2 . ASN A 1 113 ? -14.902 -1.898  -2.829  1.00 8.73  ? 113 ASN A ND2 1 
ATOM   873  N N   . ARG A 1 114 ? -12.774 -5.394  1.113   1.00 7.90  ? 114 ARG A N   1 
ATOM   874  C CA  . ARG A 1 114 ? -12.397 -6.765  1.360   1.00 7.11  ? 114 ARG A CA  1 
ATOM   875  C C   . ARG A 1 114 ? -11.741 -7.033  2.714   1.00 7.45  ? 114 ARG A C   1 
ATOM   876  O O   . ARG A 1 114 ? -11.619 -8.233  3.081   1.00 8.16  ? 114 ARG A O   1 
ATOM   877  C CB  . ARG A 1 114 ? -11.463 -7.122  0.220   1.00 7.60  ? 114 ARG A CB  1 
ATOM   878  C CG  . ARG A 1 114 ? -12.157 -6.955  -1.108  1.00 7.54  ? 114 ARG A CG  1 
ATOM   879  C CD  . ARG A 1 114 ? -11.336 -7.398  -2.294  1.00 7.81  ? 114 ARG A CD  1 
ATOM   880  N NE  . ARG A 1 114 ? -11.170 -8.838  -2.349  1.00 8.07  ? 114 ARG A NE  1 
ATOM   881  C CZ  . ARG A 1 114 ? -10.601 -9.450  -3.384  1.00 8.48  ? 114 ARG A CZ  1 
ATOM   882  N NH1 . ARG A 1 114 ? -10.033 -8.754  -4.359  1.00 8.74  ? 114 ARG A NH1 1 
ATOM   883  N NH2 . ARG A 1 114 ? -10.554 -10.757 -3.394  1.00 8.74  ? 114 ARG A NH2 1 
ATOM   884  N N   . CYS A 1 115 ? -11.309 -6.013  3.443   1.00 7.08  ? 115 CYS A N   1 
ATOM   885  C CA  . CYS A 1 115 ? -10.613 -6.185  4.695   1.00 7.00  ? 115 CYS A CA  1 
ATOM   886  C C   . CYS A 1 115 ? -11.322 -5.585  5.887   1.00 7.22  ? 115 CYS A C   1 
ATOM   887  O O   . CYS A 1 115 ? -11.475 -6.187  6.978   1.00 8.81  ? 115 CYS A O   1 
ATOM   888  C CB  . CYS A 1 115 ? -9.119  -5.660  4.686   1.00 6.93  ? 115 CYS A CB  1 
ATOM   889  S SG  . CYS A 1 115 ? -8.148  -6.238  3.355   1.00 7.09  ? 115 CYS A SG  1 
ATOM   890  N N   . LYS A 1 116 ? -11.814 -4.370  5.700   1.00 6.93  ? 116 LYS A N   1 
ATOM   891  C CA  . LYS A 1 116 ? -12.587 -3.649  6.728   1.00 7.50  ? 116 LYS A CA  1 
ATOM   892  C C   . LYS A 1 116 ? -13.706 -4.519  7.256   1.00 8.39  ? 116 LYS A C   1 
ATOM   893  O O   . LYS A 1 116 ? -14.574 -4.941  6.478   1.00 7.57  ? 116 LYS A O   1 
ATOM   894  C CB  . LYS A 1 116 ? -13.082 -2.335  6.129   1.00 7.53  ? 116 LYS A CB  1 
ATOM   895  C CG  . LYS A 1 116 ? -13.887 -1.379  7.001   1.00 6.78  ? 116 LYS A CG  1 
ATOM   896  C CD  . LYS A 1 116 ? -14.278 -0.064  6.349   1.00 6.96  ? 116 LYS A CD  1 
ATOM   897  C CE  . LYS A 1 116 ? -14.952 0.899   7.324   1.00 7.29  ? 116 LYS A CE  1 
ATOM   898  N NZ  . LYS A 1 116 ? -15.307 2.173   6.726   1.00 7.44  ? 116 LYS A NZ  1 
ATOM   899  N N   . GLY A 1 117 ? -13.764 -4.725  8.578   1.00 9.58  ? 117 GLY A N   1 
ATOM   900  C CA  . GLY A 1 117 ? -14.870 -5.492  9.197   1.00 10.32 ? 117 GLY A CA  1 
ATOM   901  C C   . GLY A 1 117 ? -14.611 -6.972  9.236   1.00 11.53 ? 117 GLY A C   1 
ATOM   902  O O   . GLY A 1 117 ? -15.492 -7.727  9.658   1.00 12.08 ? 117 GLY A O   1 
ATOM   903  N N   . THR A 1 118 ? -13.440 -7.406  8.793   1.00 11.29 ? 118 THR A N   1 
ATOM   904  C CA  . THR A 1 118 ? -13.102 -8.826  8.743   1.00 12.23 ? 118 THR A CA  1 
ATOM   905  C C   . THR A 1 118 ? -12.088 -9.061  9.840   1.00 13.27 ? 118 THR A C   1 
ATOM   906  O O   . THR A 1 118 ? -11.570 -8.142  10.463  1.00 11.37 ? 118 THR A O   1 
ATOM   907  C CB  . THR A 1 118 ? -12.563 -9.276  7.390   1.00 12.48 ? 118 THR A CB  1 
ATOM   908  O OG1 . THR A 1 118 ? -11.236 -8.809  7.199   1.00 11.38 ? 118 THR A OG1 1 
ATOM   909  C CG2 . THR A 1 118 ? -13.523 -8.776  6.193   1.00 11.72 ? 118 THR A CG2 1 
ATOM   910  N N   . ASP A 1 119 ? -11.824 -10.333 10.090  1.00 15.15 ? 119 ASP A N   1 
ATOM   911  C CA  . ASP A 1 119 ? -10.840 -10.716 11.092  1.00 17.55 ? 119 ASP A CA  1 
ATOM   912  C C   . ASP A 1 119 ? -9.439  -10.566 10.505  1.00 16.22 ? 119 ASP A C   1 
ATOM   913  O O   . ASP A 1 119 ? -8.859  -11.532 10.054  1.00 16.36 ? 119 ASP A O   1 
ATOM   914  C CB  . ASP A 1 119 ? -11.129 -12.166 11.505  1.00 21.36 ? 119 ASP A CB  1 
ATOM   915  C CG  . ASP A 1 119 ? -10.051 -12.761 12.347  1.00 24.03 ? 119 ASP A CG  1 
ATOM   916  O OD1 . ASP A 1 119 ? -9.427  -12.010 13.123  1.00 26.98 ? 119 ASP A OD1 1 
ATOM   917  O OD2 . ASP A 1 119 ? -9.851  -13.989 12.197  1.00 28.26 ? 119 ASP A OD2 1 
ATOM   918  N N   . VAL A 1 120 ? -8.948  -9.316  10.432  1.00 14.54 ? 120 VAL A N   1 
ATOM   919  C CA  . VAL A 1 120 ? -7.678  -9.027  9.699   1.00 13.87 ? 120 VAL A CA  1 
ATOM   920  C C   . VAL A 1 120 ? -6.434  -9.659  10.371  1.00 14.49 ? 120 VAL A C   1 
ATOM   921  O O   . VAL A 1 120 ? -5.482  -9.833  9.724   1.00 12.18 ? 120 VAL A O   1 
ATOM   922  C CB  . VAL A 1 120 ? -7.497  -7.504  9.416   1.00 12.60 ? 120 VAL A CB  1 
ATOM   923  C CG1 . VAL A 1 120 ? -8.600  -7.031  8.473   1.00 12.10 ? 120 VAL A CG1 1 
ATOM   924  C CG2 . VAL A 1 120 ? -7.561  -6.688  10.690  1.00 13.05 ? 120 VAL A CG2 1 
ATOM   925  N N   . GLN A 1 121 ? -6.491  -9.995  11.667  1.00 16.72 ? 121 GLN A N   1 
ATOM   926  C CA  . GLN A 1 121 ? -5.374  -10.683 12.372  1.00 19.16 ? 121 GLN A CA  1 
ATOM   927  C C   . GLN A 1 121 ? -5.021  -11.991 11.766  1.00 17.23 ? 121 GLN A C   1 
ATOM   928  O O   . GLN A 1 121 ? -3.871  -12.452 11.814  1.00 17.92 ? 121 GLN A O   1 
ATOM   929  C CB  . GLN A 1 121 ? -5.726  -10.910 13.867  1.00 23.73 ? 121 GLN A CB  1 
ATOM   930  C CG  . GLN A 1 121 ? -5.880  -9.612  14.697  1.00 30.46 ? 121 GLN A CG  1 
ATOM   931  C CD  . GLN A 1 121 ? -6.350  -9.805  16.188  1.00 37.72 ? 121 GLN A CD  1 
ATOM   932  O OE1 . GLN A 1 121 ? -5.699  -9.302  17.146  1.00 41.31 ? 121 GLN A OE1 1 
ATOM   933  N NE2 . GLN A 1 121 ? -7.458  -10.522 16.387  1.00 38.39 ? 121 GLN A NE2 1 
ATOM   934  N N   . ALA A 1 122 ? -5.992  -12.639 11.162  1.00 14.32 ? 122 ALA A N   1 
ATOM   935  C CA  . ALA A 1 122 ? -5.758  -13.861 10.433  1.00 14.39 ? 122 ALA A CA  1 
ATOM   936  C C   . ALA A 1 122 ? -4.622  -13.765 9.413   1.00 13.74 ? 122 ALA A C   1 
ATOM   937  O O   . ALA A 1 122 ? -3.846  -14.712 9.196   1.00 13.83 ? 122 ALA A O   1 
ATOM   938  C CB  . ALA A 1 122 ? -7.044  -14.284 9.737   1.00 14.12 ? 122 ALA A CB  1 
ATOM   939  N N   . TRP A 1 123 ? -4.498  -12.596 8.809   1.00 12.00 ? 123 TRP A N   1 
ATOM   940  C CA  . TRP A 1 123 ? -3.415  -12.338 7.848   1.00 12.55 ? 123 TRP A CA  1 
ATOM   941  C C   . TRP A 1 123 ? -2.025  -12.402 8.404   1.00 13.52 ? 123 TRP A C   1 
ATOM   942  O O   . TRP A 1 123 ? -1.071  -12.645 7.652   1.00 14.39 ? 123 TRP A O   1 
ATOM   943  C CB  . TRP A 1 123 ? -3.659  -10.985 7.118   1.00 12.57 ? 123 TRP A CB  1 
ATOM   944  C CG  . TRP A 1 123 ? -4.855  -11.062 6.252   1.00 12.60 ? 123 TRP A CG  1 
ATOM   945  C CD1 . TRP A 1 123 ? -6.109  -10.674 6.522   1.00 13.44 ? 123 TRP A CD1 1 
ATOM   946  C CD2 . TRP A 1 123 ? -4.874  -11.642 4.971   1.00 14.05 ? 123 TRP A CD2 1 
ATOM   947  N NE1 . TRP A 1 123 ? -6.939  -10.945 5.476   1.00 12.68 ? 123 TRP A NE1 1 
ATOM   948  C CE2 . TRP A 1 123 ? -6.212  -11.566 4.509   1.00 14.25 ? 123 TRP A CE2 1 
ATOM   949  C CE3 . TRP A 1 123 ? -3.899  -12.290 4.186   1.00 14.40 ? 123 TRP A CE3 1 
ATOM   950  C CZ2 . TRP A 1 123 ? -6.597  -12.064 3.266   1.00 16.29 ? 123 TRP A CZ2 1 
ATOM   951  C CZ3 . TRP A 1 123 ? -4.274  -12.788 2.967   1.00 15.24 ? 123 TRP A CZ3 1 
ATOM   952  C CH2 . TRP A 1 123 ? -5.627  -12.693 2.511   1.00 15.40 ? 123 TRP A CH2 1 
ATOM   953  N N   . ILE A 1 124 ? -1.900  -12.248 9.721   1.00 14.18 ? 124 ILE A N   1 
ATOM   954  C CA  . ILE A 1 124 ? -0.571  -12.430 10.344  1.00 15.87 ? 124 ILE A CA  1 
ATOM   955  C C   . ILE A 1 124 ? -0.456  -13.654 11.256  1.00 17.38 ? 124 ILE A C   1 
ATOM   956  O O   . ILE A 1 124 ? 0.580   -13.798 11.884  1.00 17.30 ? 124 ILE A O   1 
ATOM   957  C CB  . ILE A 1 124 ? -0.058  -11.185 11.073  1.00 14.76 ? 124 ILE A CB  1 
ATOM   958  C CG1 . ILE A 1 124 ? -0.934  -10.844 12.299  1.00 16.17 ? 124 ILE A CG1 1 
ATOM   959  C CG2 . ILE A 1 124 ? 0.152   -10.075 10.047  1.00 14.64 ? 124 ILE A CG2 1 
ATOM   960  C CD1 . ILE A 1 124 ? -0.509  -9.598  13.006  1.00 18.96 ? 124 ILE A CD1 1 
ATOM   961  N N   . ARG A 1 125 ? -1.428  -14.562 11.188  1.00 19.31 ? 125 ARG A N   1 
ATOM   962  C CA  . ARG A 1 125 ? -1.449  -15.769 12.004  1.00 20.78 ? 125 ARG A CA  1 
ATOM   963  C C   . ARG A 1 125 ? -0.361  -16.685 11.503  1.00 18.94 ? 125 ARG A C   1 
ATOM   964  O O   . ARG A 1 125 ? -0.157  -16.850 10.290  1.00 19.70 ? 125 ARG A O   1 
ATOM   965  C CB  . ARG A 1 125 ? -2.819  -16.453 11.839  1.00 24.48 ? 125 ARG A CB  1 
ATOM   966  C CG  . ARG A 1 125 ? -3.219  -17.515 12.860  1.00 28.85 ? 125 ARG A CG  1 
ATOM   967  C CD  . ARG A 1 125 ? -4.728  -17.758 12.747  1.00 32.23 ? 125 ARG A CD  1 
ATOM   968  N NE  . ARG A 1 125 ? -5.484  -16.583 13.200  1.00 35.05 ? 125 ARG A NE  1 
ATOM   969  C CZ  . ARG A 1 125 ? -6.712  -16.242 12.821  1.00 38.52 ? 125 ARG A CZ  1 
ATOM   970  N NH1 . ARG A 1 125 ? -7.392  -16.974 11.931  1.00 41.77 ? 125 ARG A NH1 1 
ATOM   971  N NH2 . ARG A 1 125 ? -7.265  -15.124 13.324  1.00 38.62 ? 125 ARG A NH2 1 
ATOM   972  N N   . GLY A 1 126 ? 0.378   -17.262 12.437  1.00 18.54 ? 126 GLY A N   1 
ATOM   973  C CA  . GLY A 1 126 ? 1.503   -18.114 12.112  1.00 18.65 ? 126 GLY A CA  1 
ATOM   974  C C   . GLY A 1 126 ? 2.802   -17.378 11.841  1.00 18.71 ? 126 GLY A C   1 
ATOM   975  O O   . GLY A 1 126 ? 3.841   -18.004 11.738  1.00 19.91 ? 126 GLY A O   1 
ATOM   976  N N   . CYS A 1 127 ? 2.809   -16.049 11.765  1.00 17.94 ? 127 CYS A N   1 
ATOM   977  C CA  . CYS A 1 127 ? 4.078   -15.361 11.503  1.00 19.06 ? 127 CYS A CA  1 
ATOM   978  C C   . CYS A 1 127 ? 4.857   -15.130 12.801  1.00 19.17 ? 127 CYS A C   1 
ATOM   979  O O   . CYS A 1 127 ? 4.257   -14.778 13.852  1.00 16.46 ? 127 CYS A O   1 
ATOM   980  C CB  . CYS A 1 127 ? 3.831   -14.022 10.807  1.00 19.36 ? 127 CYS A CB  1 
ATOM   981  S SG  . CYS A 1 127 ? 2.810   -14.161 9.308   1.00 18.03 ? 127 CYS A SG  1 
ATOM   982  N N   . ARG A 1 128 ? 6.178   -15.347 12.710  1.00 22.62 ? 128 ARG A N   1 
ATOM   983  C CA  . ARG A 1 128 ? 7.148   -14.954 13.748  1.00 26.94 ? 128 ARG A CA  1 
ATOM   984  C C   . ARG A 1 128 ? 7.487   -13.511 13.558  1.00 30.01 ? 128 ARG A C   1 
ATOM   985  O O   . ARG A 1 128 ? 8.322   -13.151 12.676  1.00 27.21 ? 128 ARG A O   1 
ATOM   986  C CB  . ARG A 1 128 ? 8.474   -15.660 13.597  1.00 28.81 ? 128 ARG A CB  1 
ATOM   987  C CG  . ARG A 1 128 ? 8.467   -17.050 14.065  1.00 33.65 ? 128 ARG A CG  1 
ATOM   988  C CD  . ARG A 1 128 ? 9.680   -17.827 13.602  1.00 37.56 ? 128 ARG A CD  1 
ATOM   989  N NE  . ARG A 1 128 ? 9.285   -19.233 13.420  1.00 42.74 ? 128 ARG A NE  1 
ATOM   990  C CZ  . ARG A 1 128 ? 9.428   -19.961 12.304  1.00 49.69 ? 128 ARG A CZ  1 
ATOM   991  N NH1 . ARG A 1 128 ? 10.039  -19.482 11.202  1.00 45.75 ? 128 ARG A NH1 1 
ATOM   992  N NH2 . ARG A 1 128 ? 8.976   -21.218 12.305  1.00 55.05 ? 128 ARG A NH2 1 
ATOM   993  N N   . LEU A 1 129 ? 6.855   -12.685 14.377  1.00 33.89 ? 129 LEU A N   1 
ATOM   994  C CA  . LEU A 1 129 ? 6.960   -11.250 14.220  1.00 37.02 ? 129 LEU A CA  1 
ATOM   995  C C   . LEU A 1 129 ? 7.377   -10.639 15.523  1.00 43.31 ? 129 LEU A C   1 
ATOM   996  O O   . LEU A 1 129 ? 7.077   -11.159 16.635  1.00 42.06 ? 129 LEU A O   1 
ATOM   997  C CB  . LEU A 1 129 ? 5.617   -10.666 13.796  1.00 38.34 ? 129 LEU A CB  1 
ATOM   998  C CG  . LEU A 1 129 ? 5.096   -11.175 12.451  1.00 37.09 ? 129 LEU A CG  1 
ATOM   999  C CD1 . LEU A 1 129 ? 3.666   -10.717 12.298  1.00 37.55 ? 129 LEU A CD1 1 
ATOM   1000 C CD2 . LEU A 1 129 ? 5.947   -10.709 11.268  1.00 37.66 ? 129 LEU A CD2 1 
ATOM   1001 O OXT . LEU A 1 129 ? 8.040   -9.589  15.408  1.00 40.10 ? 129 LEU A OXT 1 
HETATM 1002 C C1  . F44 B 2 .   ? -9.142  -2.076  -7.280  1.00 21.62 ? 201 F44 A C1  1 
HETATM 1003 C C3  . F44 B 2 .   ? -8.851  0.314   -6.968  1.00 22.65 ? 201 F44 A C3  1 
HETATM 1004 C C13 . F44 B 2 .   ? -7.109  -0.347  -10.552 1.00 17.79 ? 201 F44 A C13 1 
HETATM 1005 C C15 . F44 B 2 .   ? -7.297  -2.695  -10.177 1.00 19.41 ? 201 F44 A C15 1 
HETATM 1006 C C14 . F44 B 2 .   ? -7.644  -1.576  -10.909 1.00 19.74 ? 201 F44 A C14 1 
HETATM 1007 C C2  . F44 B 2 .   ? -9.548  -0.757  -7.531  1.00 22.62 ? 201 F44 A C2  1 
HETATM 1008 C C8  . F44 B 2 .   ? -6.252  -3.932  -6.931  1.00 23.23 ? 201 F44 A C8  1 
HETATM 1009 C C7  . F44 B 2 .   ? -7.620  -3.742  -6.255  1.00 22.49 ? 201 F44 A C7  1 
HETATM 1010 C C9  . F44 B 2 .   ? -6.122  -3.909  -8.447  1.00 21.01 ? 201 F44 A C9  1 
HETATM 1011 C C10 . F44 B 2 .   ? -6.406  -2.574  -9.113  1.00 19.93 ? 201 F44 A C10 1 
HETATM 1012 C C12 . F44 B 2 .   ? -6.244  -0.253  -9.461  1.00 19.16 ? 201 F44 A C12 1 
HETATM 1013 C C6  . F44 B 2 .   ? -8.049  -2.287  -6.469  1.00 22.16 ? 201 F44 A C6  1 
HETATM 1014 C C4  . F44 B 2 .   ? -7.725  0.075   -6.160  1.00 20.35 ? 201 F44 A C4  1 
HETATM 1015 N N11 . F44 B 2 .   ? -5.838  -1.336  -8.731  1.00 19.14 ? 201 F44 A N11 1 
HETATM 1016 N N5  . F44 B 2 .   ? -7.367  -1.199  -5.906  1.00 21.50 ? 201 F44 A N5  1 
HETATM 1017 O O   . HOH C 3 .   ? -6.019  -8.543  -5.869  1.00 19.80 ? 301 HOH A O   1 
HETATM 1018 O O   . HOH C 3 .   ? 3.152   -14.465 -2.000  1.00 15.41 ? 302 HOH A O   1 
HETATM 1019 O O   . HOH C 3 .   ? -6.697  9.647   7.901   1.00 11.78 ? 303 HOH A O   1 
HETATM 1020 O O   . HOH C 3 .   ? 8.150   -1.891  -2.881  1.00 12.66 ? 304 HOH A O   1 
HETATM 1021 O O   . HOH C 3 .   ? -1.044  7.005   -15.333 1.00 8.38  ? 305 HOH A O   1 
HETATM 1022 O O   . HOH C 3 .   ? 12.255  2.808   -4.012  1.00 17.02 ? 306 HOH A O   1 
HETATM 1023 O O   . HOH C 3 .   ? -9.967  -3.356  10.356  1.00 15.33 ? 307 HOH A O   1 
HETATM 1024 O O   . HOH C 3 .   ? 0.121   -0.744  -15.879 0.50 23.78 ? 308 HOH A O   1 
HETATM 1025 O O   . HOH C 3 .   ? 2.948   3.569   -15.918 1.00 6.81  ? 309 HOH A O   1 
HETATM 1026 O O   . HOH C 3 .   ? 11.941  1.819   -1.479  1.00 13.30 ? 310 HOH A O   1 
HETATM 1027 O O   . HOH C 3 .   ? 5.144   -1.723  13.132  1.00 15.03 ? 311 HOH A O   1 
HETATM 1028 O O   . HOH C 3 .   ? -17.150 1.932   4.701   1.00 10.47 ? 313 HOH A O   1 
HETATM 1029 O O   . HOH C 3 .   ? -9.605  -10.838 6.180   1.00 13.65 ? 314 HOH A O   1 
HETATM 1030 O O   . HOH C 3 .   ? 5.654   -13.873 16.577  1.00 21.34 ? 315 HOH A O   1 
HETATM 1031 O O   . HOH C 3 .   ? 7.843   -9.184  -8.943  1.00 9.24  ? 316 HOH A O   1 
HETATM 1032 O O   . HOH C 3 .   ? -16.546 3.912   8.508   1.00 8.26  ? 317 HOH A O   1 
HETATM 1033 O O   . HOH C 3 .   ? 2.288   17.480  -5.576  1.00 26.00 ? 318 HOH A O   1 
HETATM 1034 O O   . HOH C 3 .   ? 2.875   0.715   -3.273  1.00 6.90  ? 319 HOH A O   1 
HETATM 1035 O O   . HOH C 3 .   ? -13.423 -12.456 9.120   1.00 16.60 ? 320 HOH A O   1 
HETATM 1036 O O   . HOH C 3 .   ? 7.838   7.673   -0.439  1.00 17.29 ? 321 HOH A O   1 
HETATM 1037 O O   . HOH C 3 .   ? 0.495   -8.923  -8.804  1.00 12.75 ? 322 HOH A O   1 
HETATM 1038 O O   . HOH C 3 .   ? 1.839   11.522  -12.162 1.00 10.64 ? 323 HOH A O   1 
HETATM 1039 O O   . HOH C 3 .   ? -12.350 -10.677 -0.520  1.00 9.76  ? 324 HOH A O   1 
HETATM 1040 O O   . HOH C 3 .   ? 2.356   -16.056 1.197   1.00 25.89 ? 325 HOH A O   1 
HETATM 1041 O O   . HOH C 3 .   ? 1.729   5.651   -21.573 1.00 11.52 ? 326 HOH A O   1 
HETATM 1042 O O   . HOH C 3 .   ? -7.541  3.926   13.400  1.00 14.19 ? 327 HOH A O   1 
HETATM 1043 O O   . HOH C 3 .   ? 9.419   11.923  -11.235 1.00 22.61 ? 328 HOH A O   1 
HETATM 1044 O O   . HOH C 3 .   ? -6.852  8.695   4.041   1.00 12.30 ? 329 HOH A O   1 
HETATM 1045 O O   . HOH C 3 .   ? -6.472  -2.096  13.933  1.00 10.43 ? 330 HOH A O   1 
HETATM 1046 O O   . HOH C 3 .   ? -11.597 -5.313  11.124  1.00 20.10 ? 331 HOH A O   1 
HETATM 1047 O O   . HOH C 3 .   ? 9.870   -12.776 -6.223  1.00 23.87 ? 332 HOH A O   1 
HETATM 1048 O O   . HOH C 3 .   ? -7.603  2.776   -3.665  1.00 15.10 ? 333 HOH A O   1 
HETATM 1049 O O   . HOH C 3 .   ? -8.723  -9.171  13.538  1.00 20.41 ? 334 HOH A O   1 
HETATM 1050 O O   . HOH C 3 .   ? -5.297  1.388   -4.276  1.00 26.55 ? 335 HOH A O   1 
HETATM 1051 O O   . HOH C 3 .   ? -8.750  6.916   -19.357 1.00 28.86 ? 336 HOH A O   1 
HETATM 1052 O O   . HOH C 3 .   ? -3.375  5.661   -3.565  1.00 14.05 ? 337 HOH A O   1 
HETATM 1053 O O   . HOH C 3 .   ? 2.573   14.090  -10.798 1.00 16.01 ? 338 HOH A O   1 
HETATM 1054 O O   . HOH C 3 .   ? 1.676   13.507  -14.534 1.00 7.61  ? 339 HOH A O   1 
HETATM 1055 O O   . HOH C 3 .   ? 6.758   -15.408 4.042   1.00 12.27 ? 340 HOH A O   1 
HETATM 1056 O O   . HOH C 3 .   ? 9.888   -6.937  12.097  1.00 34.42 ? 341 HOH A O   1 
HETATM 1057 O O   . HOH C 3 .   ? -3.743  -7.670  13.081  1.00 6.72  ? 342 HOH A O   1 
HETATM 1058 O O   . HOH C 3 .   ? -8.094  -4.359  13.108  1.00 19.14 ? 343 HOH A O   1 
HETATM 1059 O O   . HOH C 3 .   ? 7.003   9.903   0.710   1.00 17.10 ? 344 HOH A O   1 
HETATM 1060 O O   . HOH C 3 .   ? -8.825  6.068   11.268  1.00 3.36  ? 345 HOH A O   1 
HETATM 1061 O O   . HOH C 3 .   ? 8.776   0.911   -2.496  1.00 15.94 ? 346 HOH A O   1 
HETATM 1062 O O   . HOH C 3 .   ? -10.350 6.144   -11.443 1.00 18.52 ? 347 HOH A O   1 
HETATM 1063 O O   . HOH C 3 .   ? 11.592  -4.274  2.223   1.00 15.10 ? 348 HOH A O   1 
# 
